data_8UAV
#
_entry.id   8UAV
#
_cell.length_a   1.00
_cell.length_b   1.00
_cell.length_c   1.00
_cell.angle_alpha   90.00
_cell.angle_beta   90.00
_cell.angle_gamma   90.00
#
_symmetry.space_group_name_H-M   'P 1'
#
_entity_poly.entity_id   1
_entity_poly.type   'polypeptide(L)'
_entity_poly.pdbx_seq_one_letter_code
;MHTPDCVTGKVEYTKYNDDDTFTVKVGDKELFTNRWNLQSLLLSAQITGMTVTIKTNACHNGGGFSEVIFRGSGSGSGSG
SLKTSFKIAFIQARWHADIVDEARKSFVAELAAKTGGSVEVEIFDVPGAYEIPLHAKTLARTGRYAAIVGAAFVIDGGIY
RHDFVATAVINGMMQVQLETEVPVLSVVLTPHHFHESKEHHDFFHAHFKVKGVEAAHAALQIVSERSRIAALV
;
_entity_poly.pdbx_strand_id   A,B,C,D,E,F,G,H,I,J
#
# COMPACT_ATOMS: atom_id res chain seq x y z
N MET A 1 42.68 -28.71 -49.88
CA MET A 1 41.65 -29.37 -50.68
C MET A 1 41.38 -30.78 -50.17
N HIS A 2 41.73 -31.78 -50.97
CA HIS A 2 41.53 -33.18 -50.61
C HIS A 2 42.77 -33.68 -49.87
N THR A 3 42.69 -33.69 -48.55
CA THR A 3 43.79 -34.11 -47.69
C THR A 3 43.23 -34.52 -46.33
N PRO A 4 43.64 -35.65 -45.78
CA PRO A 4 43.09 -36.08 -44.48
C PRO A 4 43.36 -35.06 -43.39
N ASP A 5 42.37 -34.85 -42.54
CA ASP A 5 42.47 -33.86 -41.48
C ASP A 5 43.39 -34.33 -40.37
N CYS A 6 44.11 -33.38 -39.77
CA CYS A 6 45.00 -33.67 -38.66
C CYS A 6 44.50 -33.03 -37.36
N VAL A 7 44.24 -31.73 -37.36
CA VAL A 7 43.74 -31.02 -36.19
C VAL A 7 42.56 -30.15 -36.60
N THR A 8 41.65 -29.94 -35.65
CA THR A 8 40.47 -29.12 -35.89
C THR A 8 40.07 -28.47 -34.57
N GLY A 9 40.03 -27.15 -34.56
CA GLY A 9 39.65 -26.42 -33.36
C GLY A 9 40.06 -24.97 -33.45
N LYS A 10 39.74 -24.23 -32.39
CA LYS A 10 40.09 -22.82 -32.32
C LYS A 10 41.60 -22.64 -32.19
N VAL A 11 42.09 -21.55 -32.78
CA VAL A 11 43.52 -21.24 -32.71
C VAL A 11 43.85 -20.76 -31.30
N GLU A 12 44.71 -21.51 -30.62
CA GLU A 12 45.15 -21.10 -29.28
C GLU A 12 46.04 -19.86 -29.36
N TYR A 13 47.03 -19.88 -30.26
CA TYR A 13 47.92 -18.74 -30.44
C TYR A 13 48.57 -18.85 -31.80
N THR A 14 49.07 -17.71 -32.29
CA THR A 14 49.78 -17.63 -33.55
C THR A 14 51.17 -17.09 -33.30
N LYS A 15 52.19 -17.87 -33.66
CA LYS A 15 53.57 -17.56 -33.36
C LYS A 15 54.37 -17.32 -34.63
N TYR A 16 55.29 -16.36 -34.56
CA TYR A 16 56.21 -16.06 -35.66
C TYR A 16 57.58 -16.65 -35.33
N ASN A 17 58.15 -17.37 -36.28
CA ASN A 17 59.44 -18.03 -36.09
C ASN A 17 60.56 -17.16 -36.63
N ASP A 18 61.79 -17.66 -36.47
CA ASP A 18 62.96 -16.91 -36.93
C ASP A 18 63.10 -16.96 -38.45
N ASP A 19 62.59 -18.01 -39.09
CA ASP A 19 62.70 -18.19 -40.53
C ASP A 19 61.50 -17.62 -41.28
N ASP A 20 60.86 -16.58 -40.74
CA ASP A 20 59.71 -15.93 -41.37
C ASP A 20 58.59 -16.92 -41.67
N THR A 21 58.36 -17.85 -40.74
CA THR A 21 57.30 -18.83 -40.86
C THR A 21 56.30 -18.64 -39.73
N PHE A 22 55.02 -18.86 -40.03
CA PHE A 22 53.94 -18.64 -39.09
C PHE A 22 53.58 -19.95 -38.40
N THR A 23 53.84 -20.02 -37.10
CA THR A 23 53.50 -21.19 -36.30
C THR A 23 52.16 -20.96 -35.61
N VAL A 24 51.20 -21.84 -35.85
CA VAL A 24 49.85 -21.73 -35.30
C VAL A 24 49.52 -23.01 -34.56
N LYS A 25 48.99 -22.87 -33.35
CA LYS A 25 48.62 -24.00 -32.51
C LYS A 25 47.12 -24.25 -32.66
N VAL A 26 46.76 -25.33 -33.34
CA VAL A 26 45.37 -25.73 -33.52
C VAL A 26 45.20 -27.12 -32.89
N GLY A 27 44.24 -27.24 -31.97
CA GLY A 27 44.05 -28.50 -31.29
C GLY A 27 45.21 -28.79 -30.35
N ASP A 28 45.60 -30.06 -30.29
CA ASP A 28 46.68 -30.51 -29.43
C ASP A 28 48.03 -30.54 -30.13
N LYS A 29 48.10 -30.12 -31.38
CA LYS A 29 49.33 -30.14 -32.16
C LYS A 29 49.67 -28.74 -32.66
N GLU A 30 50.96 -28.43 -32.68
CA GLU A 30 51.45 -27.14 -33.15
C GLU A 30 51.96 -27.37 -34.56
N LEU A 31 51.59 -26.47 -35.47
CA LEU A 31 52.02 -26.55 -36.86
C LEU A 31 52.41 -25.16 -37.36
N PHE A 32 53.29 -25.14 -38.37
CA PHE A 32 53.79 -23.90 -38.92
C PHE A 32 53.59 -23.86 -40.44
N THR A 33 53.41 -22.66 -40.96
CA THR A 33 53.21 -22.44 -42.38
C THR A 33 54.15 -21.34 -42.87
N ASN A 34 54.45 -21.38 -44.17
CA ASN A 34 55.39 -20.46 -44.79
C ASN A 34 54.71 -19.46 -45.73
N ARG A 35 53.39 -19.34 -45.69
CA ARG A 35 52.67 -18.42 -46.55
C ARG A 35 52.46 -17.10 -45.81
N TRP A 36 52.94 -16.00 -46.40
CA TRP A 36 52.85 -14.70 -45.74
C TRP A 36 51.40 -14.26 -45.57
N ASN A 37 50.56 -14.48 -46.59
CA ASN A 37 49.16 -14.13 -46.46
C ASN A 37 48.45 -15.00 -45.43
N LEU A 38 48.88 -16.25 -45.30
CA LEU A 38 48.31 -17.12 -44.27
C LEU A 38 48.59 -16.58 -42.87
N GLN A 39 49.70 -15.87 -42.69
CA GLN A 39 49.99 -15.25 -41.40
C GLN A 39 48.89 -14.24 -41.04
N SER A 40 48.58 -13.34 -41.97
CA SER A 40 47.53 -12.35 -41.72
C SER A 40 46.17 -13.03 -41.55
N LEU A 41 45.91 -14.07 -42.35
CA LEU A 41 44.64 -14.76 -42.24
C LEU A 41 44.46 -15.41 -40.87
N LEU A 42 45.50 -16.10 -40.39
CA LEU A 42 45.43 -16.74 -39.08
C LEU A 42 45.35 -15.71 -37.97
N LEU A 43 46.09 -14.60 -38.10
CA LEU A 43 46.01 -13.54 -37.10
C LEU A 43 44.60 -12.96 -37.01
N SER A 44 43.97 -12.71 -38.17
CA SER A 44 42.61 -12.18 -38.17
C SER A 44 41.62 -13.20 -37.62
N ALA A 45 41.81 -14.49 -37.95
CA ALA A 45 40.93 -15.52 -37.42
C ALA A 45 41.03 -15.62 -35.92
N GLN A 46 42.25 -15.56 -35.38
CA GLN A 46 42.43 -15.57 -33.93
C GLN A 46 41.84 -14.32 -33.28
N ILE A 47 42.00 -13.16 -33.93
CA ILE A 47 41.45 -11.92 -33.38
C ILE A 47 39.94 -11.97 -33.36
N THR A 48 39.33 -12.43 -34.43
CA THR A 48 37.88 -12.49 -34.54
C THR A 48 37.27 -13.77 -33.99
N GLY A 49 38.09 -14.68 -33.47
CA GLY A 49 37.60 -15.94 -32.94
C GLY A 49 36.99 -16.84 -33.99
N MET A 50 37.62 -16.91 -35.16
CA MET A 50 37.17 -17.77 -36.25
C MET A 50 38.06 -19.00 -36.29
N THR A 51 37.45 -20.17 -36.22
CA THR A 51 38.19 -21.42 -36.21
C THR A 51 38.70 -21.76 -37.60
N VAL A 52 39.81 -22.49 -37.64
CA VAL A 52 40.38 -23.00 -38.89
C VAL A 52 40.68 -24.47 -38.71
N THR A 53 40.70 -25.19 -39.83
CA THR A 53 41.03 -26.62 -39.85
C THR A 53 42.25 -26.81 -40.73
N ILE A 54 43.29 -27.43 -40.16
CA ILE A 54 44.54 -27.68 -40.86
C ILE A 54 44.64 -29.17 -41.13
N LYS A 55 44.76 -29.54 -42.40
CA LYS A 55 44.91 -30.93 -42.81
C LYS A 55 46.29 -31.12 -43.42
N THR A 56 47.02 -32.11 -42.91
CA THR A 56 48.36 -32.40 -43.41
C THR A 56 48.72 -33.83 -43.03
N ASN A 57 49.68 -34.38 -43.77
CA ASN A 57 50.15 -35.74 -43.49
C ASN A 57 51.08 -35.80 -42.27
N ALA A 58 51.66 -34.67 -41.87
CA ALA A 58 52.56 -34.63 -40.72
C ALA A 58 51.77 -34.15 -39.50
N CYS A 59 51.04 -35.09 -38.89
CA CYS A 59 50.22 -34.79 -37.72
C CYS A 59 51.07 -34.89 -36.46
N HIS A 60 51.92 -33.89 -36.29
CA HIS A 60 52.81 -33.82 -35.13
C HIS A 60 53.16 -32.37 -34.86
N ASN A 61 53.70 -32.13 -33.67
CA ASN A 61 54.10 -30.78 -33.29
C ASN A 61 55.24 -30.29 -34.16
N GLY A 62 55.15 -29.04 -34.61
CA GLY A 62 56.17 -28.45 -35.46
C GLY A 62 56.08 -28.82 -36.92
N GLY A 63 55.06 -29.58 -37.34
CA GLY A 63 54.94 -29.97 -38.73
C GLY A 63 54.53 -28.81 -39.62
N GLY A 64 54.78 -28.99 -40.91
CA GLY A 64 54.47 -27.98 -41.91
C GLY A 64 53.17 -28.27 -42.63
N PHE A 65 52.52 -27.21 -43.11
CA PHE A 65 51.27 -27.34 -43.83
C PHE A 65 51.12 -26.16 -44.79
N SER A 66 50.27 -26.35 -45.80
CA SER A 66 49.99 -25.30 -46.77
C SER A 66 48.51 -25.14 -47.10
N GLU A 67 47.66 -26.09 -46.72
CA GLU A 67 46.23 -26.02 -47.00
C GLU A 67 45.48 -25.88 -45.68
N VAL A 68 44.63 -24.85 -45.59
CA VAL A 68 43.88 -24.55 -44.39
C VAL A 68 42.40 -24.48 -44.75
N ILE A 69 41.57 -25.17 -43.97
CA ILE A 69 40.12 -25.10 -44.11
C ILE A 69 39.60 -24.03 -43.16
N PHE A 70 38.96 -23.01 -43.72
CA PHE A 70 38.38 -21.93 -42.95
C PHE A 70 36.88 -22.10 -42.73
N ARG A 71 36.32 -23.25 -43.10
CA ARG A 71 34.91 -23.51 -42.91
C ARG A 71 34.58 -23.60 -41.43
N GLY A 72 33.31 -23.31 -41.11
CA GLY A 72 32.85 -23.34 -39.74
C GLY A 72 33.02 -24.68 -39.06
N SER A 73 33.67 -24.68 -37.89
CA SER A 73 33.91 -25.90 -37.13
C SER A 73 33.58 -25.77 -35.65
N GLY A 74 33.05 -24.63 -35.21
CA GLY A 74 32.72 -24.44 -33.81
C GLY A 74 33.11 -23.07 -33.30
N SER A 75 34.15 -22.48 -33.88
CA SER A 75 34.66 -21.17 -33.51
C SER A 75 35.05 -21.07 -32.04
N GLY A 76 35.50 -22.18 -31.46
CA GLY A 76 35.89 -22.19 -30.06
C GLY A 76 35.06 -23.13 -29.22
N SER A 77 34.29 -22.58 -28.28
CA SER A 77 33.45 -23.39 -27.41
C SER A 77 32.34 -24.06 -28.20
N GLY A 78 32.00 -25.28 -27.79
CA GLY A 78 30.93 -26.02 -28.42
C GLY A 78 30.93 -27.49 -28.06
N SER A 79 29.74 -28.04 -27.82
CA SER A 79 29.60 -29.45 -27.46
C SER A 79 28.17 -29.88 -27.73
N GLY A 80 27.98 -31.20 -27.83
CA GLY A 80 26.66 -31.75 -28.07
C GLY A 80 26.64 -32.86 -29.09
N SER A 81 26.03 -33.98 -28.73
CA SER A 81 25.89 -35.13 -29.62
C SER A 81 24.42 -35.40 -29.89
N LEU A 82 24.11 -35.76 -31.15
CA LEU A 82 22.75 -36.02 -31.58
C LEU A 82 21.84 -34.84 -31.26
N LYS A 83 20.60 -35.13 -30.84
CA LYS A 83 19.66 -34.10 -30.43
C LYS A 83 18.99 -34.36 -29.10
N THR A 84 18.90 -35.61 -28.64
CA THR A 84 18.30 -35.93 -27.36
C THR A 84 19.33 -36.30 -26.30
N SER A 85 20.62 -36.10 -26.59
CA SER A 85 21.69 -36.39 -25.64
C SER A 85 22.47 -35.11 -25.40
N PHE A 86 22.16 -34.42 -24.31
CA PHE A 86 22.82 -33.16 -23.97
C PHE A 86 23.00 -33.12 -22.45
N LYS A 87 23.45 -31.97 -21.95
CA LYS A 87 23.73 -31.81 -20.53
C LYS A 87 23.06 -30.54 -20.02
N ILE A 88 22.70 -30.57 -18.74
CA ILE A 88 22.04 -29.45 -18.08
C ILE A 88 22.79 -29.15 -16.79
N ALA A 89 23.00 -27.85 -16.52
CA ALA A 89 23.68 -27.41 -15.32
C ALA A 89 22.66 -26.89 -14.33
N PHE A 90 22.68 -27.44 -13.11
CA PHE A 90 21.76 -27.08 -12.05
C PHE A 90 22.52 -26.31 -10.98
N ILE A 91 22.11 -25.07 -10.73
CA ILE A 91 22.74 -24.20 -9.75
C ILE A 91 21.76 -23.97 -8.62
N GLN A 92 22.16 -24.30 -7.39
CA GLN A 92 21.28 -24.22 -6.23
C GLN A 92 21.95 -23.40 -5.14
N ALA A 93 21.21 -22.45 -4.58
CA ALA A 93 21.69 -21.71 -3.42
C ALA A 93 21.61 -22.59 -2.18
N ARG A 94 22.36 -22.21 -1.14
CA ARG A 94 22.45 -22.99 0.07
C ARG A 94 21.68 -22.38 1.24
N TRP A 95 20.87 -21.35 0.97
CA TRP A 95 19.95 -20.83 1.98
C TRP A 95 18.65 -21.62 1.89
N HIS A 96 18.18 -22.11 3.04
CA HIS A 96 17.02 -23.00 3.10
C HIS A 96 17.22 -24.22 2.21
N ALA A 97 18.36 -24.90 2.42
CA ALA A 97 18.74 -25.99 1.53
C ALA A 97 17.75 -27.14 1.56
N ASP A 98 17.10 -27.37 2.71
CA ASP A 98 16.17 -28.47 2.83
C ASP A 98 14.96 -28.34 1.91
N ILE A 99 14.63 -27.12 1.49
CA ILE A 99 13.53 -26.91 0.56
C ILE A 99 14.00 -26.98 -0.88
N VAL A 100 15.16 -26.40 -1.18
CA VAL A 100 15.70 -26.43 -2.54
C VAL A 100 16.05 -27.85 -2.96
N ASP A 101 16.52 -28.67 -2.01
CA ASP A 101 16.87 -30.05 -2.33
C ASP A 101 15.67 -30.83 -2.85
N GLU A 102 14.47 -30.51 -2.38
CA GLU A 102 13.28 -31.17 -2.89
C GLU A 102 13.10 -30.91 -4.37
N ALA A 103 13.24 -29.65 -4.78
CA ALA A 103 13.14 -29.31 -6.19
C ALA A 103 14.24 -29.98 -7.00
N ARG A 104 15.46 -30.02 -6.46
CA ARG A 104 16.55 -30.65 -7.19
C ARG A 104 16.29 -32.13 -7.41
N LYS A 105 15.87 -32.83 -6.35
CA LYS A 105 15.60 -34.26 -6.47
C LYS A 105 14.45 -34.52 -7.43
N SER A 106 13.38 -33.72 -7.36
CA SER A 106 12.27 -33.88 -8.28
C SER A 106 12.70 -33.67 -9.72
N PHE A 107 13.51 -32.63 -9.96
CA PHE A 107 14.01 -32.35 -11.30
C PHE A 107 14.82 -33.52 -11.84
N VAL A 108 15.76 -34.02 -11.05
CA VAL A 108 16.62 -35.11 -11.51
C VAL A 108 15.80 -36.37 -11.77
N ALA A 109 14.88 -36.70 -10.86
CA ALA A 109 14.08 -37.90 -11.02
C ALA A 109 13.20 -37.82 -12.26
N GLU A 110 12.56 -36.67 -12.48
CA GLU A 110 11.71 -36.52 -13.66
C GLU A 110 12.51 -36.60 -14.95
N LEU A 111 13.69 -35.98 -14.98
CA LEU A 111 14.53 -36.06 -16.18
C LEU A 111 14.95 -37.49 -16.44
N ALA A 112 15.34 -38.22 -15.39
CA ALA A 112 15.72 -39.62 -15.57
C ALA A 112 14.56 -40.46 -16.07
N ALA A 113 13.36 -40.23 -15.54
CA ALA A 113 12.19 -40.99 -15.97
C ALA A 113 11.85 -40.69 -17.43
N LYS A 114 11.92 -39.42 -17.83
CA LYS A 114 11.53 -39.05 -19.19
C LYS A 114 12.56 -39.46 -20.22
N THR A 115 13.80 -38.98 -20.07
CA THR A 115 14.81 -39.22 -21.09
C THR A 115 15.44 -40.60 -21.00
N GLY A 116 15.27 -41.30 -19.87
CA GLY A 116 15.86 -42.61 -19.74
C GLY A 116 17.36 -42.62 -19.57
N GLY A 117 17.94 -41.51 -19.14
CA GLY A 117 19.38 -41.42 -18.93
C GLY A 117 20.15 -40.75 -20.04
N SER A 118 19.48 -40.27 -21.09
CA SER A 118 20.18 -39.62 -22.18
C SER A 118 20.63 -38.21 -21.80
N VAL A 119 19.93 -37.57 -20.88
CA VAL A 119 20.25 -36.21 -20.44
C VAL A 119 20.96 -36.30 -19.10
N GLU A 120 22.10 -35.61 -18.98
CA GLU A 120 22.91 -35.59 -17.77
C GLU A 120 22.74 -34.26 -17.07
N VAL A 121 22.65 -34.32 -15.73
CA VAL A 121 22.47 -33.14 -14.91
C VAL A 121 23.68 -33.00 -14.00
N GLU A 122 24.26 -31.80 -13.96
CA GLU A 122 25.38 -31.49 -13.09
C GLU A 122 24.96 -30.43 -12.09
N ILE A 123 25.38 -30.61 -10.84
CA ILE A 123 24.91 -29.79 -9.73
C ILE A 123 26.06 -28.89 -9.26
N PHE A 124 25.78 -27.60 -9.11
CA PHE A 124 26.75 -26.63 -8.63
C PHE A 124 26.14 -25.87 -7.45
N ASP A 125 26.97 -25.62 -6.44
CA ASP A 125 26.54 -24.97 -5.21
C ASP A 125 27.04 -23.54 -5.16
N VAL A 126 26.18 -22.63 -4.72
CA VAL A 126 26.56 -21.23 -4.53
C VAL A 126 26.06 -20.78 -3.16
N PRO A 127 26.69 -19.78 -2.53
CA PRO A 127 26.24 -19.36 -1.19
C PRO A 127 24.82 -18.84 -1.17
N GLY A 128 24.47 -17.94 -2.08
CA GLY A 128 23.16 -17.32 -2.07
C GLY A 128 22.68 -17.07 -3.49
N ALA A 129 21.46 -16.51 -3.58
CA ALA A 129 20.87 -16.24 -4.89
C ALA A 129 21.63 -15.15 -5.63
N TYR A 130 22.26 -14.23 -4.91
CA TYR A 130 23.00 -13.16 -5.56
C TYR A 130 24.19 -13.67 -6.37
N GLU A 131 24.65 -14.89 -6.11
CA GLU A 131 25.80 -15.46 -6.78
C GLU A 131 25.43 -16.27 -8.01
N ILE A 132 24.15 -16.35 -8.35
CA ILE A 132 23.68 -17.23 -9.41
C ILE A 132 23.97 -16.67 -10.81
N PRO A 133 23.68 -15.39 -11.11
CA PRO A 133 23.90 -14.92 -12.48
C PRO A 133 25.34 -15.04 -12.96
N LEU A 134 26.32 -14.73 -12.11
CA LEU A 134 27.71 -14.81 -12.55
C LEU A 134 28.13 -16.26 -12.78
N HIS A 135 27.69 -17.17 -11.92
CA HIS A 135 27.99 -18.58 -12.11
C HIS A 135 27.36 -19.10 -13.39
N ALA A 136 26.12 -18.70 -13.67
CA ALA A 136 25.46 -19.11 -14.90
C ALA A 136 26.19 -18.57 -16.13
N LYS A 137 26.61 -17.31 -16.08
CA LYS A 137 27.36 -16.75 -17.20
C LYS A 137 28.68 -17.49 -17.40
N THR A 138 29.39 -17.79 -16.32
CA THR A 138 30.66 -18.50 -16.43
C THR A 138 30.46 -19.89 -17.02
N LEU A 139 29.40 -20.58 -16.61
CA LEU A 139 29.15 -21.92 -17.14
C LEU A 139 28.67 -21.88 -18.58
N ALA A 140 27.99 -20.81 -18.99
CA ALA A 140 27.41 -20.75 -20.33
C ALA A 140 28.49 -20.59 -21.40
N ARG A 141 29.52 -19.80 -21.12
CA ARG A 141 30.52 -19.50 -22.14
C ARG A 141 31.40 -20.70 -22.48
N THR A 142 31.33 -21.78 -21.71
CA THR A 142 32.14 -22.97 -21.98
C THR A 142 31.45 -23.94 -22.93
N GLY A 143 30.28 -23.58 -23.46
CA GLY A 143 29.48 -24.56 -24.17
C GLY A 143 29.04 -25.64 -23.20
N ARG A 144 29.01 -26.88 -23.68
CA ARG A 144 28.94 -28.06 -22.81
C ARG A 144 27.58 -28.21 -22.13
N TYR A 145 26.69 -27.23 -22.32
CA TYR A 145 25.41 -27.25 -21.64
C TYR A 145 24.34 -26.68 -22.56
N ALA A 146 23.25 -27.41 -22.75
CA ALA A 146 22.15 -26.93 -23.57
C ALA A 146 21.19 -26.05 -22.79
N ALA A 147 21.23 -26.08 -21.46
CA ALA A 147 20.37 -25.23 -20.65
C ALA A 147 20.98 -25.11 -19.26
N ILE A 148 20.51 -24.10 -18.53
CA ILE A 148 20.98 -23.82 -17.18
C ILE A 148 19.76 -23.55 -16.31
N VAL A 149 19.74 -24.14 -15.11
CA VAL A 149 18.63 -24.00 -14.18
C VAL A 149 19.16 -23.40 -12.89
N GLY A 150 18.50 -22.35 -12.42
CA GLY A 150 18.86 -21.74 -11.15
C GLY A 150 17.76 -21.86 -10.13
N ALA A 151 18.06 -22.42 -8.97
CA ALA A 151 17.07 -22.67 -7.92
C ALA A 151 17.46 -21.93 -6.65
N ALA A 152 16.51 -21.18 -6.09
CA ALA A 152 16.75 -20.45 -4.85
C ALA A 152 15.41 -20.15 -4.20
N PHE A 153 15.47 -19.86 -2.90
CA PHE A 153 14.30 -19.54 -2.10
C PHE A 153 14.56 -18.20 -1.41
N VAL A 154 14.04 -17.13 -1.98
CA VAL A 154 14.25 -15.78 -1.48
C VAL A 154 13.01 -15.35 -0.70
N ILE A 155 13.18 -15.14 0.60
CA ILE A 155 12.06 -14.84 1.48
C ILE A 155 12.33 -13.51 2.19
N ASP A 156 11.26 -12.98 2.79
CA ASP A 156 11.34 -11.76 3.60
C ASP A 156 11.57 -12.18 5.05
N GLY A 157 12.73 -11.84 5.60
CA GLY A 157 13.06 -12.23 6.95
C GLY A 157 12.45 -11.36 8.04
N GLY A 158 11.77 -10.28 7.67
CA GLY A 158 11.16 -9.40 8.63
C GLY A 158 12.06 -8.34 9.22
N ILE A 159 13.32 -8.29 8.80
CA ILE A 159 14.27 -7.30 9.28
C ILE A 159 14.73 -6.37 8.15
N TYR A 160 15.17 -6.94 7.04
CA TYR A 160 15.64 -6.18 5.90
C TYR A 160 14.74 -6.40 4.70
N ARG A 161 14.66 -5.39 3.84
CA ARG A 161 13.91 -5.51 2.60
C ARG A 161 14.62 -6.47 1.65
N HIS A 162 13.84 -7.32 0.98
CA HIS A 162 14.38 -8.38 0.16
C HIS A 162 14.09 -8.23 -1.34
N ASP A 163 13.29 -7.25 -1.74
CA ASP A 163 12.88 -7.17 -3.13
C ASP A 163 14.01 -6.72 -4.04
N PHE A 164 14.97 -5.95 -3.51
CA PHE A 164 16.09 -5.49 -4.33
C PHE A 164 16.90 -6.66 -4.86
N VAL A 165 17.23 -7.60 -3.98
CA VAL A 165 18.06 -8.73 -4.38
C VAL A 165 17.32 -9.62 -5.38
N ALA A 166 16.03 -9.87 -5.14
CA ALA A 166 15.26 -10.69 -6.06
C ALA A 166 15.16 -10.05 -7.44
N THR A 167 14.89 -8.74 -7.48
CA THR A 167 14.82 -8.03 -8.76
C THR A 167 16.16 -8.11 -9.48
N ALA A 168 17.25 -7.88 -8.75
CA ALA A 168 18.57 -7.92 -9.36
C ALA A 168 18.87 -9.31 -9.92
N VAL A 169 18.52 -10.36 -9.17
CA VAL A 169 18.83 -11.72 -9.62
C VAL A 169 18.03 -12.07 -10.87
N ILE A 170 16.73 -11.75 -10.88
CA ILE A 170 15.93 -12.07 -12.06
C ILE A 170 16.41 -11.30 -13.28
N ASN A 171 16.70 -10.00 -13.10
CA ASN A 171 17.19 -9.20 -14.22
C ASN A 171 18.54 -9.71 -14.72
N GLY A 172 19.43 -10.09 -13.80
CA GLY A 172 20.73 -10.59 -14.21
C GLY A 172 20.63 -11.92 -14.94
N MET A 173 19.74 -12.80 -14.50
CA MET A 173 19.55 -14.06 -15.21
C MET A 173 19.03 -13.82 -16.61
N MET A 174 18.07 -12.88 -16.76
CA MET A 174 17.60 -12.55 -18.10
C MET A 174 18.70 -11.96 -18.96
N GLN A 175 19.53 -11.09 -18.37
CA GLN A 175 20.63 -10.48 -19.12
C GLN A 175 21.64 -11.52 -19.59
N VAL A 176 21.99 -12.47 -18.71
CA VAL A 176 22.90 -13.53 -19.10
C VAL A 176 22.30 -14.39 -20.20
N GLN A 177 21.00 -14.70 -20.06
CA GLN A 177 20.30 -15.47 -21.09
C GLN A 177 20.41 -14.79 -22.44
N LEU A 178 20.14 -13.49 -22.49
CA LEU A 178 20.21 -12.77 -23.76
C LEU A 178 21.64 -12.63 -24.26
N GLU A 179 22.61 -12.53 -23.35
CA GLU A 179 24.01 -12.34 -23.75
C GLU A 179 24.59 -13.60 -24.37
N THR A 180 24.40 -14.74 -23.72
CA THR A 180 25.09 -15.96 -24.10
C THR A 180 24.29 -16.86 -25.03
N GLU A 181 23.04 -16.51 -25.33
CA GLU A 181 22.17 -17.31 -26.21
C GLU A 181 22.02 -18.73 -25.69
N VAL A 182 21.97 -18.88 -24.37
CA VAL A 182 21.76 -20.18 -23.73
C VAL A 182 20.56 -20.04 -22.80
N PRO A 183 19.55 -20.92 -22.92
CA PRO A 183 18.36 -20.78 -22.07
C PRO A 183 18.71 -20.91 -20.59
N VAL A 184 18.06 -20.10 -19.77
CA VAL A 184 18.22 -20.12 -18.33
C VAL A 184 16.84 -20.22 -17.71
N LEU A 185 16.53 -21.36 -17.10
CA LEU A 185 15.27 -21.58 -16.43
C LEU A 185 15.34 -21.04 -15.01
N SER A 186 14.26 -20.43 -14.56
CA SER A 186 14.22 -19.76 -13.27
C SER A 186 13.37 -20.57 -12.29
N VAL A 187 13.97 -21.01 -11.19
CA VAL A 187 13.24 -21.63 -10.10
C VAL A 187 13.52 -20.80 -8.85
N VAL A 188 13.78 -19.51 -9.04
CA VAL A 188 13.98 -18.58 -7.94
C VAL A 188 12.62 -18.02 -7.56
N LEU A 189 12.10 -18.44 -6.41
CA LEU A 189 10.73 -18.16 -6.01
C LEU A 189 10.70 -17.32 -4.75
N THR A 190 9.78 -16.35 -4.72
CA THR A 190 9.61 -15.48 -3.58
C THR A 190 8.19 -15.58 -3.05
N PRO A 191 7.96 -16.24 -1.91
CA PRO A 191 6.59 -16.38 -1.40
C PRO A 191 6.07 -15.06 -0.83
N HIS A 192 4.75 -14.96 -0.81
CA HIS A 192 4.11 -13.78 -0.22
C HIS A 192 4.39 -13.70 1.28
N HIS A 193 4.29 -14.83 1.99
CA HIS A 193 4.50 -14.88 3.42
C HIS A 193 5.26 -16.15 3.78
N PHE A 194 6.28 -16.02 4.60
CA PHE A 194 7.00 -17.17 5.14
C PHE A 194 7.54 -16.79 6.51
N HIS A 195 6.89 -17.29 7.56
CA HIS A 195 7.23 -16.94 8.94
C HIS A 195 7.96 -18.07 9.66
N GLU A 196 8.58 -18.98 8.91
CA GLU A 196 9.41 -20.07 9.44
C GLU A 196 8.67 -20.92 10.48
N SER A 197 7.35 -20.87 10.48
CA SER A 197 6.56 -21.73 11.35
C SER A 197 6.55 -23.15 10.79
N LYS A 198 6.02 -24.08 11.58
CA LYS A 198 5.94 -25.47 11.15
C LYS A 198 4.99 -25.63 9.96
N GLU A 199 3.87 -24.90 9.99
CA GLU A 199 2.91 -25.00 8.90
C GLU A 199 3.50 -24.49 7.58
N HIS A 200 4.25 -23.40 7.63
CA HIS A 200 4.82 -22.84 6.42
C HIS A 200 5.88 -23.76 5.83
N HIS A 201 6.66 -24.42 6.68
CA HIS A 201 7.76 -25.26 6.20
C HIS A 201 7.25 -26.42 5.36
N ASP A 202 6.23 -27.12 5.86
CA ASP A 202 5.73 -28.31 5.18
C ASP A 202 5.12 -27.96 3.83
N PHE A 203 4.39 -26.85 3.75
CA PHE A 203 3.70 -26.49 2.51
C PHE A 203 4.70 -26.28 1.38
N PHE A 204 5.74 -25.48 1.61
CA PHE A 204 6.71 -25.21 0.56
C PHE A 204 7.61 -26.41 0.33
N HIS A 205 7.91 -27.17 1.38
CA HIS A 205 8.64 -28.42 1.22
C HIS A 205 7.92 -29.35 0.24
N ALA A 206 6.59 -29.38 0.31
CA ALA A 206 5.82 -30.19 -0.62
C ALA A 206 5.72 -29.55 -2.01
N HIS A 207 5.59 -28.22 -2.07
CA HIS A 207 5.34 -27.55 -3.34
C HIS A 207 6.58 -27.53 -4.23
N PHE A 208 7.77 -27.55 -3.64
CA PHE A 208 8.97 -27.47 -4.47
C PHE A 208 9.15 -28.71 -5.34
N LYS A 209 8.57 -29.85 -4.97
CA LYS A 209 8.62 -31.01 -5.86
C LYS A 209 7.85 -30.74 -7.15
N VAL A 210 6.66 -30.18 -7.03
CA VAL A 210 5.87 -29.82 -8.21
C VAL A 210 6.63 -28.78 -9.04
N LYS A 211 7.25 -27.82 -8.36
CA LYS A 211 8.03 -26.82 -9.08
C LYS A 211 9.18 -27.46 -9.87
N GLY A 212 9.86 -28.43 -9.27
CA GLY A 212 10.94 -29.10 -9.97
C GLY A 212 10.47 -29.90 -11.17
N VAL A 213 9.34 -30.60 -11.04
CA VAL A 213 8.79 -31.34 -12.17
C VAL A 213 8.43 -30.39 -13.31
N GLU A 214 7.79 -29.27 -12.98
CA GLU A 214 7.45 -28.28 -13.99
C GLU A 214 8.71 -27.75 -14.68
N ALA A 215 9.76 -27.48 -13.90
CA ALA A 215 11.00 -26.98 -14.48
C ALA A 215 11.62 -28.01 -15.43
N ALA A 216 11.58 -29.28 -15.06
CA ALA A 216 12.12 -30.32 -15.94
C ALA A 216 11.38 -30.36 -17.27
N HIS A 217 10.05 -30.35 -17.21
CA HIS A 217 9.27 -30.35 -18.44
C HIS A 217 9.57 -29.12 -19.30
N ALA A 218 9.65 -27.95 -18.66
CA ALA A 218 9.92 -26.72 -19.40
C ALA A 218 11.28 -26.78 -20.07
N ALA A 219 12.30 -27.28 -19.35
CA ALA A 219 13.64 -27.37 -19.93
C ALA A 219 13.66 -28.28 -21.15
N LEU A 220 13.04 -29.46 -21.03
CA LEU A 220 13.00 -30.38 -22.17
C LEU A 220 12.31 -29.72 -23.36
N GLN A 221 11.16 -29.09 -23.12
CA GLN A 221 10.40 -28.51 -24.23
C GLN A 221 11.18 -27.38 -24.89
N ILE A 222 11.83 -26.52 -24.10
CA ILE A 222 12.52 -25.37 -24.69
C ILE A 222 13.75 -25.83 -25.47
N VAL A 223 14.46 -26.85 -24.97
CA VAL A 223 15.61 -27.34 -25.73
C VAL A 223 15.15 -27.94 -27.05
N SER A 224 14.06 -28.72 -27.03
CA SER A 224 13.55 -29.29 -28.26
C SER A 224 13.11 -28.21 -29.24
N GLU A 225 12.45 -27.16 -28.74
CA GLU A 225 11.98 -26.09 -29.62
C GLU A 225 13.14 -25.34 -30.24
N ARG A 226 14.19 -25.04 -29.46
CA ARG A 226 15.35 -24.37 -30.03
C ARG A 226 16.03 -25.23 -31.09
N SER A 227 16.14 -26.53 -30.82
CA SER A 227 16.69 -27.43 -31.83
C SER A 227 15.86 -27.42 -33.10
N ARG A 228 14.53 -27.36 -32.96
CA ARG A 228 13.65 -27.35 -34.13
C ARG A 228 13.85 -26.07 -34.94
N ILE A 229 13.80 -24.91 -34.29
CA ILE A 229 13.91 -23.67 -35.05
C ILE A 229 15.32 -23.42 -35.54
N ALA A 230 16.32 -24.14 -35.00
CA ALA A 230 17.67 -24.01 -35.53
C ALA A 230 17.84 -24.70 -36.89
N ALA A 231 16.77 -25.30 -37.42
CA ALA A 231 16.80 -25.99 -38.71
C ALA A 231 17.87 -27.08 -38.75
N MET B 1 62.02 -20.51 -30.31
CA MET B 1 61.93 -21.87 -29.77
C MET B 1 62.52 -21.95 -28.37
N HIS B 2 63.67 -22.64 -28.25
CA HIS B 2 64.33 -22.84 -26.97
C HIS B 2 65.30 -21.69 -26.73
N THR B 3 64.91 -20.76 -25.84
CA THR B 3 65.73 -19.62 -25.48
C THR B 3 65.26 -19.08 -24.12
N PRO B 4 66.18 -18.80 -23.20
CA PRO B 4 65.77 -18.32 -21.88
C PRO B 4 64.96 -17.03 -21.97
N ASP B 5 63.92 -16.94 -21.15
CA ASP B 5 63.03 -15.80 -21.18
C ASP B 5 63.68 -14.57 -20.57
N CYS B 6 63.36 -13.40 -21.12
CA CYS B 6 63.86 -12.13 -20.62
C CYS B 6 62.75 -11.28 -20.02
N VAL B 7 61.68 -11.03 -20.78
CA VAL B 7 60.55 -10.24 -20.31
C VAL B 7 59.26 -10.98 -20.65
N THR B 8 58.25 -10.76 -19.82
CA THR B 8 56.94 -11.38 -20.02
C THR B 8 55.88 -10.46 -19.47
N GLY B 9 54.94 -10.07 -20.32
CA GLY B 9 53.87 -9.19 -19.89
C GLY B 9 53.19 -8.55 -21.08
N LYS B 10 52.21 -7.71 -20.76
CA LYS B 10 51.45 -7.00 -21.79
C LYS B 10 52.34 -5.96 -22.46
N VAL B 11 52.07 -5.73 -23.75
CA VAL B 11 52.83 -4.74 -24.52
C VAL B 11 52.36 -3.35 -24.11
N GLU B 12 53.26 -2.55 -23.54
CA GLU B 12 52.93 -1.18 -23.18
C GLU B 12 52.73 -0.32 -24.43
N TYR B 13 53.65 -0.40 -25.37
CA TYR B 13 53.55 0.35 -26.62
C TYR B 13 54.43 -0.30 -27.67
N THR B 14 54.13 -0.01 -28.93
CA THR B 14 54.90 -0.49 -30.07
C THR B 14 55.42 0.69 -30.86
N LYS B 15 56.74 0.78 -30.99
CA LYS B 15 57.40 1.94 -31.58
C LYS B 15 58.10 1.55 -32.88
N TYR B 16 58.06 2.45 -33.85
CA TYR B 16 58.78 2.30 -35.11
C TYR B 16 60.01 3.20 -35.10
N ASN B 17 61.16 2.63 -35.45
CA ASN B 17 62.41 3.36 -35.43
C ASN B 17 62.75 3.88 -36.82
N ASP B 18 63.89 4.57 -36.92
CA ASP B 18 64.31 5.14 -38.19
C ASP B 18 64.84 4.08 -39.14
N ASP B 19 65.36 2.97 -38.61
CA ASP B 19 65.93 1.91 -39.43
C ASP B 19 64.93 0.82 -39.79
N ASP B 20 63.64 1.16 -39.87
CA ASP B 20 62.58 0.23 -40.22
C ASP B 20 62.55 -0.97 -39.27
N THR B 21 62.77 -0.71 -38.00
CA THR B 21 62.74 -1.73 -36.95
C THR B 21 61.61 -1.43 -35.98
N PHE B 22 61.02 -2.50 -35.45
CA PHE B 22 59.86 -2.40 -34.57
C PHE B 22 60.32 -2.52 -33.12
N THR B 23 60.20 -1.43 -32.37
CA THR B 23 60.56 -1.40 -30.96
C THR B 23 59.29 -1.62 -30.13
N VAL B 24 59.31 -2.66 -29.30
CA VAL B 24 58.17 -3.03 -28.47
C VAL B 24 58.62 -3.09 -27.01
N LYS B 25 57.83 -2.47 -26.14
CA LYS B 25 58.14 -2.43 -24.71
C LYS B 25 57.31 -3.51 -24.01
N VAL B 26 57.99 -4.56 -23.55
CA VAL B 26 57.37 -5.64 -22.81
C VAL B 26 58.03 -5.73 -21.45
N GLY B 27 57.22 -5.69 -20.39
CA GLY B 27 57.78 -5.71 -19.05
C GLY B 27 58.50 -4.41 -18.74
N ASP B 28 59.63 -4.53 -18.05
CA ASP B 28 60.43 -3.37 -17.66
C ASP B 28 61.56 -3.08 -18.64
N LYS B 29 61.65 -3.82 -19.75
CA LYS B 29 62.71 -3.65 -20.72
C LYS B 29 62.12 -3.37 -22.10
N GLU B 30 62.81 -2.53 -22.87
CA GLU B 30 62.39 -2.18 -24.22
C GLU B 30 63.26 -2.99 -25.16
N LEU B 31 62.64 -3.59 -26.17
CA LEU B 31 63.36 -4.38 -27.16
C LEU B 31 62.81 -4.08 -28.54
N PHE B 32 63.65 -4.30 -29.56
CA PHE B 32 63.29 -4.02 -30.94
C PHE B 32 63.54 -5.25 -31.81
N THR B 33 62.73 -5.37 -32.86
CA THR B 33 62.82 -6.47 -33.80
C THR B 33 62.85 -5.93 -35.23
N ASN B 34 63.42 -6.73 -36.14
CA ASN B 34 63.60 -6.33 -37.52
C ASN B 34 62.71 -7.12 -38.48
N ARG B 35 61.71 -7.84 -37.97
CA ARG B 35 60.82 -8.61 -38.82
C ARG B 35 59.58 -7.78 -39.14
N TRP B 36 59.33 -7.59 -40.44
CA TRP B 36 58.20 -6.75 -40.85
C TRP B 36 56.86 -7.36 -40.44
N ASN B 37 56.72 -8.68 -40.57
CA ASN B 37 55.48 -9.32 -40.14
C ASN B 37 55.31 -9.25 -38.62
N LEU B 38 56.43 -9.29 -37.89
CA LEU B 38 56.36 -9.14 -36.44
C LEU B 38 55.82 -7.77 -36.05
N GLN B 39 56.04 -6.74 -36.88
CA GLN B 39 55.47 -5.43 -36.59
C GLN B 39 53.95 -5.50 -36.58
N SER B 40 53.35 -6.08 -37.63
CA SER B 40 51.90 -6.22 -37.68
C SER B 40 51.39 -7.13 -36.57
N LEU B 41 52.12 -8.19 -36.26
CA LEU B 41 51.70 -9.11 -35.20
C LEU B 41 51.66 -8.40 -33.86
N LEU B 42 52.71 -7.64 -33.53
CA LEU B 42 52.75 -6.92 -32.26
C LEU B 42 51.71 -5.81 -32.23
N LEU B 43 51.49 -5.13 -33.34
CA LEU B 43 50.45 -4.10 -33.39
C LEU B 43 49.08 -4.70 -33.13
N SER B 44 48.78 -5.85 -33.75
CA SER B 44 47.49 -6.49 -33.52
C SER B 44 47.37 -7.00 -32.09
N ALA B 45 48.46 -7.53 -31.53
CA ALA B 45 48.42 -8.01 -30.15
C ALA B 45 48.15 -6.85 -29.18
N GLN B 46 48.81 -5.71 -29.41
CA GLN B 46 48.56 -4.54 -28.57
C GLN B 46 47.14 -4.02 -28.75
N ILE B 47 46.63 -4.03 -29.99
CA ILE B 47 45.26 -3.56 -30.24
C ILE B 47 44.25 -4.47 -29.55
N THR B 48 44.43 -5.78 -29.65
CA THR B 48 43.50 -6.75 -29.08
C THR B 48 43.83 -7.10 -27.64
N GLY B 49 44.88 -6.51 -27.07
CA GLY B 49 45.25 -6.80 -25.70
C GLY B 49 45.72 -8.23 -25.48
N MET B 50 46.51 -8.74 -26.43
CA MET B 50 47.07 -10.08 -26.36
C MET B 50 48.53 -9.97 -25.93
N THR B 51 48.89 -10.66 -24.85
CA THR B 51 50.24 -10.61 -24.32
C THR B 51 51.19 -11.42 -25.18
N VAL B 52 52.45 -11.00 -25.20
CA VAL B 52 53.52 -11.72 -25.89
C VAL B 52 54.69 -11.88 -24.93
N THR B 53 55.48 -12.91 -25.15
CA THR B 53 56.68 -13.17 -24.37
C THR B 53 57.89 -13.14 -25.30
N ILE B 54 58.87 -12.31 -24.96
CA ILE B 54 60.09 -12.14 -25.75
C ILE B 54 61.24 -12.76 -24.98
N LYS B 55 61.88 -13.74 -25.57
CA LYS B 55 63.03 -14.42 -24.96
C LYS B 55 64.28 -14.11 -25.79
N THR B 56 65.31 -13.60 -25.14
CA THR B 56 66.55 -13.26 -25.81
C THR B 56 67.68 -13.22 -24.78
N ASN B 57 68.91 -13.35 -25.27
CA ASN B 57 70.08 -13.28 -24.39
C ASN B 57 70.42 -11.85 -23.99
N ALA B 58 69.95 -10.86 -24.74
CA ALA B 58 70.23 -9.45 -24.44
C ALA B 58 69.04 -8.88 -23.67
N CYS B 59 69.02 -9.15 -22.36
CA CYS B 59 67.96 -8.68 -21.49
C CYS B 59 68.28 -7.27 -20.99
N HIS B 60 68.13 -6.32 -21.91
CA HIS B 60 68.38 -4.92 -21.61
C HIS B 60 67.56 -4.05 -22.55
N ASN B 61 67.45 -2.77 -22.19
CA ASN B 61 66.70 -1.83 -23.02
C ASN B 61 67.39 -1.63 -24.36
N GLY B 62 66.59 -1.64 -25.43
CA GLY B 62 67.11 -1.47 -26.77
C GLY B 62 67.68 -2.71 -27.40
N GLY B 63 67.62 -3.86 -26.73
CA GLY B 63 68.18 -5.07 -27.29
C GLY B 63 67.35 -5.62 -28.43
N GLY B 64 67.98 -6.48 -29.22
CA GLY B 64 67.35 -7.09 -30.38
C GLY B 64 66.85 -8.49 -30.08
N PHE B 65 65.82 -8.90 -30.81
CA PHE B 65 65.24 -10.23 -30.64
C PHE B 65 64.58 -10.65 -31.95
N SER B 66 64.39 -11.96 -32.09
CA SER B 66 63.72 -12.52 -33.26
C SER B 66 62.68 -13.58 -32.94
N GLU B 67 62.65 -14.12 -31.73
CA GLU B 67 61.71 -15.16 -31.35
C GLU B 67 60.74 -14.59 -30.31
N VAL B 68 59.44 -14.70 -30.60
CA VAL B 68 58.40 -14.17 -29.74
C VAL B 68 57.44 -15.29 -29.39
N ILE B 69 57.12 -15.43 -28.10
CA ILE B 69 56.12 -16.38 -27.63
C ILE B 69 54.79 -15.66 -27.54
N PHE B 70 53.81 -16.14 -28.29
CA PHE B 70 52.46 -15.57 -28.27
C PHE B 70 51.51 -16.38 -27.40
N ARG B 71 52.02 -17.34 -26.64
CA ARG B 71 51.18 -18.14 -25.76
C ARG B 71 50.62 -17.28 -24.63
N GLY B 72 49.49 -17.72 -24.09
CA GLY B 72 48.82 -16.99 -23.02
C GLY B 72 49.68 -16.81 -21.79
N SER B 73 49.81 -15.56 -21.33
CA SER B 73 50.60 -15.24 -20.15
C SER B 73 49.89 -14.32 -19.18
N GLY B 74 48.65 -13.95 -19.45
CA GLY B 74 47.91 -13.06 -18.56
C GLY B 74 47.12 -12.01 -19.31
N SER B 75 47.60 -11.62 -20.49
CA SER B 75 46.95 -10.64 -21.35
C SER B 75 46.76 -9.29 -20.66
N GLY B 76 47.65 -8.94 -19.74
CA GLY B 76 47.56 -7.67 -19.03
C GLY B 76 47.41 -7.84 -17.54
N SER B 77 46.27 -7.44 -17.01
CA SER B 77 46.02 -7.55 -15.58
C SER B 77 45.93 -9.01 -15.15
N GLY B 78 46.42 -9.30 -13.94
CA GLY B 78 46.36 -10.64 -13.41
C GLY B 78 47.27 -10.83 -12.21
N SER B 79 46.76 -11.54 -11.19
CA SER B 79 47.54 -11.80 -9.99
C SER B 79 46.92 -12.99 -9.27
N GLY B 80 47.72 -13.60 -8.40
CA GLY B 80 47.26 -14.74 -7.63
C GLY B 80 48.29 -15.84 -7.50
N SER B 81 48.49 -16.34 -6.28
CA SER B 81 49.42 -17.41 -6.00
C SER B 81 48.68 -18.59 -5.37
N LEU B 82 49.04 -19.80 -5.78
CA LEU B 82 48.40 -21.02 -5.31
C LEU B 82 46.89 -20.97 -5.52
N LYS B 83 46.13 -21.47 -4.55
CA LYS B 83 44.67 -21.41 -4.59
C LYS B 83 44.03 -20.93 -3.30
N THR B 84 44.74 -20.97 -2.17
CA THR B 84 44.22 -20.49 -0.90
C THR B 84 44.88 -19.21 -0.43
N SER B 85 45.73 -18.60 -1.25
CA SER B 85 46.40 -17.35 -0.92
C SER B 85 45.98 -16.31 -1.96
N PHE B 86 45.02 -15.48 -1.60
CA PHE B 86 44.52 -14.44 -2.50
C PHE B 86 44.21 -13.20 -1.67
N LYS B 87 43.60 -12.20 -2.31
CA LYS B 87 43.30 -10.94 -1.67
C LYS B 87 41.85 -10.56 -1.90
N ILE B 88 41.27 -9.85 -0.93
CA ILE B 88 39.88 -9.41 -0.98
C ILE B 88 39.84 -7.92 -0.70
N ALA B 89 39.04 -7.19 -1.47
CA ALA B 89 38.89 -5.75 -1.30
C ALA B 89 37.56 -5.47 -0.59
N PHE B 90 37.64 -4.72 0.50
CA PHE B 90 36.48 -4.37 1.31
C PHE B 90 36.19 -2.89 1.15
N ILE B 91 35.00 -2.57 0.65
CA ILE B 91 34.59 -1.19 0.42
C ILE B 91 33.45 -0.87 1.38
N GLN B 92 33.63 0.17 2.19
CA GLN B 92 32.67 0.53 3.23
C GLN B 92 32.26 1.99 3.08
N ALA B 93 30.96 2.24 3.11
CA ALA B 93 30.48 3.62 3.15
C ALA B 93 30.69 4.20 4.54
N ARG B 94 30.71 5.53 4.60
CA ARG B 94 30.98 6.24 5.85
C ARG B 94 29.73 6.84 6.48
N TRP B 95 28.54 6.49 5.99
CA TRP B 95 27.29 6.84 6.65
C TRP B 95 26.96 5.76 7.66
N HIS B 96 26.67 6.17 8.90
CA HIS B 96 26.47 5.25 10.01
C HIS B 96 27.68 4.33 10.17
N ALA B 97 28.86 4.95 10.29
CA ALA B 97 30.10 4.18 10.30
C ALA B 97 30.20 3.25 11.49
N ASP B 98 29.59 3.63 12.62
CA ASP B 98 29.70 2.80 13.82
C ASP B 98 29.01 1.45 13.67
N ILE B 99 28.07 1.33 12.73
CA ILE B 99 27.41 0.06 12.48
C ILE B 99 28.16 -0.76 11.44
N VAL B 100 28.64 -0.10 10.38
CA VAL B 100 29.38 -0.79 9.33
C VAL B 100 30.71 -1.33 9.87
N ASP B 101 31.33 -0.61 10.80
CA ASP B 101 32.60 -1.07 11.36
C ASP B 101 32.45 -2.41 12.06
N GLU B 102 31.28 -2.68 12.64
CA GLU B 102 31.05 -3.97 13.28
C GLU B 102 31.14 -5.09 12.25
N ALA B 103 30.49 -4.92 11.10
CA ALA B 103 30.56 -5.92 10.04
C ALA B 103 31.98 -6.06 9.52
N ARG B 104 32.70 -4.95 9.37
CA ARG B 104 34.07 -5.03 8.87
C ARG B 104 34.96 -5.81 9.84
N LYS B 105 34.87 -5.51 11.13
CA LYS B 105 35.68 -6.20 12.12
C LYS B 105 35.34 -7.68 12.18
N SER B 106 34.04 -8.01 12.13
CA SER B 106 33.64 -9.41 12.15
C SER B 106 34.17 -10.15 10.93
N PHE B 107 34.07 -9.52 9.75
CA PHE B 107 34.58 -10.12 8.53
C PHE B 107 36.07 -10.40 8.62
N VAL B 108 36.84 -9.41 9.05
CA VAL B 108 38.29 -9.58 9.12
C VAL B 108 38.66 -10.65 10.13
N ALA B 109 38.02 -10.62 11.31
CA ALA B 109 38.34 -11.60 12.34
C ALA B 109 38.01 -13.02 11.88
N GLU B 110 36.85 -13.20 11.25
CA GLU B 110 36.47 -14.54 10.79
C GLU B 110 37.42 -15.03 9.70
N LEU B 111 37.80 -14.15 8.77
CA LEU B 111 38.74 -14.57 7.73
C LEU B 111 40.08 -14.96 8.33
N ALA B 112 40.56 -14.18 9.31
CA ALA B 112 41.83 -14.52 9.96
C ALA B 112 41.73 -15.84 10.69
N ALA B 113 40.62 -16.09 11.37
CA ALA B 113 40.46 -17.35 12.10
C ALA B 113 40.41 -18.54 11.14
N LYS B 114 39.70 -18.40 10.02
CA LYS B 114 39.52 -19.52 9.10
C LYS B 114 40.79 -19.79 8.30
N THR B 115 41.26 -18.80 7.55
CA THR B 115 42.38 -19.02 6.64
C THR B 115 43.73 -19.01 7.35
N GLY B 116 43.79 -18.49 8.58
CA GLY B 116 45.06 -18.45 9.29
C GLY B 116 46.04 -17.43 8.77
N GLY B 117 45.56 -16.41 8.05
CA GLY B 117 46.42 -15.37 7.52
C GLY B 117 46.79 -15.51 6.06
N SER B 118 46.29 -16.55 5.38
CA SER B 118 46.62 -16.73 3.97
C SER B 118 45.86 -15.74 3.09
N VAL B 119 44.71 -15.25 3.54
CA VAL B 119 43.90 -14.31 2.78
C VAL B 119 44.08 -12.93 3.37
N GLU B 120 44.35 -11.95 2.51
CA GLU B 120 44.58 -10.57 2.91
C GLU B 120 43.37 -9.71 2.53
N VAL B 121 42.97 -8.84 3.45
CA VAL B 121 41.83 -7.96 3.25
C VAL B 121 42.33 -6.53 3.22
N GLU B 122 41.91 -5.79 2.20
CA GLU B 122 42.24 -4.37 2.06
C GLU B 122 40.96 -3.55 2.17
N ILE B 123 41.03 -2.45 2.90
CA ILE B 123 39.87 -1.64 3.23
C ILE B 123 39.93 -0.34 2.46
N PHE B 124 38.82 0.01 1.81
CA PHE B 124 38.68 1.25 1.05
C PHE B 124 37.45 1.99 1.52
N ASP B 125 37.56 3.32 1.63
CA ASP B 125 36.50 4.16 2.14
C ASP B 125 35.85 4.96 1.01
N VAL B 126 34.53 5.05 1.05
CA VAL B 126 33.78 5.87 0.09
C VAL B 126 32.79 6.73 0.87
N PRO B 127 32.38 7.88 0.32
CA PRO B 127 31.44 8.75 1.07
C PRO B 127 30.10 8.08 1.34
N GLY B 128 29.49 7.48 0.31
CA GLY B 128 28.17 6.90 0.48
C GLY B 128 28.03 5.65 -0.37
N ALA B 129 26.86 5.02 -0.29
CA ALA B 129 26.61 3.80 -1.03
C ALA B 129 26.58 4.03 -2.53
N TYR B 130 26.20 5.23 -2.97
CA TYR B 130 26.16 5.53 -4.39
C TYR B 130 27.52 5.48 -5.05
N GLU B 131 28.60 5.55 -4.27
CA GLU B 131 29.96 5.56 -4.80
C GLU B 131 30.57 4.17 -4.88
N ILE B 132 29.83 3.13 -4.51
CA ILE B 132 30.40 1.78 -4.40
C ILE B 132 30.58 1.12 -5.75
N PRO B 133 29.59 1.12 -6.66
CA PRO B 133 29.79 0.39 -7.93
C PRO B 133 30.97 0.86 -8.76
N LEU B 134 31.21 2.17 -8.85
CA LEU B 134 32.33 2.65 -9.65
C LEU B 134 33.66 2.28 -9.01
N HIS B 135 33.76 2.38 -7.68
CA HIS B 135 34.97 1.98 -6.98
C HIS B 135 35.24 0.50 -7.17
N ALA B 136 34.19 -0.33 -7.09
CA ALA B 136 34.34 -1.76 -7.29
C ALA B 136 34.81 -2.06 -8.71
N LYS B 137 34.22 -1.39 -9.70
CA LYS B 137 34.65 -1.60 -11.08
C LYS B 137 36.10 -1.19 -11.28
N THR B 138 36.51 -0.07 -10.69
CA THR B 138 37.90 0.37 -10.82
C THR B 138 38.85 -0.63 -10.17
N LEU B 139 38.49 -1.16 -9.00
CA LEU B 139 39.38 -2.09 -8.32
C LEU B 139 39.42 -3.44 -9.02
N ALA B 140 38.31 -3.87 -9.60
CA ALA B 140 38.25 -5.20 -10.20
C ALA B 140 39.09 -5.28 -11.47
N ARG B 141 39.15 -4.20 -12.24
CA ARG B 141 39.83 -4.23 -13.52
C ARG B 141 41.35 -4.29 -13.40
N THR B 142 41.90 -4.12 -12.21
CA THR B 142 43.34 -4.21 -11.99
C THR B 142 43.79 -5.62 -11.65
N GLY B 143 42.90 -6.60 -11.69
CA GLY B 143 43.24 -7.90 -11.13
C GLY B 143 43.42 -7.78 -9.64
N ARG B 144 44.37 -8.55 -9.10
CA ARG B 144 44.90 -8.33 -7.76
C ARG B 144 43.90 -8.70 -6.67
N TYR B 145 42.68 -9.05 -7.04
CA TYR B 145 41.63 -9.33 -6.08
C TYR B 145 40.75 -10.46 -6.59
N ALA B 146 40.56 -11.48 -5.75
CA ALA B 146 39.70 -12.60 -6.11
C ALA B 146 38.24 -12.33 -5.82
N ALA B 147 37.93 -11.34 -4.98
CA ALA B 147 36.56 -10.99 -4.67
C ALA B 147 36.51 -9.57 -4.14
N ILE B 148 35.31 -8.99 -4.15
CA ILE B 148 35.08 -7.63 -3.67
C ILE B 148 33.84 -7.63 -2.80
N VAL B 149 33.91 -6.95 -1.66
CA VAL B 149 32.81 -6.87 -0.72
C VAL B 149 32.43 -5.42 -0.54
N GLY B 150 31.14 -5.12 -0.68
CA GLY B 150 30.64 -3.78 -0.46
C GLY B 150 29.68 -3.72 0.72
N ALA B 151 29.96 -2.86 1.70
CA ALA B 151 29.18 -2.77 2.92
C ALA B 151 28.61 -1.36 3.06
N ALA B 152 27.31 -1.28 3.30
CA ALA B 152 26.66 0.01 3.51
C ALA B 152 25.36 -0.21 4.27
N PHE B 153 24.87 0.87 4.87
CA PHE B 153 23.63 0.87 5.64
C PHE B 153 22.72 1.95 5.06
N VAL B 154 21.77 1.54 4.22
CA VAL B 154 20.86 2.45 3.55
C VAL B 154 19.53 2.43 4.27
N ILE B 155 19.14 3.55 4.86
CA ILE B 155 17.94 3.65 5.68
C ILE B 155 17.04 4.74 5.14
N ASP B 156 15.79 4.71 5.59
CA ASP B 156 14.81 5.73 5.25
C ASP B 156 14.86 6.81 6.33
N GLY B 157 15.29 8.02 5.96
CA GLY B 157 15.43 9.09 6.92
C GLY B 157 14.14 9.80 7.27
N GLY B 158 13.03 9.46 6.63
CA GLY B 158 11.75 10.08 6.92
C GLY B 158 11.50 11.38 6.19
N ILE B 159 12.43 11.85 5.37
CA ILE B 159 12.27 13.08 4.62
C ILE B 159 12.24 12.81 3.12
N TYR B 160 13.24 12.10 2.60
CA TYR B 160 13.34 11.77 1.19
C TYR B 160 13.20 10.28 0.98
N ARG B 161 12.70 9.91 -0.20
CA ARG B 161 12.59 8.50 -0.56
C ARG B 161 13.97 7.92 -0.82
N HIS B 162 14.19 6.69 -0.34
CA HIS B 162 15.50 6.07 -0.39
C HIS B 162 15.58 4.85 -1.29
N ASP B 163 14.46 4.37 -1.85
CA ASP B 163 14.49 3.13 -2.60
C ASP B 163 15.21 3.29 -3.94
N PHE B 164 15.19 4.48 -4.53
CA PHE B 164 15.87 4.68 -5.81
C PHE B 164 17.36 4.42 -5.70
N VAL B 165 18.00 4.97 -4.67
CA VAL B 165 19.44 4.82 -4.51
C VAL B 165 19.80 3.36 -4.23
N ALA B 166 19.03 2.68 -3.38
CA ALA B 166 19.31 1.29 -3.09
C ALA B 166 19.17 0.42 -4.32
N THR B 167 18.10 0.63 -5.09
CA THR B 167 17.92 -0.13 -6.33
C THR B 167 19.06 0.13 -7.29
N ALA B 168 19.47 1.39 -7.45
CA ALA B 168 20.56 1.71 -8.36
C ALA B 168 21.86 1.04 -7.91
N VAL B 169 22.13 1.05 -6.61
CA VAL B 169 23.38 0.48 -6.11
C VAL B 169 23.41 -1.03 -6.32
N ILE B 170 22.31 -1.71 -6.00
CA ILE B 170 22.28 -3.17 -6.17
C ILE B 170 22.42 -3.53 -7.65
N ASN B 171 21.68 -2.83 -8.51
CA ASN B 171 21.77 -3.10 -9.95
C ASN B 171 23.16 -2.82 -10.48
N GLY B 172 23.79 -1.74 -10.03
CA GLY B 172 25.12 -1.42 -10.49
C GLY B 172 26.17 -2.43 -10.03
N MET B 173 26.04 -2.92 -8.80
CA MET B 173 26.95 -3.95 -8.34
C MET B 173 26.79 -5.23 -9.16
N MET B 174 25.55 -5.61 -9.46
CA MET B 174 25.34 -6.78 -10.31
C MET B 174 25.92 -6.56 -11.70
N GLN B 175 25.74 -5.37 -12.27
CA GLN B 175 26.27 -5.07 -13.60
C GLN B 175 27.79 -5.14 -13.61
N VAL B 176 28.44 -4.58 -12.59
CA VAL B 176 29.91 -4.64 -12.52
C VAL B 176 30.36 -6.09 -12.38
N GLN B 177 29.65 -6.87 -11.55
CA GLN B 177 29.98 -8.27 -11.37
C GLN B 177 29.94 -9.01 -12.71
N LEU B 178 28.89 -8.79 -13.50
CA LEU B 178 28.78 -9.46 -14.78
C LEU B 178 29.79 -8.92 -15.80
N GLU B 179 30.16 -7.65 -15.68
CA GLU B 179 31.07 -7.05 -16.65
C GLU B 179 32.50 -7.54 -16.45
N THR B 180 32.97 -7.55 -15.20
CA THR B 180 34.37 -7.80 -14.92
C THR B 180 34.69 -9.25 -14.57
N GLU B 181 33.67 -10.11 -14.46
CA GLU B 181 33.87 -11.52 -14.12
C GLU B 181 34.62 -11.68 -12.80
N VAL B 182 34.31 -10.80 -11.84
CA VAL B 182 34.88 -10.85 -10.51
C VAL B 182 33.73 -10.85 -9.51
N PRO B 183 33.66 -11.81 -8.59
CA PRO B 183 32.54 -11.85 -7.66
C PRO B 183 32.47 -10.60 -6.79
N VAL B 184 31.24 -10.13 -6.56
CA VAL B 184 31.00 -8.98 -5.69
C VAL B 184 29.96 -9.39 -4.66
N LEU B 185 30.35 -9.42 -3.40
CA LEU B 185 29.44 -9.75 -2.31
C LEU B 185 28.75 -8.49 -1.83
N SER B 186 27.47 -8.62 -1.51
CA SER B 186 26.64 -7.48 -1.12
C SER B 186 26.36 -7.53 0.38
N VAL B 187 26.79 -6.49 1.10
CA VAL B 187 26.43 -6.31 2.49
C VAL B 187 25.73 -4.96 2.59
N VAL B 188 25.08 -4.54 1.52
CA VAL B 188 24.29 -3.31 1.50
C VAL B 188 22.88 -3.68 1.93
N LEU B 189 22.51 -3.27 3.14
CA LEU B 189 21.28 -3.71 3.78
C LEU B 189 20.35 -2.53 4.02
N THR B 190 19.06 -2.77 3.79
CA THR B 190 18.03 -1.75 3.99
C THR B 190 17.00 -2.25 4.99
N PRO B 191 17.00 -1.76 6.22
CA PRO B 191 16.02 -2.23 7.20
C PRO B 191 14.63 -1.72 6.91
N HIS B 192 13.63 -2.45 7.41
CA HIS B 192 12.24 -2.02 7.27
C HIS B 192 11.99 -0.73 8.02
N HIS B 193 12.50 -0.63 9.25
CA HIS B 193 12.30 0.55 10.08
C HIS B 193 13.58 0.86 10.84
N PHE B 194 13.98 2.13 10.82
CA PHE B 194 15.11 2.59 11.62
C PHE B 194 14.85 4.04 11.99
N HIS B 195 14.48 4.27 13.26
CA HIS B 195 14.12 5.61 13.73
C HIS B 195 15.19 6.22 14.61
N GLU B 196 16.43 5.75 14.50
CA GLU B 196 17.61 6.29 15.20
C GLU B 196 17.41 6.34 16.71
N SER B 197 16.46 5.58 17.24
CA SER B 197 16.28 5.49 18.68
C SER B 197 17.38 4.61 19.28
N LYS B 198 17.44 4.61 20.61
CA LYS B 198 18.46 3.81 21.29
C LYS B 198 18.23 2.32 21.06
N GLU B 199 16.97 1.89 21.07
CA GLU B 199 16.67 0.47 20.87
C GLU B 199 17.08 0.01 19.47
N HIS B 200 16.82 0.84 18.46
CA HIS B 200 17.16 0.46 17.09
C HIS B 200 18.66 0.36 16.89
N HIS B 201 19.42 1.25 17.53
CA HIS B 201 20.87 1.28 17.32
C HIS B 201 21.53 -0.01 17.79
N ASP B 202 21.16 -0.46 18.99
CA ASP B 202 21.81 -1.64 19.55
C ASP B 202 21.52 -2.90 18.74
N PHE B 203 20.29 -3.04 18.27
CA PHE B 203 19.90 -4.24 17.54
C PHE B 203 20.74 -4.42 16.28
N PHE B 204 20.84 -3.37 15.46
CA PHE B 204 21.60 -3.48 14.22
C PHE B 204 23.09 -3.50 14.49
N HIS B 205 23.53 -2.78 15.53
CA HIS B 205 24.94 -2.85 15.94
C HIS B 205 25.34 -4.29 16.25
N ALA B 206 24.42 -5.05 16.88
CA ALA B 206 24.70 -6.45 17.16
C ALA B 206 24.55 -7.33 15.93
N HIS B 207 23.59 -7.02 15.06
CA HIS B 207 23.30 -7.91 13.93
C HIS B 207 24.36 -7.82 12.83
N PHE B 208 25.03 -6.67 12.71
CA PHE B 208 26.02 -6.55 11.65
C PHE B 208 27.21 -7.47 11.84
N LYS B 209 27.49 -7.90 13.07
CA LYS B 209 28.55 -8.90 13.28
C LYS B 209 28.18 -10.23 12.61
N VAL B 210 26.95 -10.68 12.82
CA VAL B 210 26.48 -11.90 12.17
C VAL B 210 26.51 -11.74 10.67
N LYS B 211 26.10 -10.57 10.18
CA LYS B 211 26.15 -10.32 8.74
C LYS B 211 27.57 -10.41 8.20
N GLY B 212 28.54 -9.86 8.93
CA GLY B 212 29.93 -9.94 8.49
C GLY B 212 30.45 -11.37 8.46
N VAL B 213 30.12 -12.16 9.47
CA VAL B 213 30.55 -13.56 9.49
C VAL B 213 29.96 -14.31 8.31
N GLU B 214 28.68 -14.10 8.04
CA GLU B 214 28.03 -14.74 6.90
C GLU B 214 28.71 -14.33 5.60
N ALA B 215 29.05 -13.04 5.47
CA ALA B 215 29.72 -12.57 4.25
C ALA B 215 31.09 -13.22 4.09
N ALA B 216 31.83 -13.38 5.17
CA ALA B 216 33.14 -14.03 5.09
C ALA B 216 33.00 -15.47 4.60
N HIS B 217 32.07 -16.22 5.18
CA HIS B 217 31.86 -17.59 4.75
C HIS B 217 31.46 -17.65 3.28
N ALA B 218 30.54 -16.77 2.87
CA ALA B 218 30.10 -16.76 1.48
C ALA B 218 31.25 -16.46 0.52
N ALA B 219 32.09 -15.48 0.88
CA ALA B 219 33.22 -15.13 0.02
C ALA B 219 34.18 -16.31 -0.14
N LEU B 220 34.52 -16.96 0.97
CA LEU B 220 35.42 -18.11 0.89
C LEU B 220 34.82 -19.20 0.01
N GLN B 221 33.54 -19.51 0.22
CA GLN B 221 32.92 -20.59 -0.54
C GLN B 221 32.86 -20.27 -2.02
N ILE B 222 32.50 -19.03 -2.38
CA ILE B 222 32.35 -18.69 -3.79
C ILE B 222 33.70 -18.67 -4.48
N VAL B 223 34.75 -18.19 -3.81
CA VAL B 223 36.07 -18.22 -4.43
C VAL B 223 36.52 -19.65 -4.66
N SER B 224 36.30 -20.52 -3.67
CA SER B 224 36.68 -21.93 -3.84
C SER B 224 35.91 -22.57 -4.98
N GLU B 225 34.61 -22.29 -5.09
CA GLU B 225 33.80 -22.89 -6.14
C GLU B 225 34.25 -22.41 -7.52
N ARG B 226 34.53 -21.12 -7.67
CA ARG B 226 35.01 -20.62 -8.96
C ARG B 226 36.34 -21.26 -9.32
N SER B 227 37.24 -21.38 -8.34
CA SER B 227 38.52 -22.05 -8.61
C SER B 227 38.31 -23.48 -9.05
N ARG B 228 37.34 -24.18 -8.44
CA ARG B 228 37.10 -25.58 -8.79
C ARG B 228 36.55 -25.70 -10.20
N ILE B 229 35.51 -24.93 -10.53
CA ILE B 229 34.92 -25.05 -11.86
C ILE B 229 35.82 -24.47 -12.94
N ALA B 230 36.84 -23.68 -12.57
CA ALA B 230 37.77 -23.23 -13.59
C ALA B 230 38.73 -24.33 -14.04
N ALA B 231 38.55 -25.55 -13.55
CA ALA B 231 39.41 -26.69 -13.91
C ALA B 231 40.87 -26.41 -13.62
N MET C 1 64.16 8.29 -31.26
CA MET C 1 64.99 8.20 -30.06
C MET C 1 65.07 9.55 -29.36
N HIS C 2 66.27 10.11 -29.32
CA HIS C 2 66.52 11.39 -28.64
C HIS C 2 66.35 12.52 -29.65
N THR C 3 65.25 13.25 -29.54
CA THR C 3 64.94 14.37 -30.42
C THR C 3 63.91 15.27 -29.72
N PRO C 4 64.10 16.59 -29.73
CA PRO C 4 63.15 17.47 -29.05
C PRO C 4 61.74 17.33 -29.61
N ASP C 5 60.77 17.35 -28.71
CA ASP C 5 59.38 17.14 -29.09
C ASP C 5 58.82 18.36 -29.81
N CYS C 6 57.95 18.11 -30.79
CA CYS C 6 57.29 19.17 -31.54
C CYS C 6 55.78 19.20 -31.27
N VAL C 7 55.09 18.08 -31.47
CA VAL C 7 53.66 18.00 -31.25
C VAL C 7 53.35 16.72 -30.48
N THR C 8 52.39 16.82 -29.55
CA THR C 8 51.95 15.70 -28.74
C THR C 8 50.44 15.76 -28.59
N GLY C 9 49.76 14.70 -29.00
CA GLY C 9 48.32 14.66 -28.89
C GLY C 9 47.73 13.58 -29.77
N LYS C 10 46.41 13.48 -29.72
CA LYS C 10 45.69 12.50 -30.51
C LYS C 10 45.75 12.85 -32.00
N VAL C 11 45.76 11.81 -32.83
CA VAL C 11 45.80 12.01 -34.28
C VAL C 11 44.43 12.45 -34.75
N GLU C 12 44.35 13.67 -35.30
CA GLU C 12 43.09 14.16 -35.84
C GLU C 12 42.70 13.40 -37.09
N TYR C 13 43.62 13.24 -38.02
CA TYR C 13 43.37 12.50 -39.25
C TYR C 13 44.69 12.06 -39.85
N THR C 14 44.62 11.07 -40.73
CA THR C 14 45.78 10.55 -41.43
C THR C 14 45.56 10.69 -42.93
N LYS C 15 46.42 11.45 -43.60
CA LYS C 15 46.26 11.81 -44.99
C LYS C 15 47.32 11.14 -45.84
N TYR C 16 46.93 10.68 -47.02
CA TYR C 16 47.84 10.10 -48.01
C TYR C 16 48.05 11.11 -49.13
N ASN C 17 49.31 11.39 -49.45
CA ASN C 17 49.66 12.36 -50.47
C ASN C 17 49.94 11.67 -51.80
N ASP C 18 50.25 12.49 -52.81
CA ASP C 18 50.51 11.96 -54.15
C ASP C 18 51.85 11.23 -54.23
N ASP C 19 52.80 11.58 -53.37
CA ASP C 19 54.14 10.99 -53.41
C ASP C 19 54.27 9.79 -52.49
N ASP C 20 53.17 9.06 -52.25
CA ASP C 20 53.17 7.86 -51.41
C ASP C 20 53.70 8.16 -50.01
N THR C 21 53.34 9.33 -49.48
CA THR C 21 53.74 9.75 -48.14
C THR C 21 52.51 9.86 -47.25
N PHE C 22 52.71 9.55 -45.97
CA PHE C 22 51.63 9.54 -44.99
C PHE C 22 51.66 10.84 -44.20
N THR C 23 50.65 11.69 -44.43
CA THR C 23 50.52 12.96 -43.72
C THR C 23 49.59 12.76 -42.53
N VAL C 24 50.09 13.06 -41.34
CA VAL C 24 49.34 12.87 -40.10
C VAL C 24 49.29 14.19 -39.34
N LYS C 25 48.10 14.56 -38.88
CA LYS C 25 47.89 15.80 -38.14
C LYS C 25 47.89 15.48 -36.65
N VAL C 26 48.95 15.88 -35.95
CA VAL C 26 49.08 15.72 -34.51
C VAL C 26 49.21 17.10 -33.88
N GLY C 27 48.35 17.39 -32.91
CA GLY C 27 48.36 18.71 -32.31
C GLY C 27 47.90 19.77 -33.29
N ASP C 28 48.56 20.92 -33.25
CA ASP C 28 48.23 22.04 -34.13
C ASP C 28 49.07 22.08 -35.40
N LYS C 29 49.93 21.09 -35.62
CA LYS C 29 50.81 21.06 -36.77
C LYS C 29 50.59 19.77 -37.56
N GLU C 30 50.67 19.89 -38.88
CA GLU C 30 50.49 18.75 -39.79
C GLU C 30 51.89 18.32 -40.20
N LEU C 31 52.15 17.02 -40.16
CA LEU C 31 53.44 16.47 -40.55
C LEU C 31 53.22 15.21 -41.39
N PHE C 32 54.21 14.90 -42.22
CA PHE C 32 54.14 13.76 -43.13
C PHE C 32 55.37 12.87 -42.95
N THR C 33 55.18 11.57 -43.19
CA THR C 33 56.25 10.59 -43.07
C THR C 33 56.28 9.72 -44.33
N ASN C 34 57.45 9.16 -44.60
CA ASN C 34 57.67 8.36 -45.80
C ASN C 34 57.85 6.88 -45.50
N ARG C 35 57.53 6.43 -44.30
CA ARG C 35 57.67 5.02 -43.92
C ARG C 35 56.35 4.31 -44.16
N TRP C 36 56.38 3.26 -44.98
CA TRP C 36 55.15 2.54 -45.32
C TRP C 36 54.54 1.86 -44.10
N ASN C 37 55.37 1.26 -43.25
CA ASN C 37 54.85 0.64 -42.04
C ASN C 37 54.29 1.69 -41.08
N LEU C 38 54.89 2.88 -41.05
CA LEU C 38 54.36 3.95 -40.23
C LEU C 38 52.95 4.35 -40.66
N GLN C 39 52.63 4.20 -41.95
CA GLN C 39 51.27 4.47 -42.41
C GLN C 39 50.27 3.55 -41.71
N SER C 40 50.54 2.24 -41.73
CA SER C 40 49.66 1.29 -41.06
C SER C 40 49.63 1.53 -39.56
N LEU C 41 50.78 1.85 -38.97
CA LEU C 41 50.83 2.10 -37.53
C LEU C 41 49.96 3.29 -37.14
N LEU C 42 50.08 4.39 -37.88
CA LEU C 42 49.28 5.58 -37.60
C LEU C 42 47.80 5.33 -37.86
N LEU C 43 47.48 4.58 -38.92
CA LEU C 43 46.09 4.25 -39.20
C LEU C 43 45.48 3.43 -38.07
N SER C 44 46.22 2.44 -37.57
CA SER C 44 45.72 1.63 -36.46
C SER C 44 45.60 2.46 -35.19
N ALA C 45 46.56 3.35 -34.93
CA ALA C 45 46.49 4.20 -33.75
C ALA C 45 45.26 5.12 -33.80
N GLN C 46 44.99 5.70 -34.97
CA GLN C 46 43.80 6.53 -35.12
C GLN C 46 42.53 5.71 -34.98
N ILE C 47 42.52 4.49 -35.52
CA ILE C 47 41.34 3.63 -35.42
C ILE C 47 41.08 3.25 -33.97
N THR C 48 42.12 2.87 -33.24
CA THR C 48 42.00 2.44 -31.86
C THR C 48 42.08 3.59 -30.87
N GLY C 49 42.24 4.83 -31.33
CA GLY C 49 42.33 5.97 -30.45
C GLY C 49 43.57 5.96 -29.58
N MET C 50 44.70 5.58 -30.15
CA MET C 50 45.99 5.55 -29.46
C MET C 50 46.79 6.76 -29.87
N THR C 51 47.21 7.56 -28.89
CA THR C 51 47.97 8.77 -29.17
C THR C 51 49.40 8.44 -29.56
N VAL C 52 49.98 9.32 -30.38
CA VAL C 52 51.38 9.22 -30.77
C VAL C 52 52.03 10.59 -30.57
N THR C 53 53.34 10.57 -30.36
CA THR C 53 54.14 11.78 -30.19
C THR C 53 55.19 11.83 -31.28
N ILE C 54 55.19 12.91 -32.04
CA ILE C 54 56.13 13.11 -33.14
C ILE C 54 57.12 14.19 -32.74
N LYS C 55 58.40 13.83 -32.69
CA LYS C 55 59.46 14.76 -32.34
C LYS C 55 60.35 14.98 -33.55
N THR C 56 60.52 16.24 -33.95
CA THR C 56 61.33 16.57 -35.11
C THR C 56 61.77 18.03 -35.00
N ASN C 57 62.83 18.37 -35.73
CA ASN C 57 63.33 19.73 -35.73
C ASN C 57 62.48 20.67 -36.59
N ALA C 58 61.68 20.12 -37.50
CA ALA C 58 60.83 20.94 -38.39
C ALA C 58 59.43 21.00 -37.78
N CYS C 59 59.28 21.87 -36.78
CA CYS C 59 58.00 22.04 -36.09
C CYS C 59 57.14 23.05 -36.87
N HIS C 60 56.62 22.57 -38.00
CA HIS C 60 55.77 23.39 -38.85
C HIS C 60 54.87 22.49 -39.67
N ASN C 61 53.83 23.08 -40.24
CA ASN C 61 52.90 22.33 -41.07
C ASN C 61 53.59 21.80 -42.32
N GLY C 62 53.32 20.54 -42.65
CA GLY C 62 53.92 19.91 -43.81
C GLY C 62 55.32 19.40 -43.62
N GLY C 63 55.89 19.49 -42.42
CA GLY C 63 57.24 19.03 -42.19
C GLY C 63 57.35 17.52 -42.18
N GLY C 64 58.57 17.04 -42.38
CA GLY C 64 58.85 15.62 -42.42
C GLY C 64 59.39 15.10 -41.10
N PHE C 65 59.15 13.82 -40.85
CA PHE C 65 59.62 13.18 -39.64
C PHE C 65 59.81 11.69 -39.89
N SER C 66 60.61 11.06 -39.04
CA SER C 66 60.86 9.63 -39.12
C SER C 66 60.76 8.90 -37.79
N GLU C 67 60.82 9.59 -36.66
CA GLU C 67 60.78 8.98 -35.34
C GLU C 67 59.47 9.36 -34.66
N VAL C 68 58.72 8.35 -34.22
CA VAL C 68 57.42 8.54 -33.60
C VAL C 68 57.42 7.87 -32.23
N ILE C 69 56.97 8.58 -31.21
CA ILE C 69 56.82 8.04 -29.87
C ILE C 69 55.38 7.54 -29.74
N PHE C 70 55.23 6.25 -29.47
CA PHE C 70 53.92 5.63 -29.28
C PHE C 70 53.57 5.45 -27.80
N ARG C 71 54.37 6.04 -26.90
CA ARG C 71 54.10 5.91 -25.48
C ARG C 71 52.83 6.67 -25.11
N GLY C 72 52.23 6.27 -23.99
CA GLY C 72 51.01 6.88 -23.51
C GLY C 72 51.14 8.37 -23.25
N SER C 73 50.25 9.17 -23.82
CA SER C 73 50.26 10.61 -23.66
C SER C 73 48.89 11.20 -23.38
N GLY C 74 47.84 10.38 -23.27
CA GLY C 74 46.51 10.87 -23.02
C GLY C 74 45.45 10.18 -23.84
N SER C 75 45.83 9.70 -25.03
CA SER C 75 44.95 8.99 -25.94
C SER C 75 43.72 9.82 -26.33
N GLY C 76 43.87 11.13 -26.37
CA GLY C 76 42.76 12.00 -26.73
C GLY C 76 42.37 12.96 -25.61
N SER C 77 41.17 12.78 -25.07
CA SER C 77 40.70 13.65 -24.00
C SER C 77 41.52 13.45 -22.73
N GLY C 78 41.73 14.54 -22.00
CA GLY C 78 42.46 14.48 -20.75
C GLY C 78 42.89 15.84 -20.24
N SER C 79 42.76 16.07 -18.94
CA SER C 79 43.15 17.33 -18.33
C SER C 79 43.35 17.11 -16.84
N GLY C 80 44.07 18.05 -16.22
CA GLY C 80 44.32 17.99 -14.80
C GLY C 80 45.74 18.32 -14.42
N SER C 81 45.91 19.22 -13.44
CA SER C 81 47.21 19.62 -12.96
C SER C 81 47.32 19.28 -11.48
N LEU C 82 48.51 18.83 -11.07
CA LEU C 82 48.77 18.43 -9.69
C LEU C 82 47.77 17.38 -9.22
N LYS C 83 47.33 17.47 -7.96
CA LYS C 83 46.32 16.59 -7.42
C LYS C 83 45.21 17.30 -6.67
N THR C 84 45.42 18.54 -6.23
CA THR C 84 44.40 19.31 -5.54
C THR C 84 43.85 20.46 -6.37
N SER C 85 44.23 20.55 -7.63
CA SER C 85 43.74 21.60 -8.54
C SER C 85 43.03 20.91 -9.70
N PHE C 86 41.70 20.86 -9.63
CA PHE C 86 40.90 20.22 -10.66
C PHE C 86 39.63 21.05 -10.84
N LYS C 87 38.69 20.53 -11.64
CA LYS C 87 37.46 21.22 -11.95
C LYS C 87 36.27 20.30 -11.74
N ILE C 88 35.15 20.89 -11.36
CA ILE C 88 33.92 20.16 -11.11
C ILE C 88 32.79 20.82 -11.90
N ALA C 89 31.96 19.99 -12.53
CA ALA C 89 30.83 20.48 -13.31
C ALA C 89 29.54 20.30 -12.51
N PHE C 90 28.80 21.39 -12.34
CA PHE C 90 27.56 21.40 -11.58
C PHE C 90 26.40 21.57 -12.55
N ILE C 91 25.49 20.60 -12.57
CA ILE C 91 24.33 20.60 -13.45
C ILE C 91 23.09 20.74 -12.59
N GLN C 92 22.29 21.76 -12.86
CA GLN C 92 21.12 22.06 -12.05
C GLN C 92 19.88 22.19 -12.94
N ALA C 93 18.80 21.51 -12.55
CA ALA C 93 17.53 21.68 -13.23
C ALA C 93 16.91 23.02 -12.84
N ARG C 94 15.97 23.47 -13.67
CA ARG C 94 15.34 24.77 -13.48
C ARG C 94 13.92 24.68 -12.96
N TRP C 95 13.48 23.50 -12.52
CA TRP C 95 12.22 23.36 -11.82
C TRP C 95 12.46 23.58 -10.33
N HIS C 96 11.66 24.44 -9.72
CA HIS C 96 11.86 24.86 -8.33
C HIS C 96 13.27 25.40 -8.13
N ALA C 97 13.63 26.39 -8.97
CA ALA C 97 15.00 26.89 -9.00
C ALA C 97 15.38 27.54 -7.68
N ASP C 98 14.42 28.14 -6.97
CA ASP C 98 14.73 28.83 -5.73
C ASP C 98 15.21 27.88 -4.64
N ILE C 99 14.91 26.59 -4.75
CA ILE C 99 15.40 25.61 -3.78
C ILE C 99 16.75 25.04 -4.21
N VAL C 100 16.91 24.74 -5.50
CA VAL C 100 18.15 24.20 -6.01
C VAL C 100 19.29 25.22 -5.88
N ASP C 101 18.97 26.50 -6.03
CA ASP C 101 19.99 27.54 -5.90
C ASP C 101 20.62 27.54 -4.52
N GLU C 102 19.85 27.19 -3.48
CA GLU C 102 20.42 27.10 -2.14
C GLU C 102 21.52 26.05 -2.09
N ALA C 103 21.24 24.88 -2.64
CA ALA C 103 22.25 23.82 -2.68
C ALA C 103 23.47 24.25 -3.48
N ARG C 104 23.24 24.91 -4.62
CA ARG C 104 24.36 25.33 -5.46
C ARG C 104 25.25 26.33 -4.71
N LYS C 105 24.63 27.32 -4.06
CA LYS C 105 25.41 28.31 -3.33
C LYS C 105 26.16 27.69 -2.17
N SER C 106 25.51 26.79 -1.44
CA SER C 106 26.18 26.11 -0.33
C SER C 106 27.37 25.30 -0.83
N PHE C 107 27.18 24.58 -1.94
CA PHE C 107 28.26 23.78 -2.51
C PHE C 107 29.45 24.65 -2.89
N VAL C 108 29.19 25.75 -3.60
CA VAL C 108 30.27 26.61 -4.05
C VAL C 108 30.99 27.25 -2.87
N ALA C 109 30.23 27.73 -1.89
CA ALA C 109 30.84 28.38 -0.73
C ALA C 109 31.69 27.40 0.07
N GLU C 110 31.19 26.17 0.28
CA GLU C 110 31.97 25.19 1.03
C GLU C 110 33.24 24.80 0.28
N LEU C 111 33.15 24.62 -1.04
CA LEU C 111 34.34 24.28 -1.80
C LEU C 111 35.37 25.41 -1.74
N ALA C 112 34.91 26.66 -1.84
CA ALA C 112 35.83 27.79 -1.74
C ALA C 112 36.49 27.86 -0.38
N ALA C 113 35.71 27.61 0.69
CA ALA C 113 36.26 27.65 2.04
C ALA C 113 37.29 26.54 2.25
N LYS C 114 37.00 25.33 1.76
CA LYS C 114 37.89 24.20 2.00
C LYS C 114 39.15 24.28 1.15
N THR C 115 38.99 24.33 -0.17
CA THR C 115 40.15 24.27 -1.06
C THR C 115 40.87 25.60 -1.19
N GLY C 116 40.26 26.70 -0.79
CA GLY C 116 40.91 27.99 -0.91
C GLY C 116 41.01 28.52 -2.32
N GLY C 117 40.19 28.01 -3.23
CA GLY C 117 40.20 28.46 -4.61
C GLY C 117 40.93 27.55 -5.58
N SER C 118 41.49 26.43 -5.11
CA SER C 118 42.21 25.54 -6.00
C SER C 118 41.26 24.73 -6.88
N VAL C 119 40.01 24.57 -6.46
CA VAL C 119 39.02 23.81 -7.20
C VAL C 119 38.03 24.79 -7.83
N GLU C 120 37.78 24.61 -9.13
CA GLU C 120 36.90 25.48 -9.89
C GLU C 120 35.59 24.75 -10.18
N VAL C 121 34.48 25.46 -10.03
CA VAL C 121 33.15 24.91 -10.25
C VAL C 121 32.52 25.63 -11.43
N GLU C 122 31.98 24.86 -12.37
CA GLU C 122 31.28 25.39 -13.54
C GLU C 122 29.83 24.96 -13.48
N ILE C 123 28.92 25.89 -13.80
CA ILE C 123 27.49 25.69 -13.63
C ILE C 123 26.85 25.57 -15.01
N PHE C 124 26.03 24.53 -15.17
CA PHE C 124 25.29 24.28 -16.41
C PHE C 124 23.82 24.13 -16.10
N ASP C 125 22.98 24.70 -16.94
CA ASP C 125 21.54 24.72 -16.73
C ASP C 125 20.85 23.75 -17.70
N VAL C 126 19.88 23.01 -17.18
CA VAL C 126 19.06 22.11 -17.99
C VAL C 126 17.59 22.35 -17.67
N PRO C 127 16.68 22.07 -18.59
CA PRO C 127 15.25 22.32 -18.29
C PRO C 127 14.72 21.51 -17.13
N GLY C 128 14.94 20.19 -17.12
CA GLY C 128 14.43 19.33 -16.08
C GLY C 128 15.41 18.24 -15.74
N ALA C 129 15.01 17.41 -14.77
CA ALA C 129 15.87 16.33 -14.32
C ALA C 129 16.08 15.28 -15.38
N TYR C 130 15.12 15.12 -16.30
CA TYR C 130 15.25 14.13 -17.36
C TYR C 130 16.41 14.43 -18.30
N GLU C 131 16.89 15.67 -18.33
CA GLU C 131 17.95 16.08 -19.23
C GLU C 131 19.33 15.94 -18.63
N ILE C 132 19.44 15.50 -17.37
CA ILE C 132 20.71 15.49 -16.65
C ILE C 132 21.65 14.39 -17.14
N PRO C 133 21.21 13.14 -17.29
CA PRO C 133 22.18 12.09 -17.66
C PRO C 133 22.89 12.33 -18.99
N LEU C 134 22.18 12.82 -20.02
CA LEU C 134 22.83 13.05 -21.29
C LEU C 134 23.83 14.20 -21.22
N HIS C 135 23.48 15.26 -20.50
CA HIS C 135 24.40 16.37 -20.31
C HIS C 135 25.64 15.91 -19.55
N ALA C 136 25.46 15.08 -18.52
CA ALA C 136 26.59 14.57 -17.78
C ALA C 136 27.49 13.71 -18.64
N LYS C 137 26.89 12.85 -19.47
CA LYS C 137 27.69 12.02 -20.37
C LYS C 137 28.46 12.88 -21.38
N THR C 138 27.82 13.91 -21.91
CA THR C 138 28.50 14.78 -22.86
C THR C 138 29.66 15.52 -22.20
N LEU C 139 29.47 16.00 -20.97
CA LEU C 139 30.52 16.74 -20.30
C LEU C 139 31.67 15.82 -19.86
N ALA C 140 31.34 14.59 -19.46
CA ALA C 140 32.37 13.70 -18.94
C ALA C 140 33.33 13.24 -20.03
N ARG C 141 32.85 13.05 -21.25
CA ARG C 141 33.68 12.50 -22.31
C ARG C 141 34.74 13.47 -22.81
N THR C 142 34.68 14.73 -22.41
CA THR C 142 35.67 15.72 -22.82
C THR C 142 36.84 15.80 -21.87
N GLY C 143 36.91 14.93 -20.86
CA GLY C 143 37.87 15.13 -19.79
C GLY C 143 37.52 16.39 -19.03
N ARG C 144 38.55 17.12 -18.59
CA ARG C 144 38.39 18.49 -18.13
C ARG C 144 37.68 18.59 -16.80
N TYR C 145 37.19 17.47 -16.27
CA TYR C 145 36.40 17.46 -15.05
C TYR C 145 36.72 16.22 -14.24
N ALA C 146 37.05 16.40 -12.97
CA ALA C 146 37.31 15.27 -12.10
C ALA C 146 36.04 14.68 -11.50
N ALA C 147 34.94 15.44 -11.48
CA ALA C 147 33.68 14.94 -10.95
C ALA C 147 32.55 15.76 -11.54
N ILE C 148 31.34 15.21 -11.45
CA ILE C 148 30.14 15.86 -11.95
C ILE C 148 29.05 15.76 -10.88
N VAL C 149 28.34 16.85 -10.66
CA VAL C 149 27.28 16.92 -9.66
C VAL C 149 25.98 17.29 -10.36
N GLY C 150 24.93 16.52 -10.09
CA GLY C 150 23.62 16.80 -10.63
C GLY C 150 22.61 17.11 -9.54
N ALA C 151 21.96 18.27 -9.63
CA ALA C 151 21.04 18.73 -8.61
C ALA C 151 19.65 18.93 -9.21
N ALA C 152 18.64 18.36 -8.57
CA ALA C 152 17.26 18.51 -9.02
C ALA C 152 16.33 18.24 -7.86
N PHE C 153 15.10 18.71 -7.99
CA PHE C 153 14.06 18.54 -6.98
C PHE C 153 12.85 17.92 -7.67
N VAL C 154 12.70 16.60 -7.54
CA VAL C 154 11.63 15.86 -8.19
C VAL C 154 10.55 15.58 -7.16
N ILE C 155 9.37 16.15 -7.37
CA ILE C 155 8.28 16.07 -6.41
C ILE C 155 7.06 15.47 -7.10
N ASP C 156 6.10 15.05 -6.28
CA ASP C 156 4.81 14.54 -6.75
C ASP C 156 3.83 15.70 -6.80
N GLY C 157 3.40 16.06 -8.02
CA GLY C 157 2.50 17.19 -8.19
C GLY C 157 1.04 16.90 -7.90
N GLY C 158 0.70 15.65 -7.62
CA GLY C 158 -0.67 15.29 -7.32
C GLY C 158 -1.54 15.00 -8.52
N ILE C 159 -1.00 15.10 -9.73
CA ILE C 159 -1.75 14.84 -10.95
C ILE C 159 -1.18 13.63 -11.70
N TYR C 160 0.13 13.63 -11.93
CA TYR C 160 0.79 12.54 -12.64
C TYR C 160 1.76 11.83 -11.72
N ARG C 161 1.96 10.54 -11.98
CA ARG C 161 2.95 9.78 -11.24
C ARG C 161 4.36 10.23 -11.61
N HIS C 162 5.23 10.31 -10.60
CA HIS C 162 6.56 10.87 -10.77
C HIS C 162 7.68 9.88 -10.55
N ASP C 163 7.40 8.65 -10.12
CA ASP C 163 8.47 7.73 -9.77
C ASP C 163 9.20 7.21 -11.00
N PHE C 164 8.53 7.15 -12.15
CA PHE C 164 9.18 6.66 -13.36
C PHE C 164 10.36 7.55 -13.75
N VAL C 165 10.14 8.87 -13.75
CA VAL C 165 11.19 9.80 -14.15
C VAL C 165 12.36 9.76 -13.17
N ALA C 166 12.06 9.71 -11.86
CA ALA C 166 13.13 9.66 -10.87
C ALA C 166 13.95 8.39 -11.01
N THR C 167 13.29 7.25 -11.18
CA THR C 167 13.99 5.99 -11.37
C THR C 167 14.86 6.04 -12.61
N ALA C 168 14.32 6.56 -13.72
CA ALA C 168 15.09 6.65 -14.94
C ALA C 168 16.31 7.54 -14.78
N VAL C 169 16.15 8.67 -14.09
CA VAL C 169 17.26 9.61 -13.93
C VAL C 169 18.36 8.99 -13.08
N ILE C 170 17.99 8.36 -11.96
CA ILE C 170 19.00 7.76 -11.10
C ILE C 170 19.74 6.63 -11.83
N ASN C 171 18.99 5.77 -12.52
CA ASN C 171 19.61 4.68 -13.26
C ASN C 171 20.52 5.20 -14.36
N GLY C 172 20.09 6.24 -15.08
CA GLY C 172 20.91 6.80 -16.13
C GLY C 172 22.17 7.44 -15.62
N MET C 173 22.08 8.13 -14.48
CA MET C 173 23.28 8.70 -13.88
C MET C 173 24.26 7.61 -13.47
N MET C 174 23.77 6.51 -12.89
CA MET C 174 24.65 5.40 -12.55
C MET C 174 25.27 4.79 -13.81
N GLN C 175 24.49 4.66 -14.88
CA GLN C 175 24.99 4.09 -16.12
C GLN C 175 26.08 4.96 -16.73
N VAL C 176 25.88 6.28 -16.73
CA VAL C 176 26.90 7.19 -17.23
C VAL C 176 28.15 7.11 -16.38
N GLN C 177 27.98 7.05 -15.06
CA GLN C 177 29.11 6.90 -14.14
C GLN C 177 29.94 5.67 -14.50
N LEU C 178 29.28 4.53 -14.70
CA LEU C 178 30.01 3.30 -15.01
C LEU C 178 30.60 3.35 -16.42
N GLU C 179 29.95 4.05 -17.35
CA GLU C 179 30.42 4.08 -18.72
C GLU C 179 31.67 4.93 -18.87
N THR C 180 31.68 6.12 -18.28
CA THR C 180 32.73 7.10 -18.53
C THR C 180 33.84 7.08 -17.49
N GLU C 181 33.71 6.27 -16.43
CA GLU C 181 34.70 6.21 -15.35
C GLU C 181 34.96 7.58 -14.72
N VAL C 182 33.91 8.39 -14.61
CA VAL C 182 33.99 9.71 -13.98
C VAL C 182 32.94 9.76 -12.88
N PRO C 183 33.30 10.08 -11.64
CA PRO C 183 32.32 10.08 -10.56
C PRO C 183 31.20 11.07 -10.82
N VAL C 184 29.97 10.65 -10.48
CA VAL C 184 28.79 11.50 -10.60
C VAL C 184 28.09 11.51 -9.25
N LEU C 185 28.04 12.67 -8.61
CA LEU C 185 27.37 12.83 -7.34
C LEU C 185 25.91 13.17 -7.57
N SER C 186 25.03 12.60 -6.75
CA SER C 186 23.59 12.75 -6.92
C SER C 186 23.04 13.67 -5.83
N VAL C 187 22.45 14.78 -6.26
CA VAL C 187 21.70 15.65 -5.35
C VAL C 187 20.28 15.75 -5.89
N VAL C 188 19.84 14.69 -6.56
CA VAL C 188 18.47 14.60 -7.06
C VAL C 188 17.63 13.95 -5.96
N LEU C 189 16.78 14.76 -5.32
CA LEU C 189 16.08 14.36 -4.12
C LEU C 189 14.57 14.34 -4.37
N THR C 190 13.91 13.34 -3.81
CA THR C 190 12.45 13.19 -3.94
C THR C 190 11.83 13.14 -2.56
N PRO C 191 11.16 14.20 -2.10
CA PRO C 191 10.56 14.18 -0.77
C PRO C 191 9.33 13.30 -0.71
N HIS C 192 9.03 12.83 0.50
CA HIS C 192 7.83 12.03 0.71
C HIS C 192 6.56 12.84 0.44
N HIS C 193 6.50 14.08 0.94
CA HIS C 193 5.35 14.94 0.75
C HIS C 193 5.82 16.36 0.47
N PHE C 194 5.24 17.00 -0.54
CA PHE C 194 5.49 18.40 -0.82
C PHE C 194 4.23 18.98 -1.44
N HIS C 195 3.48 19.76 -0.66
CA HIS C 195 2.20 20.31 -1.10
C HIS C 195 2.29 21.80 -1.41
N GLU C 196 3.49 22.31 -1.69
CA GLU C 196 3.74 23.69 -2.09
C GLU C 196 3.16 24.71 -1.10
N SER C 197 2.89 24.29 0.13
CA SER C 197 2.47 25.23 1.16
C SER C 197 3.65 26.05 1.64
N LYS C 198 3.35 27.08 2.44
CA LYS C 198 4.41 27.93 2.97
C LYS C 198 5.32 27.15 3.91
N GLU C 199 4.75 26.27 4.73
CA GLU C 199 5.55 25.49 5.66
C GLU C 199 6.52 24.56 4.93
N HIS C 200 6.05 23.92 3.85
CA HIS C 200 6.89 23.00 3.12
C HIS C 200 8.04 23.72 2.42
N HIS C 201 7.78 24.93 1.91
CA HIS C 201 8.80 25.64 1.15
C HIS C 201 10.01 25.99 2.02
N ASP C 202 9.76 26.51 3.21
CA ASP C 202 10.85 26.95 4.08
C ASP C 202 11.72 25.78 4.53
N PHE C 203 11.10 24.65 4.85
CA PHE C 203 11.85 23.50 5.36
C PHE C 203 12.88 23.02 4.34
N PHE C 204 12.44 22.80 3.10
CA PHE C 204 13.37 22.31 2.09
C PHE C 204 14.33 23.40 1.64
N HIS C 205 13.87 24.65 1.61
CA HIS C 205 14.76 25.76 1.34
C HIS C 205 15.93 25.78 2.31
N ALA C 206 15.66 25.46 3.58
CA ALA C 206 16.74 25.41 4.57
C ALA C 206 17.56 24.12 4.45
N HIS C 207 16.92 23.00 4.11
CA HIS C 207 17.62 21.72 4.13
C HIS C 207 18.57 21.58 2.94
N PHE C 208 18.28 22.24 1.83
CA PHE C 208 19.14 22.09 0.66
C PHE C 208 20.55 22.66 0.90
N LYS C 209 20.72 23.60 1.83
CA LYS C 209 22.06 24.06 2.17
C LYS C 209 22.89 22.94 2.78
N VAL C 210 22.30 22.20 3.73
CA VAL C 210 22.98 21.07 4.33
C VAL C 210 23.28 20.03 3.27
N LYS C 211 22.33 19.80 2.36
CA LYS C 211 22.58 18.83 1.29
C LYS C 211 23.75 19.25 0.42
N GLY C 212 23.85 20.55 0.10
CA GLY C 212 24.97 21.03 -0.70
C GLY C 212 26.31 20.88 0.01
N VAL C 213 26.34 21.18 1.30
CA VAL C 213 27.59 21.01 2.06
C VAL C 213 28.01 19.54 2.07
N GLU C 214 27.06 18.64 2.30
CA GLU C 214 27.36 17.22 2.28
C GLU C 214 27.89 16.79 0.91
N ALA C 215 27.27 17.30 -0.16
CA ALA C 215 27.72 16.95 -1.50
C ALA C 215 29.15 17.44 -1.75
N ALA C 216 29.49 18.64 -1.28
CA ALA C 216 30.84 19.15 -1.46
C ALA C 216 31.86 18.27 -0.76
N HIS C 217 31.56 17.89 0.50
CA HIS C 217 32.48 17.02 1.23
C HIS C 217 32.63 15.68 0.53
N ALA C 218 31.52 15.11 0.06
CA ALA C 218 31.58 13.81 -0.62
C ALA C 218 32.40 13.89 -1.89
N ALA C 219 32.23 14.96 -2.67
CA ALA C 219 32.99 15.11 -3.91
C ALA C 219 34.48 15.20 -3.63
N LEU C 220 34.86 16.02 -2.65
CA LEU C 220 36.29 16.13 -2.32
C LEU C 220 36.85 14.77 -1.90
N GLN C 221 36.12 14.08 -1.02
CA GLN C 221 36.62 12.79 -0.51
C GLN C 221 36.76 11.77 -1.63
N ILE C 222 35.77 11.69 -2.53
CA ILE C 222 35.82 10.67 -3.57
C ILE C 222 36.92 10.97 -4.58
N VAL C 223 37.12 12.25 -4.91
CA VAL C 223 38.21 12.59 -5.83
C VAL C 223 39.56 12.23 -5.20
N SER C 224 39.74 12.55 -3.92
CA SER C 224 41.00 12.21 -3.26
C SER C 224 41.21 10.69 -3.22
N GLU C 225 40.16 9.93 -2.93
CA GLU C 225 40.28 8.48 -2.85
C GLU C 225 40.64 7.88 -4.20
N ARG C 226 39.98 8.34 -5.27
CA ARG C 226 40.33 7.84 -6.60
C ARG C 226 41.76 8.17 -6.97
N SER C 227 42.21 9.40 -6.66
CA SER C 227 43.59 9.76 -6.91
C SER C 227 44.55 8.85 -6.15
N ARG C 228 44.20 8.51 -4.91
CA ARG C 228 45.07 7.67 -4.09
C ARG C 228 45.16 6.25 -4.65
N ILE C 229 44.01 5.63 -4.94
CA ILE C 229 44.03 4.27 -5.44
C ILE C 229 44.53 4.17 -6.87
N ALA C 230 44.60 5.28 -7.60
CA ALA C 230 45.20 5.25 -8.94
C ALA C 230 46.72 5.13 -8.88
N ALA C 231 47.31 5.01 -7.70
CA ALA C 231 48.75 4.88 -7.53
C ALA C 231 49.51 6.04 -8.17
N MET D 1 45.40 18.09 -50.49
CA MET D 1 46.24 19.24 -50.82
C MET D 1 45.43 20.33 -51.51
N HIS D 2 46.07 21.05 -52.43
CA HIS D 2 45.43 22.16 -53.14
C HIS D 2 44.82 21.63 -54.44
N THR D 3 43.52 21.35 -54.41
CA THR D 3 42.78 20.86 -55.57
C THR D 3 41.29 21.05 -55.31
N PRO D 4 40.54 21.59 -56.27
CA PRO D 4 39.10 21.82 -56.05
C PRO D 4 38.38 20.53 -55.74
N ASP D 5 37.45 20.61 -54.79
CA ASP D 5 36.72 19.43 -54.33
C ASP D 5 35.70 18.98 -55.37
N CYS D 6 35.50 17.67 -55.46
CA CYS D 6 34.52 17.07 -56.35
C CYS D 6 33.39 16.40 -55.58
N VAL D 7 33.71 15.48 -54.68
CA VAL D 7 32.72 14.79 -53.86
C VAL D 7 33.17 14.81 -52.41
N THR D 8 32.18 14.77 -51.51
CA THR D 8 32.46 14.76 -50.07
C THR D 8 31.35 14.02 -49.37
N GLY D 9 31.69 12.97 -48.64
CA GLY D 9 30.71 12.19 -47.92
C GLY D 9 31.26 10.86 -47.49
N LYS D 10 30.40 10.09 -46.84
CA LYS D 10 30.78 8.76 -46.38
C LYS D 10 30.97 7.81 -47.56
N VAL D 11 31.90 6.87 -47.39
CA VAL D 11 32.17 5.88 -48.43
C VAL D 11 31.05 4.86 -48.45
N GLU D 12 30.32 4.80 -49.57
CA GLU D 12 29.26 3.80 -49.70
C GLU D 12 29.85 2.39 -49.80
N TYR D 13 30.84 2.21 -50.66
CA TYR D 13 31.50 0.92 -50.81
C TYR D 13 32.87 1.13 -51.44
N THR D 14 33.74 0.15 -51.27
CA THR D 14 35.07 0.16 -51.84
C THR D 14 35.23 -1.07 -52.74
N LYS D 15 35.53 -0.82 -54.02
CA LYS D 15 35.56 -1.87 -55.03
C LYS D 15 36.96 -2.05 -55.57
N TYR D 16 37.32 -3.30 -55.85
CA TYR D 16 38.59 -3.64 -56.48
C TYR D 16 38.34 -4.00 -57.94
N ASN D 17 39.13 -3.41 -58.84
CA ASN D 17 38.96 -3.62 -60.27
C ASN D 17 39.95 -4.68 -60.76
N ASP D 18 39.88 -4.97 -62.06
CA ASP D 18 40.75 -5.98 -62.65
C ASP D 18 42.18 -5.47 -62.80
N ASP D 19 42.37 -4.16 -62.93
CA ASP D 19 43.69 -3.56 -63.14
C ASP D 19 44.37 -3.18 -61.83
N ASP D 20 44.03 -3.87 -60.73
CA ASP D 20 44.62 -3.61 -59.42
C ASP D 20 44.41 -2.16 -58.99
N THR D 21 43.23 -1.62 -59.27
CA THR D 21 42.87 -0.27 -58.89
C THR D 21 41.70 -0.31 -57.92
N PHE D 22 41.69 0.64 -56.99
CA PHE D 22 40.69 0.70 -55.93
C PHE D 22 39.60 1.70 -56.31
N THR D 23 38.39 1.19 -56.56
CA THR D 23 37.25 2.02 -56.89
C THR D 23 36.43 2.28 -55.63
N VAL D 24 36.26 3.56 -55.30
CA VAL D 24 35.54 3.96 -54.09
C VAL D 24 34.42 4.91 -54.48
N LYS D 25 33.23 4.66 -53.94
CA LYS D 25 32.06 5.49 -54.22
C LYS D 25 31.86 6.47 -53.08
N VAL D 26 32.12 7.75 -53.35
CA VAL D 26 31.94 8.83 -52.40
C VAL D 26 30.94 9.82 -52.98
N GLY D 27 29.89 10.11 -52.22
CA GLY D 27 28.84 10.98 -52.73
C GLY D 27 28.07 10.32 -53.85
N ASP D 28 27.72 11.10 -54.86
CA ASP D 28 26.96 10.61 -56.00
C ASP D 28 27.85 10.19 -57.17
N LYS D 29 29.16 10.22 -57.01
CA LYS D 29 30.10 9.89 -58.08
C LYS D 29 31.02 8.76 -57.62
N GLU D 30 31.35 7.87 -58.55
CA GLU D 30 32.24 6.74 -58.30
C GLU D 30 33.60 7.15 -58.85
N LEU D 31 34.65 6.92 -58.09
CA LEU D 31 36.01 7.22 -58.50
C LEU D 31 36.94 6.09 -58.10
N PHE D 32 38.05 5.96 -58.83
CA PHE D 32 39.01 4.91 -58.60
C PHE D 32 40.42 5.49 -58.43
N THR D 33 41.23 4.80 -57.64
CA THR D 33 42.60 5.20 -57.37
C THR D 33 43.54 4.03 -57.59
N ASN D 34 44.80 4.34 -57.87
CA ASN D 34 45.82 3.33 -58.18
C ASN D 34 46.86 3.20 -57.09
N ARG D 35 46.64 3.76 -55.90
CA ARG D 35 47.59 3.68 -54.81
C ARG D 35 47.23 2.48 -53.93
N TRP D 36 48.19 1.57 -53.75
CA TRP D 36 47.93 0.36 -52.98
C TRP D 36 47.65 0.69 -51.51
N ASN D 37 48.41 1.63 -50.94
CA ASN D 37 48.15 2.02 -49.55
C ASN D 37 46.81 2.72 -49.42
N LEU D 38 46.39 3.46 -50.44
CA LEU D 38 45.07 4.08 -50.41
C LEU D 38 43.96 3.05 -50.36
N GLN D 39 44.19 1.85 -50.91
CA GLN D 39 43.19 0.79 -50.80
C GLN D 39 42.96 0.42 -49.35
N SER D 40 44.05 0.17 -48.60
CA SER D 40 43.90 -0.16 -47.19
C SER D 40 43.32 1.01 -46.40
N LEU D 41 43.73 2.23 -46.74
CA LEU D 41 43.22 3.40 -46.04
C LEU D 41 41.71 3.53 -46.22
N LEU D 42 41.23 3.40 -47.45
CA LEU D 42 39.80 3.50 -47.72
C LEU D 42 39.03 2.34 -47.10
N LEU D 43 39.61 1.13 -47.14
CA LEU D 43 38.96 -0.01 -46.49
C LEU D 43 38.80 0.21 -45.00
N SER D 44 39.85 0.71 -44.34
CA SER D 44 39.77 0.99 -42.91
C SER D 44 38.79 2.11 -42.60
N ALA D 45 38.77 3.15 -43.45
CA ALA D 45 37.82 4.24 -43.25
C ALA D 45 36.38 3.75 -43.37
N GLN D 46 36.11 2.91 -44.37
CA GLN D 46 34.77 2.34 -44.52
C GLN D 46 34.42 1.43 -43.35
N ILE D 47 35.39 0.65 -42.87
CA ILE D 47 35.15 -0.26 -41.75
C ILE D 47 34.83 0.54 -40.49
N THR D 48 35.60 1.59 -40.21
CA THR D 48 35.43 2.40 -39.01
C THR D 48 34.46 3.55 -39.20
N GLY D 49 33.84 3.66 -40.38
CA GLY D 49 32.89 4.73 -40.63
C GLY D 49 33.53 6.11 -40.61
N MET D 50 34.72 6.24 -41.18
CA MET D 50 35.43 7.50 -41.27
C MET D 50 35.26 8.07 -42.67
N THR D 51 34.75 9.29 -42.75
CA THR D 51 34.51 9.93 -44.04
C THR D 51 35.83 10.39 -44.67
N VAL D 52 35.84 10.43 -45.99
CA VAL D 52 36.98 10.93 -46.75
C VAL D 52 36.46 11.93 -47.79
N THR D 53 37.34 12.84 -48.19
CA THR D 53 37.02 13.83 -49.21
C THR D 53 37.97 13.63 -50.38
N ILE D 54 37.41 13.38 -51.56
CA ILE D 54 38.19 13.15 -52.77
C ILE D 54 38.01 14.36 -53.68
N LYS D 55 39.12 15.02 -54.00
CA LYS D 55 39.12 16.20 -54.86
C LYS D 55 39.88 15.87 -56.13
N THR D 56 39.25 16.13 -57.28
CA THR D 56 39.87 15.89 -58.57
C THR D 56 39.18 16.73 -59.62
N ASN D 57 39.87 16.94 -60.74
CA ASN D 57 39.30 17.70 -61.85
C ASN D 57 38.29 16.89 -62.66
N ALA D 58 38.33 15.55 -62.56
CA ALA D 58 37.42 14.68 -63.29
C ALA D 58 36.27 14.30 -62.35
N CYS D 59 35.32 15.22 -62.22
CA CYS D 59 34.16 15.00 -61.35
C CYS D 59 33.08 14.23 -62.11
N HIS D 60 33.35 12.94 -62.30
CA HIS D 60 32.43 12.06 -63.00
C HIS D 60 32.65 10.63 -62.53
N ASN D 61 31.68 9.77 -62.85
CA ASN D 61 31.78 8.37 -62.46
C ASN D 61 32.93 7.69 -63.19
N GLY D 62 33.71 6.89 -62.45
CA GLY D 62 34.84 6.20 -63.01
C GLY D 62 36.10 7.02 -63.14
N GLY D 63 36.10 8.27 -62.69
CA GLY D 63 37.28 9.09 -62.82
C GLY D 63 38.39 8.69 -61.86
N GLY D 64 39.60 9.13 -62.18
CA GLY D 64 40.77 8.81 -61.39
C GLY D 64 41.16 9.94 -60.45
N PHE D 65 41.80 9.56 -59.34
CA PHE D 65 42.24 10.54 -58.35
C PHE D 65 43.45 9.99 -57.62
N SER D 66 44.21 10.89 -57.00
CA SER D 66 45.37 10.52 -56.21
C SER D 66 45.47 11.25 -54.87
N GLU D 67 44.70 12.30 -54.66
CA GLU D 67 44.73 13.08 -53.43
C GLU D 67 43.42 12.89 -52.68
N VAL D 68 43.50 12.47 -51.42
CA VAL D 68 42.33 12.22 -50.60
C VAL D 68 42.47 13.03 -49.31
N ILE D 69 41.41 13.75 -48.95
CA ILE D 69 41.34 14.47 -47.68
C ILE D 69 40.61 13.58 -46.67
N PHE D 70 41.29 13.25 -45.58
CA PHE D 70 40.72 12.42 -44.52
C PHE D 70 40.22 13.25 -43.34
N ARG D 71 40.14 14.57 -43.50
CA ARG D 71 39.67 15.43 -42.43
C ARG D 71 38.18 15.19 -42.18
N GLY D 72 37.75 15.49 -40.95
CA GLY D 72 36.37 15.30 -40.56
C GLY D 72 35.38 16.06 -41.41
N SER D 73 34.38 15.34 -41.94
CA SER D 73 33.36 15.94 -42.78
C SER D 73 31.95 15.52 -42.43
N GLY D 74 31.77 14.72 -41.38
CA GLY D 74 30.45 14.27 -40.98
C GLY D 74 30.43 12.80 -40.59
N SER D 75 31.32 12.01 -41.18
CA SER D 75 31.44 10.58 -40.91
C SER D 75 30.15 9.82 -41.17
N GLY D 76 29.36 10.29 -42.14
CA GLY D 76 28.10 9.63 -42.47
C GLY D 76 26.89 10.52 -42.25
N SER D 77 26.05 10.15 -41.29
CA SER D 77 24.85 10.93 -41.00
C SER D 77 25.21 12.29 -40.42
N GLY D 78 24.42 13.30 -40.78
CA GLY D 78 24.63 14.64 -40.28
C GLY D 78 23.87 15.70 -41.05
N SER D 79 23.27 16.65 -40.34
CA SER D 79 22.51 17.72 -40.97
C SER D 79 22.40 18.88 -39.99
N GLY D 80 22.09 20.05 -40.53
CA GLY D 80 21.92 21.24 -39.71
C GLY D 80 22.57 22.47 -40.28
N SER D 81 21.81 23.56 -40.36
CA SER D 81 22.30 24.84 -40.86
C SER D 81 22.22 25.88 -39.76
N LEU D 82 23.23 26.75 -39.70
CA LEU D 82 23.32 27.80 -38.69
C LEU D 82 23.22 27.21 -37.29
N LYS D 83 22.52 27.90 -36.40
CA LYS D 83 22.29 27.41 -35.05
C LYS D 83 20.84 27.51 -34.59
N THR D 84 20.03 28.40 -35.17
CA THR D 84 18.62 28.52 -34.82
C THR D 84 17.70 27.92 -35.87
N SER D 85 18.24 27.25 -36.88
CA SER D 85 17.45 26.62 -37.94
C SER D 85 17.74 25.13 -37.90
N PHE D 86 16.84 24.37 -37.30
CA PHE D 86 16.99 22.93 -37.18
C PHE D 86 15.61 22.29 -37.29
N LYS D 87 15.54 20.98 -37.05
CA LYS D 87 14.30 20.23 -37.19
C LYS D 87 14.07 19.39 -35.95
N ILE D 88 12.80 19.18 -35.63
CA ILE D 88 12.38 18.40 -34.47
C ILE D 88 11.38 17.35 -34.92
N ALA D 89 11.54 16.14 -34.42
CA ALA D 89 10.64 15.04 -34.75
C ALA D 89 9.67 14.81 -33.60
N PHE D 90 8.38 14.81 -33.91
CA PHE D 90 7.32 14.64 -32.92
C PHE D 90 6.66 13.28 -33.15
N ILE D 91 6.71 12.41 -32.14
CA ILE D 91 6.15 11.07 -32.21
C ILE D 91 4.98 11.01 -31.23
N GLN D 92 3.80 10.66 -31.74
CA GLN D 92 2.58 10.64 -30.94
C GLN D 92 1.90 9.29 -31.06
N ALA D 93 1.52 8.72 -29.92
CA ALA D 93 0.72 7.52 -29.92
C ALA D 93 -0.73 7.85 -30.31
N ARG D 94 -1.45 6.81 -30.74
CA ARG D 94 -2.82 6.99 -31.23
C ARG D 94 -3.86 6.49 -30.23
N TRP D 95 -3.47 6.18 -29.01
CA TRP D 95 -4.42 5.90 -27.94
C TRP D 95 -4.79 7.20 -27.26
N HIS D 96 -6.10 7.45 -27.12
CA HIS D 96 -6.62 8.72 -26.61
C HIS D 96 -6.08 9.88 -27.45
N ALA D 97 -6.27 9.78 -28.76
CA ALA D 97 -5.69 10.74 -29.68
C ALA D 97 -6.22 12.16 -29.46
N ASP D 98 -7.48 12.28 -29.02
CA ASP D 98 -8.06 13.60 -28.82
C ASP D 98 -7.37 14.40 -27.73
N ILE D 99 -6.67 13.74 -26.81
CA ILE D 99 -5.93 14.44 -25.77
C ILE D 99 -4.51 14.75 -26.22
N VAL D 100 -3.86 13.80 -26.89
CA VAL D 100 -2.49 14.01 -27.37
C VAL D 100 -2.45 15.09 -28.43
N ASP D 101 -3.50 15.20 -29.25
CA ASP D 101 -3.54 16.22 -30.29
C ASP D 101 -3.47 17.62 -29.70
N GLU D 102 -4.04 17.81 -28.49
CA GLU D 102 -3.94 19.12 -27.85
C GLU D 102 -2.50 19.48 -27.58
N ALA D 103 -1.72 18.54 -27.03
CA ALA D 103 -0.31 18.79 -26.78
C ALA D 103 0.44 19.04 -28.08
N ARG D 104 0.13 18.28 -29.12
CA ARG D 104 0.83 18.47 -30.39
C ARG D 104 0.57 19.86 -30.97
N LYS D 105 -0.70 20.27 -30.98
CA LYS D 105 -1.06 21.59 -31.51
C LYS D 105 -0.42 22.70 -30.68
N SER D 106 -0.45 22.57 -29.36
CA SER D 106 0.16 23.58 -28.51
C SER D 106 1.66 23.67 -28.75
N PHE D 107 2.33 22.52 -28.88
CA PHE D 107 3.76 22.49 -29.15
C PHE D 107 4.08 23.20 -30.47
N VAL D 108 3.35 22.85 -31.52
CA VAL D 108 3.63 23.45 -32.84
C VAL D 108 3.38 24.95 -32.82
N ALA D 109 2.26 25.37 -32.22
CA ALA D 109 1.94 26.79 -32.18
C ALA D 109 2.98 27.57 -31.39
N GLU D 110 3.41 27.05 -30.24
CA GLU D 110 4.41 27.76 -29.45
C GLU D 110 5.74 27.84 -30.18
N LEU D 111 6.15 26.76 -30.85
CA LEU D 111 7.40 26.81 -31.60
C LEU D 111 7.32 27.82 -32.74
N ALA D 112 6.18 27.86 -33.44
CA ALA D 112 6.01 28.84 -34.51
C ALA D 112 6.06 30.26 -33.97
N ALA D 113 5.41 30.50 -32.83
CA ALA D 113 5.40 31.84 -32.25
C ALA D 113 6.80 32.26 -31.81
N LYS D 114 7.55 31.36 -31.20
CA LYS D 114 8.86 31.71 -30.67
C LYS D 114 9.90 31.86 -31.79
N THR D 115 10.12 30.80 -32.56
CA THR D 115 11.19 30.80 -33.55
C THR D 115 10.82 31.57 -34.82
N GLY D 116 9.53 31.84 -35.04
CA GLY D 116 9.13 32.54 -36.24
C GLY D 116 9.21 31.73 -37.50
N GLY D 117 9.23 30.41 -37.41
CA GLY D 117 9.30 29.54 -38.56
C GLY D 117 10.67 28.99 -38.88
N SER D 118 11.69 29.31 -38.08
CA SER D 118 13.03 28.80 -38.34
C SER D 118 13.15 27.33 -37.97
N VAL D 119 12.33 26.85 -37.05
CA VAL D 119 12.36 25.47 -36.59
C VAL D 119 11.19 24.72 -37.22
N GLU D 120 11.48 23.56 -37.80
CA GLU D 120 10.48 22.74 -38.48
C GLU D 120 10.16 21.53 -37.62
N VAL D 121 8.88 21.17 -37.56
CA VAL D 121 8.40 20.05 -36.77
C VAL D 121 7.79 19.02 -37.73
N GLU D 122 8.19 17.77 -37.57
CA GLU D 122 7.66 16.66 -38.35
C GLU D 122 6.94 15.70 -37.42
N ILE D 123 5.78 15.22 -37.86
CA ILE D 123 4.89 14.41 -37.02
C ILE D 123 4.90 12.98 -37.51
N PHE D 124 5.09 12.04 -36.59
CA PHE D 124 5.08 10.62 -36.87
C PHE D 124 4.09 9.92 -35.95
N ASP D 125 3.35 8.97 -36.50
CA ASP D 125 2.30 8.26 -35.78
C ASP D 125 2.75 6.84 -35.45
N VAL D 126 2.45 6.41 -34.23
CA VAL D 126 2.72 5.04 -33.80
C VAL D 126 1.46 4.48 -33.14
N PRO D 127 1.26 3.16 -33.14
CA PRO D 127 0.04 2.61 -32.54
C PRO D 127 -0.07 2.89 -31.05
N GLY D 128 0.99 2.65 -30.29
CA GLY D 128 0.94 2.81 -28.85
C GLY D 128 2.25 3.32 -28.31
N ALA D 129 2.30 3.52 -26.99
CA ALA D 129 3.50 4.03 -26.35
C ALA D 129 4.66 3.04 -26.42
N TYR D 130 4.36 1.74 -26.47
CA TYR D 130 5.40 0.74 -26.53
C TYR D 130 6.23 0.82 -27.81
N GLU D 131 5.70 1.48 -28.85
CA GLU D 131 6.38 1.58 -30.13
C GLU D 131 7.25 2.82 -30.25
N ILE D 132 7.31 3.65 -29.21
CA ILE D 132 7.99 4.96 -29.28
C ILE D 132 9.51 4.81 -29.25
N PRO D 133 10.10 4.05 -28.32
CA PRO D 133 11.58 4.02 -28.27
C PRO D 133 12.25 3.54 -29.56
N LEU D 134 11.70 2.52 -30.21
CA LEU D 134 12.33 2.02 -31.44
C LEU D 134 12.20 3.04 -32.56
N HIS D 135 11.04 3.69 -32.68
CA HIS D 135 10.88 4.73 -33.68
C HIS D 135 11.84 5.89 -33.44
N ALA D 136 11.99 6.30 -32.18
CA ALA D 136 12.92 7.37 -31.86
C ALA D 136 14.35 6.98 -32.19
N LYS D 137 14.74 5.75 -31.88
CA LYS D 137 16.08 5.29 -32.22
C LYS D 137 16.29 5.29 -33.73
N THR D 138 15.30 4.80 -34.48
CA THR D 138 15.43 4.76 -35.93
C THR D 138 15.56 6.17 -36.51
N LEU D 139 14.79 7.12 -35.98
CA LEU D 139 14.86 8.49 -36.49
C LEU D 139 16.16 9.18 -36.08
N ALA D 140 16.71 8.82 -34.92
CA ALA D 140 17.90 9.51 -34.42
C ALA D 140 19.13 9.20 -35.26
N ARG D 141 19.29 7.95 -35.70
CA ARG D 141 20.50 7.55 -36.41
C ARG D 141 20.62 8.19 -37.79
N THR D 142 19.57 8.81 -38.30
CA THR D 142 19.62 9.45 -39.61
C THR D 142 20.14 10.88 -39.54
N GLY D 143 20.54 11.36 -38.37
CA GLY D 143 20.79 12.78 -38.23
C GLY D 143 19.49 13.54 -38.42
N ARG D 144 19.58 14.70 -39.05
CA ARG D 144 18.42 15.38 -39.61
C ARG D 144 17.51 15.97 -38.54
N TYR D 145 17.80 15.71 -37.27
CA TYR D 145 16.94 16.14 -36.18
C TYR D 145 17.79 16.53 -34.99
N ALA D 146 17.56 17.73 -34.46
CA ALA D 146 18.29 18.17 -33.28
C ALA D 146 17.66 17.69 -31.98
N ALA D 147 16.40 17.25 -32.03
CA ALA D 147 15.73 16.75 -30.84
C ALA D 147 14.57 15.88 -31.27
N ILE D 148 14.09 15.06 -30.33
CA ILE D 148 12.97 14.15 -30.56
C ILE D 148 12.02 14.26 -29.38
N VAL D 149 10.72 14.34 -29.67
CA VAL D 149 9.68 14.48 -28.66
C VAL D 149 8.74 13.29 -28.78
N GLY D 150 8.47 12.62 -27.65
CA GLY D 150 7.52 11.53 -27.63
C GLY D 150 6.33 11.83 -26.74
N ALA D 151 5.13 11.76 -27.28
CA ALA D 151 3.91 12.11 -26.57
C ALA D 151 2.99 10.90 -26.50
N ALA D 152 2.52 10.59 -25.29
CA ALA D 152 1.59 9.48 -25.10
C ALA D 152 0.83 9.69 -23.81
N PHE D 153 -0.31 9.01 -23.69
CA PHE D 153 -1.18 9.07 -22.52
C PHE D 153 -1.39 7.65 -22.03
N VAL D 154 -0.64 7.25 -21.00
CA VAL D 154 -0.69 5.89 -20.47
C VAL D 154 -1.50 5.92 -19.19
N ILE D 155 -2.64 5.22 -19.19
CA ILE D 155 -3.58 5.24 -18.08
C ILE D 155 -3.84 3.82 -17.61
N ASP D 156 -4.42 3.73 -16.42
CA ASP D 156 -4.83 2.45 -15.83
C ASP D 156 -6.27 2.19 -16.22
N GLY D 157 -6.50 1.15 -17.03
CA GLY D 157 -7.83 0.85 -17.50
C GLY D 157 -8.71 0.10 -16.52
N GLY D 158 -8.16 -0.30 -15.37
CA GLY D 158 -8.92 -1.01 -14.37
C GLY D 158 -9.01 -2.51 -14.57
N ILE D 159 -8.39 -3.05 -15.62
CA ILE D 159 -8.41 -4.48 -15.89
C ILE D 159 -7.00 -5.07 -15.79
N TYR D 160 -6.03 -4.46 -16.47
CA TYR D 160 -4.65 -4.93 -16.48
C TYR D 160 -3.74 -3.89 -15.85
N ARG D 161 -2.66 -4.37 -15.25
CA ARG D 161 -1.66 -3.48 -14.69
C ARG D 161 -0.90 -2.76 -15.81
N HIS D 162 -0.65 -1.47 -15.60
CA HIS D 162 -0.09 -0.62 -16.64
C HIS D 162 1.31 -0.11 -16.33
N ASP D 163 1.82 -0.33 -15.13
CA ASP D 163 3.10 0.27 -14.74
C ASP D 163 4.27 -0.35 -15.48
N PHE D 164 4.17 -1.63 -15.87
CA PHE D 164 5.26 -2.29 -16.57
C PHE D 164 5.56 -1.59 -17.89
N VAL D 165 4.53 -1.29 -18.67
CA VAL D 165 4.72 -0.67 -19.98
C VAL D 165 5.29 0.73 -19.83
N ALA D 166 4.77 1.50 -18.87
CA ALA D 166 5.27 2.86 -18.66
C ALA D 166 6.73 2.85 -18.25
N THR D 167 7.10 1.95 -17.32
CA THR D 167 8.49 1.84 -16.90
C THR D 167 9.39 1.47 -18.08
N ALA D 168 8.94 0.50 -18.88
CA ALA D 168 9.73 0.07 -20.03
C ALA D 168 9.91 1.22 -21.02
N VAL D 169 8.85 1.99 -21.27
CA VAL D 169 8.94 3.07 -22.24
C VAL D 169 9.89 4.16 -21.77
N ILE D 170 9.77 4.56 -20.50
CA ILE D 170 10.65 5.61 -19.99
C ILE D 170 12.11 5.15 -20.01
N ASN D 171 12.36 3.92 -19.56
CA ASN D 171 13.73 3.40 -19.56
C ASN D 171 14.29 3.30 -20.97
N GLY D 172 13.46 2.86 -21.93
CA GLY D 172 13.92 2.75 -23.30
C GLY D 172 14.21 4.09 -23.92
N MET D 173 13.39 5.11 -23.61
CA MET D 173 13.67 6.44 -24.12
C MET D 173 14.99 6.97 -23.56
N MET D 174 15.24 6.75 -22.26
CA MET D 174 16.53 7.16 -21.71
C MET D 174 17.68 6.41 -22.36
N GLN D 175 17.50 5.10 -22.59
CA GLN D 175 18.56 4.31 -23.21
C GLN D 175 18.88 4.79 -24.62
N VAL D 176 17.84 5.09 -25.41
CA VAL D 176 18.04 5.61 -26.75
C VAL D 176 18.74 6.96 -26.70
N GLN D 177 18.32 7.82 -25.76
CA GLN D 177 18.95 9.12 -25.60
C GLN D 177 20.45 8.98 -25.33
N LEU D 178 20.81 8.08 -24.42
CA LEU D 178 22.22 7.90 -24.10
C LEU D 178 22.98 7.22 -25.24
N GLU D 179 22.30 6.37 -26.01
CA GLU D 179 22.95 5.65 -27.09
C GLU D 179 23.27 6.55 -28.28
N THR D 180 22.32 7.37 -28.69
CA THR D 180 22.44 8.12 -29.94
C THR D 180 22.93 9.55 -29.74
N GLU D 181 23.10 10.00 -28.50
CA GLU D 181 23.55 11.37 -28.20
C GLU D 181 22.63 12.41 -28.83
N VAL D 182 21.34 12.13 -28.84
CA VAL D 182 20.32 13.03 -29.36
C VAL D 182 19.28 13.23 -28.27
N PRO D 183 18.97 14.45 -27.87
CA PRO D 183 18.01 14.67 -26.78
C PRO D 183 16.64 14.11 -27.13
N VAL D 184 16.00 13.51 -26.14
CA VAL D 184 14.64 12.99 -26.28
C VAL D 184 13.80 13.57 -25.15
N LEU D 185 12.81 14.38 -25.51
CA LEU D 185 11.91 14.96 -24.53
C LEU D 185 10.74 14.02 -24.30
N SER D 186 10.29 13.93 -23.05
CA SER D 186 9.26 13.00 -22.65
C SER D 186 7.97 13.75 -22.35
N VAL D 187 6.91 13.43 -23.09
CA VAL D 187 5.57 13.91 -22.80
C VAL D 187 4.69 12.70 -22.59
N VAL D 188 5.29 11.61 -22.12
CA VAL D 188 4.55 10.40 -21.78
C VAL D 188 4.11 10.51 -20.34
N LEU D 189 2.82 10.73 -20.12
CA LEU D 189 2.29 11.07 -18.80
C LEU D 189 1.34 9.99 -18.31
N THR D 190 1.42 9.69 -17.03
CA THR D 190 0.57 8.69 -16.40
C THR D 190 -0.20 9.32 -15.25
N PRO D 191 -1.50 9.59 -15.39
CA PRO D 191 -2.26 10.20 -14.30
C PRO D 191 -2.49 9.22 -13.16
N HIS D 192 -2.72 9.79 -11.97
CA HIS D 192 -3.05 8.98 -10.81
C HIS D 192 -4.38 8.26 -10.99
N HIS D 193 -5.38 8.98 -11.49
CA HIS D 193 -6.71 8.43 -11.69
C HIS D 193 -7.29 8.96 -13.00
N PHE D 194 -7.85 8.05 -13.80
CA PHE D 194 -8.57 8.45 -15.01
C PHE D 194 -9.66 7.41 -15.25
N HIS D 195 -10.91 7.79 -14.97
CA HIS D 195 -12.04 6.88 -15.06
C HIS D 195 -12.92 7.16 -16.27
N GLU D 196 -12.37 7.83 -17.29
CA GLU D 196 -13.04 8.11 -18.56
C GLU D 196 -14.38 8.81 -18.39
N SER D 197 -14.60 9.44 -17.23
CA SER D 197 -15.80 10.24 -17.02
C SER D 197 -15.68 11.56 -17.76
N LYS D 198 -16.79 12.30 -17.80
CA LYS D 198 -16.79 13.59 -18.48
C LYS D 198 -15.88 14.59 -17.77
N GLU D 199 -15.88 14.57 -16.43
CA GLU D 199 -15.04 15.50 -15.68
C GLU D 199 -13.57 15.24 -15.93
N HIS D 200 -13.16 13.97 -15.97
CA HIS D 200 -11.77 13.64 -16.17
C HIS D 200 -11.29 14.04 -17.56
N HIS D 201 -12.15 13.87 -18.58
CA HIS D 201 -11.73 14.15 -19.95
C HIS D 201 -11.38 15.61 -20.15
N ASP D 202 -12.23 16.51 -19.65
CA ASP D 202 -12.01 17.94 -19.85
C ASP D 202 -10.74 18.42 -19.17
N PHE D 203 -10.47 17.93 -17.96
CA PHE D 203 -9.32 18.40 -17.20
C PHE D 203 -8.02 18.12 -17.94
N PHE D 204 -7.84 16.87 -18.39
CA PHE D 204 -6.60 16.54 -19.08
C PHE D 204 -6.57 17.11 -20.49
N HIS D 205 -7.73 17.21 -21.13
CA HIS D 205 -7.81 17.89 -22.42
C HIS D 205 -7.29 19.32 -22.31
N ALA D 206 -7.59 19.99 -21.21
CA ALA D 206 -7.07 21.35 -21.00
C ALA D 206 -5.60 21.35 -20.57
N HIS D 207 -5.19 20.36 -19.77
CA HIS D 207 -3.84 20.38 -19.21
C HIS D 207 -2.78 20.04 -20.24
N PHE D 208 -3.13 19.25 -21.26
CA PHE D 208 -2.12 18.87 -22.24
C PHE D 208 -1.62 20.05 -23.06
N LYS D 209 -2.40 21.14 -23.16
CA LYS D 209 -1.89 22.34 -23.83
C LYS D 209 -0.72 22.94 -23.05
N VAL D 210 -0.87 23.06 -21.73
CA VAL D 210 0.21 23.56 -20.89
C VAL D 210 1.41 22.63 -20.98
N LYS D 211 1.16 21.31 -21.00
CA LYS D 211 2.25 20.36 -21.15
C LYS D 211 3.01 20.57 -22.45
N GLY D 212 2.27 20.81 -23.55
CA GLY D 212 2.92 21.05 -24.83
C GLY D 212 3.76 22.32 -24.84
N VAL D 213 3.24 23.39 -24.24
CA VAL D 213 4.02 24.64 -24.16
C VAL D 213 5.30 24.42 -23.38
N GLU D 214 5.20 23.72 -22.24
CA GLU D 214 6.39 23.43 -21.44
C GLU D 214 7.39 22.60 -22.24
N ALA D 215 6.90 21.62 -22.98
CA ALA D 215 7.80 20.78 -23.79
C ALA D 215 8.51 21.60 -24.85
N ALA D 216 7.79 22.52 -25.49
CA ALA D 216 8.42 23.36 -26.52
C ALA D 216 9.53 24.22 -25.91
N HIS D 217 9.26 24.85 -24.77
CA HIS D 217 10.28 25.66 -24.13
C HIS D 217 11.49 24.81 -23.73
N ALA D 218 11.24 23.62 -23.18
CA ALA D 218 12.34 22.75 -22.78
C ALA D 218 13.17 22.33 -23.96
N ALA D 219 12.54 22.00 -25.08
CA ALA D 219 13.28 21.58 -26.27
C ALA D 219 14.16 22.70 -26.78
N LEU D 220 13.62 23.92 -26.87
CA LEU D 220 14.42 25.04 -27.33
C LEU D 220 15.62 25.26 -26.40
N GLN D 221 15.37 25.25 -25.10
CA GLN D 221 16.45 25.51 -24.14
C GLN D 221 17.53 24.45 -24.22
N ILE D 222 17.15 23.17 -24.31
CA ILE D 222 18.15 22.11 -24.31
C ILE D 222 18.96 22.12 -25.59
N VAL D 223 18.32 22.41 -26.73
CA VAL D 223 19.07 22.49 -27.98
C VAL D 223 20.07 23.64 -27.92
N SER D 224 19.64 24.80 -27.42
CA SER D 224 20.55 25.93 -27.30
C SER D 224 21.72 25.62 -26.37
N GLU D 225 21.44 24.95 -25.25
CA GLU D 225 22.50 24.64 -24.30
C GLU D 225 23.51 23.66 -24.88
N ARG D 226 23.03 22.63 -25.58
CA ARG D 226 23.96 21.69 -26.21
C ARG D 226 24.81 22.38 -27.27
N SER D 227 24.20 23.27 -28.06
CA SER D 227 24.97 24.01 -29.05
C SER D 227 26.03 24.88 -28.37
N ARG D 228 25.69 25.49 -27.24
CA ARG D 228 26.64 26.34 -26.54
C ARG D 228 27.81 25.54 -25.99
N ILE D 229 27.54 24.45 -25.26
CA ILE D 229 28.63 23.66 -24.69
C ILE D 229 29.39 22.86 -25.73
N ALA D 230 28.86 22.73 -26.95
CA ALA D 230 29.66 22.08 -27.99
C ALA D 230 30.76 22.99 -28.53
N ALA D 231 30.94 24.17 -27.96
CA ALA D 231 31.97 25.12 -28.38
C ALA D 231 31.83 25.48 -29.85
N MET E 1 33.23 -4.83 -63.51
CA MET E 1 32.41 -3.89 -64.26
C MET E 1 31.14 -4.57 -64.78
N HIS E 2 31.02 -4.65 -66.10
CA HIS E 2 29.85 -5.22 -66.75
C HIS E 2 30.10 -6.70 -66.99
N THR E 3 29.47 -7.55 -66.17
CA THR E 3 29.58 -9.00 -66.27
C THR E 3 28.37 -9.64 -65.60
N PRO E 4 27.75 -10.64 -66.22
CA PRO E 4 26.56 -11.25 -65.61
C PRO E 4 26.86 -11.84 -64.24
N ASP E 5 25.92 -11.66 -63.32
CA ASP E 5 26.13 -12.09 -61.94
C ASP E 5 26.02 -13.61 -61.83
N CYS E 6 26.83 -14.18 -60.94
CA CYS E 6 26.80 -15.62 -60.67
C CYS E 6 26.31 -15.92 -59.26
N VAL E 7 26.92 -15.34 -58.24
CA VAL E 7 26.53 -15.57 -56.85
C VAL E 7 26.47 -14.23 -56.13
N THR E 8 25.47 -14.10 -55.27
CA THR E 8 25.28 -12.89 -54.47
C THR E 8 24.85 -13.28 -53.06
N GLY E 9 25.62 -12.86 -52.08
CA GLY E 9 25.30 -13.18 -50.69
C GLY E 9 26.50 -12.95 -49.80
N LYS E 10 26.27 -13.22 -48.51
CA LYS E 10 27.32 -13.05 -47.51
C LYS E 10 28.41 -14.11 -47.70
N VAL E 11 29.64 -13.72 -47.38
CA VAL E 11 30.78 -14.63 -47.48
C VAL E 11 30.70 -15.65 -46.34
N GLU E 12 30.55 -16.92 -46.70
CA GLU E 12 30.53 -17.97 -45.68
C GLU E 12 31.90 -18.14 -45.05
N TYR E 13 32.95 -18.22 -45.87
CA TYR E 13 34.32 -18.35 -45.37
C TYR E 13 35.28 -17.91 -46.47
N THR E 14 36.49 -17.57 -46.06
CA THR E 14 37.56 -17.18 -46.97
C THR E 14 38.72 -18.14 -46.81
N LYS E 15 39.08 -18.82 -47.90
CA LYS E 15 40.08 -19.88 -47.87
C LYS E 15 41.31 -19.47 -48.67
N TYR E 16 42.47 -19.90 -48.18
CA TYR E 16 43.74 -19.70 -48.88
C TYR E 16 44.19 -21.03 -49.47
N ASN E 17 44.60 -21.00 -50.74
CA ASN E 17 44.98 -22.20 -51.45
C ASN E 17 46.51 -22.36 -51.43
N ASP E 18 46.97 -23.46 -52.02
CA ASP E 18 48.41 -23.73 -52.07
C ASP E 18 49.11 -22.83 -53.09
N ASP E 19 48.41 -22.38 -54.12
CA ASP E 19 48.99 -21.55 -55.17
C ASP E 19 48.85 -20.06 -54.90
N ASP E 20 48.78 -19.66 -53.63
CA ASP E 20 48.67 -18.25 -53.24
C ASP E 20 47.44 -17.60 -53.86
N THR E 21 46.33 -18.34 -53.91
CA THR E 21 45.08 -17.83 -54.41
C THR E 21 44.04 -17.85 -53.30
N PHE E 22 43.13 -16.88 -53.34
CA PHE E 22 42.12 -16.69 -52.29
C PHE E 22 40.81 -17.31 -52.74
N THR E 23 40.37 -18.34 -52.03
CA THR E 23 39.11 -19.01 -52.31
C THR E 23 38.04 -18.47 -51.35
N VAL E 24 36.96 -17.95 -51.91
CA VAL E 24 35.87 -17.37 -51.13
C VAL E 24 34.57 -18.05 -51.53
N LYS E 25 33.78 -18.44 -50.53
CA LYS E 25 32.50 -19.10 -50.75
C LYS E 25 31.39 -18.07 -50.62
N VAL E 26 30.77 -17.73 -51.75
CA VAL E 26 29.66 -16.79 -51.80
C VAL E 26 28.45 -17.54 -52.37
N GLY E 27 27.34 -17.49 -51.64
CA GLY E 27 26.16 -18.23 -52.08
C GLY E 27 26.39 -19.72 -52.01
N ASP E 28 25.90 -20.43 -53.03
CA ASP E 28 26.01 -21.88 -53.11
C ASP E 28 27.21 -22.34 -53.92
N LYS E 29 28.04 -21.42 -54.40
CA LYS E 29 29.19 -21.76 -55.23
C LYS E 29 30.47 -21.21 -54.59
N GLU E 30 31.55 -21.98 -54.72
CA GLU E 30 32.85 -21.60 -54.20
C GLU E 30 33.65 -21.09 -55.38
N LEU E 31 34.32 -19.95 -55.19
CA LEU E 31 35.15 -19.35 -56.22
C LEU E 31 36.45 -18.86 -55.62
N PHE E 32 37.49 -18.77 -56.46
CA PHE E 32 38.81 -18.37 -56.01
C PHE E 32 39.31 -17.22 -56.88
N THR E 33 40.14 -16.37 -56.27
CA THR E 33 40.72 -15.22 -56.95
C THR E 33 42.23 -15.19 -56.69
N ASN E 34 42.95 -14.54 -57.60
CA ASN E 34 44.40 -14.48 -57.55
C ASN E 34 44.93 -13.09 -57.23
N ARG E 35 44.07 -12.18 -56.76
CA ARG E 35 44.49 -10.82 -56.42
C ARG E 35 44.83 -10.76 -54.93
N TRP E 36 46.06 -10.35 -54.62
CA TRP E 36 46.50 -10.31 -53.23
C TRP E 36 45.71 -9.29 -52.42
N ASN E 37 45.42 -8.12 -52.99
CA ASN E 37 44.62 -7.14 -52.29
C ASN E 37 43.18 -7.61 -52.10
N LEU E 38 42.67 -8.39 -53.06
CA LEU E 38 41.34 -8.96 -52.90
C LEU E 38 41.27 -9.91 -51.71
N GLN E 39 42.38 -10.56 -51.37
CA GLN E 39 42.40 -11.40 -50.18
C GLN E 39 42.11 -10.59 -48.93
N SER E 40 42.82 -9.47 -48.74
CA SER E 40 42.58 -8.62 -47.59
C SER E 40 41.18 -8.01 -47.63
N LEU E 41 40.71 -7.63 -48.82
CA LEU E 41 39.38 -7.05 -48.93
C LEU E 41 38.31 -8.05 -48.52
N LEU E 42 38.40 -9.29 -48.99
CA LEU E 42 37.42 -10.30 -48.63
C LEU E 42 37.52 -10.67 -47.16
N LEU E 43 38.74 -10.72 -46.62
CA LEU E 43 38.91 -11.00 -45.20
C LEU E 43 38.25 -9.92 -44.35
N SER E 44 38.46 -8.65 -44.71
CA SER E 44 37.84 -7.55 -43.97
C SER E 44 36.32 -7.58 -44.12
N ALA E 45 35.83 -7.89 -45.32
CA ALA E 45 34.38 -7.96 -45.52
C ALA E 45 33.76 -9.06 -44.67
N GLN E 46 34.41 -10.23 -44.61
CA GLN E 46 33.91 -11.31 -43.77
C GLN E 46 33.99 -10.93 -42.29
N ILE E 47 35.06 -10.25 -41.88
CA ILE E 47 35.21 -9.85 -40.49
C ILE E 47 34.13 -8.85 -40.09
N THR E 48 33.88 -7.86 -40.95
CA THR E 48 32.90 -6.82 -40.68
C THR E 48 31.49 -7.19 -41.13
N GLY E 49 31.30 -8.38 -41.70
CA GLY E 49 29.99 -8.80 -42.16
C GLY E 49 29.47 -7.97 -43.31
N MET E 50 30.35 -7.65 -44.26
CA MET E 50 29.99 -6.89 -45.45
C MET E 50 29.87 -7.85 -46.62
N THR E 51 28.70 -7.84 -47.28
CA THR E 51 28.45 -8.74 -48.39
C THR E 51 29.20 -8.28 -49.64
N VAL E 52 29.55 -9.24 -50.49
CA VAL E 52 30.16 -8.97 -51.77
C VAL E 52 29.41 -9.77 -52.84
N THR E 53 29.48 -9.26 -54.07
CA THR E 53 28.85 -9.91 -55.22
C THR E 53 29.93 -10.23 -56.25
N ILE E 54 30.03 -11.50 -56.62
CA ILE E 54 31.03 -11.96 -57.58
C ILE E 54 30.31 -12.33 -58.87
N LYS E 55 30.66 -11.65 -59.95
CA LYS E 55 30.07 -11.90 -61.26
C LYS E 55 31.16 -12.47 -62.18
N THR E 56 30.88 -13.62 -62.76
CA THR E 56 31.84 -14.27 -63.65
C THR E 56 31.08 -15.26 -64.54
N ASN E 57 31.71 -15.61 -65.67
CA ASN E 57 31.11 -16.57 -66.59
C ASN E 57 31.23 -18.00 -66.11
N ALA E 58 32.13 -18.29 -65.18
CA ALA E 58 32.32 -19.64 -64.66
C ALA E 58 31.54 -19.77 -63.35
N CYS E 59 30.23 -19.98 -63.49
CA CYS E 59 29.35 -20.12 -62.33
C CYS E 59 29.35 -21.57 -61.87
N HIS E 60 30.46 -21.95 -61.24
CA HIS E 60 30.62 -23.30 -60.72
C HIS E 60 31.62 -23.27 -59.57
N ASN E 61 31.63 -24.35 -58.79
CA ASN E 61 32.54 -24.46 -57.67
C ASN E 61 33.99 -24.51 -58.16
N GLY E 62 34.85 -23.75 -57.49
CA GLY E 62 36.26 -23.70 -57.84
C GLY E 62 36.60 -22.78 -59.01
N GLY E 63 35.62 -22.06 -59.56
CA GLY E 63 35.89 -21.19 -60.68
C GLY E 63 36.67 -19.95 -60.28
N GLY E 64 37.28 -19.32 -61.27
CA GLY E 64 38.08 -18.13 -61.07
C GLY E 64 37.31 -16.86 -61.39
N PHE E 65 37.71 -15.77 -60.73
CA PHE E 65 37.08 -14.48 -60.94
C PHE E 65 38.08 -13.38 -60.63
N SER E 66 37.81 -12.19 -61.17
CA SER E 66 38.65 -11.02 -60.92
C SER E 66 37.88 -9.76 -60.58
N GLU E 67 36.58 -9.69 -60.85
CA GLU E 67 35.76 -8.52 -60.59
C GLU E 67 34.77 -8.83 -59.48
N VAL E 68 34.78 -8.01 -58.44
CA VAL E 68 33.93 -8.20 -57.27
C VAL E 68 33.12 -6.93 -57.04
N ILE E 69 31.80 -7.10 -56.84
CA ILE E 69 30.92 -5.99 -56.50
C ILE E 69 30.82 -5.94 -54.98
N PHE E 70 31.21 -4.81 -54.40
CA PHE E 70 31.14 -4.60 -52.96
C PHE E 70 29.92 -3.77 -52.57
N ARG E 71 29.01 -3.52 -53.49
CA ARG E 71 27.81 -2.74 -53.20
C ARG E 71 26.89 -3.51 -52.25
N GLY E 72 26.05 -2.77 -51.54
CA GLY E 72 25.13 -3.36 -50.58
C GLY E 72 24.18 -4.36 -51.21
N SER E 73 24.12 -5.57 -50.63
CA SER E 73 23.26 -6.61 -51.13
C SER E 73 22.50 -7.34 -50.02
N GLY E 74 22.63 -6.92 -48.77
CA GLY E 74 21.94 -7.57 -47.68
C GLY E 74 22.80 -7.75 -46.44
N SER E 75 24.11 -7.89 -46.66
CA SER E 75 25.10 -8.07 -45.59
C SER E 75 24.79 -9.28 -44.72
N GLY E 76 24.19 -10.32 -45.29
CA GLY E 76 23.87 -11.51 -44.54
C GLY E 76 22.38 -11.81 -44.49
N SER E 77 21.80 -11.72 -43.29
CA SER E 77 20.38 -11.98 -43.12
C SER E 77 19.54 -10.91 -43.81
N GLY E 78 18.41 -11.33 -44.37
CA GLY E 78 17.51 -10.40 -45.02
C GLY E 78 16.48 -11.10 -45.89
N SER E 79 15.23 -10.63 -45.83
CA SER E 79 14.15 -11.21 -46.61
C SER E 79 13.03 -10.20 -46.71
N GLY E 80 12.15 -10.41 -47.69
CA GLY E 80 11.02 -9.53 -47.89
C GLY E 80 10.78 -9.17 -49.35
N SER E 81 9.53 -9.34 -49.80
CA SER E 81 9.14 -9.02 -51.16
C SER E 81 8.07 -7.93 -51.13
N LEU E 82 8.15 -7.01 -52.10
CA LEU E 82 7.23 -5.88 -52.20
C LEU E 82 7.19 -5.09 -50.90
N LYS E 83 6.00 -4.64 -50.52
CA LYS E 83 5.81 -3.93 -49.26
C LYS E 83 4.64 -4.44 -48.43
N THR E 84 3.65 -5.08 -49.04
CA THR E 84 2.51 -5.63 -48.31
C THR E 84 2.56 -7.14 -48.19
N SER E 85 3.65 -7.78 -48.60
CA SER E 85 3.81 -9.22 -48.52
C SER E 85 5.02 -9.50 -47.63
N PHE E 86 4.77 -9.78 -46.36
CA PHE E 86 5.82 -10.06 -45.39
C PHE E 86 5.34 -11.18 -44.48
N LYS E 87 6.11 -11.44 -43.42
CA LYS E 87 5.81 -12.52 -42.49
C LYS E 87 5.90 -12.00 -41.06
N ILE E 88 5.10 -12.62 -40.19
CA ILE E 88 5.05 -12.26 -38.78
C ILE E 88 5.19 -13.53 -37.96
N ALA E 89 5.99 -13.46 -36.90
CA ALA E 89 6.21 -14.58 -36.00
C ALA E 89 5.41 -14.38 -34.72
N PHE E 90 4.60 -15.38 -34.37
CA PHE E 90 3.74 -15.33 -33.20
C PHE E 90 4.27 -16.31 -32.17
N ILE E 91 4.63 -15.82 -30.99
CA ILE E 91 5.16 -16.63 -29.91
C ILE E 91 4.16 -16.63 -28.77
N GLN E 92 3.72 -17.82 -28.36
CA GLN E 92 2.69 -17.96 -27.35
C GLN E 92 3.18 -18.88 -26.24
N ALA E 93 3.00 -18.44 -24.99
CA ALA E 93 3.27 -19.30 -23.85
C ALA E 93 2.17 -20.34 -23.71
N ARG E 94 2.48 -21.42 -23.00
CA ARG E 94 1.55 -22.53 -22.84
C ARG E 94 0.90 -22.58 -21.46
N TRP E 95 1.09 -21.54 -20.64
CA TRP E 95 0.34 -21.42 -19.40
C TRP E 95 -0.99 -20.73 -19.69
N HIS E 96 -2.08 -21.32 -19.21
CA HIS E 96 -3.43 -20.86 -19.53
C HIS E 96 -3.64 -20.78 -21.03
N ALA E 97 -3.35 -21.90 -21.71
CA ALA E 97 -3.35 -21.91 -23.17
C ALA E 97 -4.74 -21.64 -23.74
N ASP E 98 -5.80 -22.02 -23.03
CA ASP E 98 -7.15 -21.82 -23.53
C ASP E 98 -7.51 -20.34 -23.66
N ILE E 99 -6.82 -19.46 -22.95
CA ILE E 99 -7.07 -18.03 -23.08
C ILE E 99 -6.20 -17.41 -24.16
N VAL E 100 -4.92 -17.81 -24.21
CA VAL E 100 -4.00 -17.28 -25.22
C VAL E 100 -4.43 -17.70 -26.62
N ASP E 101 -5.01 -18.90 -26.76
CA ASP E 101 -5.45 -19.37 -28.07
C ASP E 101 -6.52 -18.45 -28.65
N GLU E 102 -7.35 -17.85 -27.80
CA GLU E 102 -8.35 -16.90 -28.29
C GLU E 102 -7.69 -15.72 -28.97
N ALA E 103 -6.67 -15.15 -28.34
CA ALA E 103 -5.95 -14.04 -28.94
C ALA E 103 -5.26 -14.46 -30.23
N ARG E 104 -4.67 -15.66 -30.25
CA ARG E 104 -3.99 -16.12 -31.45
C ARG E 104 -4.97 -16.26 -32.62
N LYS E 105 -6.12 -16.89 -32.36
CA LYS E 105 -7.10 -17.08 -33.41
C LYS E 105 -7.65 -15.74 -33.90
N SER E 106 -7.93 -14.82 -32.98
CA SER E 106 -8.40 -13.50 -33.38
C SER E 106 -7.37 -12.78 -34.24
N PHE E 107 -6.11 -12.84 -33.84
CA PHE E 107 -5.02 -12.21 -34.59
C PHE E 107 -4.95 -12.76 -36.00
N VAL E 108 -4.94 -14.09 -36.12
CA VAL E 108 -4.81 -14.71 -37.44
C VAL E 108 -6.01 -14.38 -38.32
N ALA E 109 -7.22 -14.45 -37.76
CA ALA E 109 -8.41 -14.17 -38.53
C ALA E 109 -8.45 -12.73 -39.01
N GLU E 110 -8.10 -11.79 -38.13
CA GLU E 110 -8.10 -10.38 -38.52
C GLU E 110 -7.06 -10.10 -39.60
N LEU E 111 -5.87 -10.69 -39.46
CA LEU E 111 -4.85 -10.48 -40.48
C LEU E 111 -5.29 -11.05 -41.82
N ALA E 112 -5.91 -12.23 -41.81
CA ALA E 112 -6.41 -12.82 -43.05
C ALA E 112 -7.50 -11.96 -43.68
N ALA E 113 -8.40 -11.43 -42.85
CA ALA E 113 -9.47 -10.58 -43.38
C ALA E 113 -8.91 -9.28 -43.98
N LYS E 114 -7.94 -8.67 -43.31
CA LYS E 114 -7.42 -7.38 -43.76
C LYS E 114 -6.53 -7.55 -45.00
N THR E 115 -5.45 -8.32 -44.86
CA THR E 115 -4.47 -8.41 -45.94
C THR E 115 -4.90 -9.34 -47.06
N GLY E 116 -5.91 -10.19 -46.84
CA GLY E 116 -6.34 -11.09 -47.88
C GLY E 116 -5.40 -12.23 -48.18
N GLY E 117 -4.51 -12.57 -47.24
CA GLY E 117 -3.56 -13.65 -47.42
C GLY E 117 -2.17 -13.23 -47.82
N SER E 118 -1.91 -11.93 -47.95
CA SER E 118 -0.58 -11.48 -48.33
C SER E 118 0.41 -11.60 -47.18
N VAL E 119 -0.07 -11.53 -45.94
CA VAL E 119 0.77 -11.61 -44.75
C VAL E 119 0.64 -13.01 -44.16
N GLU E 120 1.78 -13.64 -43.89
CA GLU E 120 1.83 -14.99 -43.34
C GLU E 120 2.23 -14.94 -41.88
N VAL E 121 1.55 -15.75 -41.06
CA VAL E 121 1.80 -15.80 -39.63
C VAL E 121 2.32 -17.19 -39.29
N GLU E 122 3.41 -17.24 -38.53
CA GLU E 122 4.01 -18.48 -38.06
C GLU E 122 3.94 -18.53 -36.55
N ILE E 123 3.59 -19.69 -36.01
CA ILE E 123 3.30 -19.86 -34.59
C ILE E 123 4.41 -20.67 -33.95
N PHE E 124 4.95 -20.17 -32.84
CA PHE E 124 5.98 -20.85 -32.07
C PHE E 124 5.54 -20.98 -30.62
N ASP E 125 5.82 -22.13 -30.03
CA ASP E 125 5.39 -22.43 -28.67
C ASP E 125 6.58 -22.37 -27.71
N VAL E 126 6.35 -21.80 -26.54
CA VAL E 126 7.36 -21.75 -25.48
C VAL E 126 6.71 -22.19 -24.17
N PRO E 127 7.48 -22.71 -23.22
CA PRO E 127 6.86 -23.16 -21.95
C PRO E 127 6.19 -22.04 -21.17
N GLY E 128 6.89 -20.92 -20.95
CA GLY E 128 6.34 -19.83 -20.16
C GLY E 128 6.76 -18.50 -20.73
N ALA E 129 6.30 -17.44 -20.07
CA ALA E 129 6.59 -16.09 -20.52
C ALA E 129 8.07 -15.76 -20.39
N TYR E 130 8.76 -16.39 -19.43
CA TYR E 130 10.18 -16.12 -19.24
C TYR E 130 11.03 -16.55 -20.43
N GLU E 131 10.50 -17.40 -21.30
CA GLU E 131 11.24 -17.92 -22.44
C GLU E 131 11.03 -17.10 -23.71
N ILE E 132 10.24 -16.03 -23.64
CA ILE E 132 9.84 -15.28 -24.83
C ILE E 132 10.97 -14.39 -25.36
N PRO E 133 11.64 -13.58 -24.52
CA PRO E 133 12.67 -12.67 -25.09
C PRO E 133 13.77 -13.37 -25.86
N LEU E 134 14.28 -14.51 -25.36
CA LEU E 134 15.36 -15.19 -26.06
C LEU E 134 14.87 -15.77 -27.38
N HIS E 135 13.67 -16.34 -27.40
CA HIS E 135 13.10 -16.86 -28.64
C HIS E 135 12.91 -15.74 -29.66
N ALA E 136 12.43 -14.58 -29.19
CA ALA E 136 12.24 -13.44 -30.09
C ALA E 136 13.57 -12.97 -30.65
N LYS E 137 14.61 -12.90 -29.81
CA LYS E 137 15.92 -12.49 -30.29
C LYS E 137 16.46 -13.48 -31.30
N THR E 138 16.30 -14.77 -31.05
CA THR E 138 16.77 -15.78 -31.99
C THR E 138 16.05 -15.69 -33.32
N LEU E 139 14.72 -15.47 -33.30
CA LEU E 139 13.96 -15.40 -34.53
C LEU E 139 14.25 -14.11 -35.31
N ALA E 140 14.48 -13.01 -34.59
CA ALA E 140 14.66 -11.72 -35.25
C ALA E 140 15.98 -11.67 -36.01
N ARG E 141 17.02 -12.31 -35.50
CA ARG E 141 18.34 -12.20 -36.10
C ARG E 141 18.46 -12.96 -37.42
N THR E 142 17.47 -13.76 -37.78
CA THR E 142 17.49 -14.48 -39.06
C THR E 142 16.84 -13.70 -40.19
N GLY E 143 16.44 -12.45 -39.95
CA GLY E 143 15.61 -11.78 -40.91
C GLY E 143 14.26 -12.47 -40.99
N ARG E 144 13.70 -12.51 -42.20
CA ARG E 144 12.58 -13.41 -42.51
C ARG E 144 11.28 -12.97 -41.85
N TYR E 145 11.33 -11.94 -41.01
CA TYR E 145 10.16 -11.52 -40.26
C TYR E 145 10.16 -10.00 -40.14
N ALA E 146 9.04 -9.38 -40.50
CA ALA E 146 8.93 -7.94 -40.36
C ALA E 146 8.49 -7.50 -38.97
N ALA E 147 7.91 -8.41 -38.19
CA ALA E 147 7.49 -8.10 -36.83
C ALA E 147 7.38 -9.39 -36.04
N ILE E 148 7.36 -9.24 -34.72
CA ILE E 148 7.26 -10.37 -33.80
C ILE E 148 6.23 -10.04 -32.73
N VAL E 149 5.37 -11.00 -32.43
CA VAL E 149 4.30 -10.82 -31.45
C VAL E 149 4.49 -11.84 -30.34
N GLY E 150 4.50 -11.38 -29.10
CA GLY E 150 4.58 -12.27 -27.96
C GLY E 150 3.33 -12.22 -27.10
N ALA E 151 2.70 -13.38 -26.88
CA ALA E 151 1.45 -13.46 -26.16
C ALA E 151 1.62 -14.33 -24.92
N ALA E 152 1.20 -13.83 -23.77
CA ALA E 152 1.26 -14.59 -22.54
C ALA E 152 0.25 -14.02 -21.55
N PHE E 153 -0.08 -14.83 -20.55
CA PHE E 153 -1.03 -14.46 -19.50
C PHE E 153 -0.33 -14.68 -18.16
N VAL E 154 0.18 -13.61 -17.58
CA VAL E 154 0.93 -13.66 -16.33
C VAL E 154 0.02 -13.20 -15.20
N ILE E 155 -0.27 -14.11 -14.26
CA ILE E 155 -1.23 -13.84 -13.20
C ILE E 155 -0.57 -14.09 -11.85
N ASP E 156 -1.20 -13.56 -10.81
CA ASP E 156 -0.77 -13.78 -9.44
C ASP E 156 -1.49 -15.01 -8.90
N GLY E 157 -0.72 -16.07 -8.63
CA GLY E 157 -1.31 -17.31 -8.16
C GLY E 157 -1.66 -17.36 -6.70
N GLY E 158 -1.32 -16.32 -5.93
CA GLY E 158 -1.62 -16.26 -4.53
C GLY E 158 -0.62 -16.93 -3.62
N ILE E 159 0.44 -17.50 -4.17
CA ILE E 159 1.49 -18.15 -3.39
C ILE E 159 2.82 -17.42 -3.52
N TYR E 160 3.26 -17.19 -4.75
CA TYR E 160 4.53 -16.52 -5.01
C TYR E 160 4.27 -15.17 -5.69
N ARG E 161 5.20 -14.24 -5.48
CA ARG E 161 5.12 -12.94 -6.13
C ARG E 161 5.43 -13.10 -7.62
N HIS E 162 4.68 -12.37 -8.45
CA HIS E 162 4.75 -12.52 -9.89
C HIS E 162 5.26 -11.28 -10.63
N ASP E 163 5.47 -10.17 -9.94
CA ASP E 163 5.83 -8.93 -10.64
C ASP E 163 7.25 -8.98 -11.17
N PHE E 164 8.15 -9.72 -10.51
CA PHE E 164 9.53 -9.79 -10.98
C PHE E 164 9.61 -10.37 -12.39
N VAL E 165 8.90 -11.48 -12.63
CA VAL E 165 8.96 -12.14 -13.93
C VAL E 165 8.35 -11.25 -15.01
N ALA E 166 7.22 -10.61 -14.70
CA ALA E 166 6.58 -9.74 -15.68
C ALA E 166 7.47 -8.56 -16.04
N THR E 167 8.07 -7.93 -15.02
CA THR E 167 8.99 -6.83 -15.28
C THR E 167 10.17 -7.28 -16.14
N ALA E 168 10.74 -8.43 -15.80
CA ALA E 168 11.88 -8.94 -16.57
C ALA E 168 11.49 -9.22 -18.02
N VAL E 169 10.31 -9.79 -18.23
CA VAL E 169 9.89 -10.13 -19.59
C VAL E 169 9.65 -8.87 -20.42
N ILE E 170 8.97 -7.88 -19.85
CA ILE E 170 8.71 -6.65 -20.59
C ILE E 170 10.02 -5.94 -20.91
N ASN E 171 10.92 -5.83 -19.93
CA ASN E 171 12.20 -5.18 -20.17
C ASN E 171 13.02 -5.93 -21.20
N GLY E 172 13.00 -7.27 -21.16
CA GLY E 172 13.75 -8.05 -22.13
C GLY E 172 13.22 -7.91 -23.53
N MET E 173 11.90 -7.88 -23.69
CA MET E 173 11.33 -7.66 -25.00
C MET E 173 11.71 -6.28 -25.54
N MET E 174 11.68 -5.26 -24.69
CA MET E 174 12.11 -3.94 -25.13
C MET E 174 13.58 -3.94 -25.53
N GLN E 175 14.43 -4.60 -24.75
CA GLN E 175 15.85 -4.67 -25.05
C GLN E 175 16.11 -5.38 -26.37
N VAL E 176 15.44 -6.50 -26.61
CA VAL E 176 15.60 -7.23 -27.86
C VAL E 176 15.13 -6.37 -29.03
N GLN E 177 14.01 -5.68 -28.86
CA GLN E 177 13.48 -4.81 -29.91
C GLN E 177 14.48 -3.72 -30.27
N LEU E 178 15.09 -3.09 -29.26
CA LEU E 178 16.08 -2.06 -29.52
C LEU E 178 17.37 -2.64 -30.11
N GLU E 179 17.72 -3.87 -29.73
CA GLU E 179 18.97 -4.46 -30.20
C GLU E 179 18.89 -4.86 -31.66
N THR E 180 17.80 -5.52 -32.06
CA THR E 180 17.71 -6.12 -33.38
C THR E 180 17.02 -5.24 -34.42
N GLU E 181 16.50 -4.08 -34.01
CA GLU E 181 15.80 -3.17 -34.93
C GLU E 181 14.62 -3.86 -35.61
N VAL E 182 13.93 -4.74 -34.90
CA VAL E 182 12.76 -5.44 -35.39
C VAL E 182 11.62 -5.19 -34.41
N PRO E 183 10.46 -4.70 -34.85
CA PRO E 183 9.38 -4.40 -33.90
C PRO E 183 8.91 -5.65 -33.18
N VAL E 184 8.62 -5.50 -31.89
CA VAL E 184 8.10 -6.56 -31.06
C VAL E 184 6.83 -6.05 -30.39
N LEU E 185 5.70 -6.66 -30.73
CA LEU E 185 4.43 -6.28 -30.12
C LEU E 185 4.21 -7.11 -28.87
N SER E 186 3.65 -6.47 -27.84
CA SER E 186 3.47 -7.09 -26.54
C SER E 186 1.99 -7.40 -26.33
N VAL E 187 1.69 -8.68 -26.13
CA VAL E 187 0.35 -9.11 -25.71
C VAL E 187 0.52 -9.88 -24.41
N VAL E 188 1.54 -9.52 -23.65
CA VAL E 188 1.79 -10.10 -22.33
C VAL E 188 1.02 -9.24 -21.32
N LEU E 189 -0.06 -9.78 -20.77
CA LEU E 189 -1.00 -9.02 -19.97
C LEU E 189 -1.05 -9.58 -18.55
N THR E 190 -1.11 -8.67 -17.58
CA THR E 190 -1.19 -9.04 -16.17
C THR E 190 -2.45 -8.45 -15.56
N PRO E 191 -3.47 -9.25 -15.27
CA PRO E 191 -4.69 -8.71 -14.68
C PRO E 191 -4.50 -8.31 -13.23
N HIS E 192 -5.35 -7.39 -12.78
CA HIS E 192 -5.33 -6.98 -11.38
C HIS E 192 -5.73 -8.14 -10.47
N HIS E 193 -6.77 -8.88 -10.83
CA HIS E 193 -7.24 -10.00 -10.03
C HIS E 193 -7.64 -11.14 -10.95
N PHE E 194 -7.21 -12.35 -10.61
CA PHE E 194 -7.64 -13.55 -11.33
C PHE E 194 -7.62 -14.70 -10.33
N HIS E 195 -8.80 -15.12 -9.88
CA HIS E 195 -8.93 -16.15 -8.86
C HIS E 195 -9.41 -17.47 -9.43
N GLU E 196 -9.22 -17.69 -10.73
CA GLU E 196 -9.52 -18.95 -11.42
C GLU E 196 -10.97 -19.40 -11.21
N SER E 197 -11.85 -18.48 -10.83
CA SER E 197 -13.27 -18.79 -10.73
C SER E 197 -13.89 -18.85 -12.11
N LYS E 198 -15.15 -19.32 -12.16
CA LYS E 198 -15.84 -19.41 -13.45
C LYS E 198 -16.09 -18.04 -14.03
N GLU E 199 -16.44 -17.06 -13.20
CA GLU E 199 -16.70 -15.71 -13.70
C GLU E 199 -15.44 -15.08 -14.28
N HIS E 200 -14.29 -15.27 -13.64
CA HIS E 200 -13.05 -14.70 -14.14
C HIS E 200 -12.63 -15.31 -15.47
N HIS E 201 -12.84 -16.61 -15.62
CA HIS E 201 -12.38 -17.30 -16.83
C HIS E 201 -13.08 -16.77 -18.07
N ASP E 202 -14.41 -16.62 -18.00
CA ASP E 202 -15.18 -16.20 -19.17
C ASP E 202 -14.82 -14.79 -19.60
N PHE E 203 -14.64 -13.88 -18.63
CA PHE E 203 -14.35 -12.49 -18.96
C PHE E 203 -13.08 -12.36 -19.78
N PHE E 204 -11.99 -12.97 -19.31
CA PHE E 204 -10.72 -12.85 -20.03
C PHE E 204 -10.72 -13.68 -21.29
N HIS E 205 -11.41 -14.82 -21.27
CA HIS E 205 -11.60 -15.60 -22.49
C HIS E 205 -12.24 -14.77 -23.59
N ALA E 206 -13.19 -13.91 -23.22
CA ALA E 206 -13.81 -13.03 -24.20
C ALA E 206 -12.92 -11.84 -24.56
N HIS E 207 -12.18 -11.30 -23.58
CA HIS E 207 -11.42 -10.08 -23.82
C HIS E 207 -10.18 -10.31 -24.68
N PHE E 208 -9.62 -11.53 -24.64
CA PHE E 208 -8.41 -11.77 -25.41
C PHE E 208 -8.67 -11.71 -26.91
N LYS E 209 -9.90 -11.91 -27.38
CA LYS E 209 -10.20 -11.72 -28.79
C LYS E 209 -10.01 -10.26 -29.20
N VAL E 210 -10.55 -9.34 -28.40
CA VAL E 210 -10.36 -7.93 -28.65
C VAL E 210 -8.89 -7.56 -28.60
N LYS E 211 -8.17 -8.13 -27.63
CA LYS E 211 -6.73 -7.87 -27.55
C LYS E 211 -6.01 -8.32 -28.81
N GLY E 212 -6.37 -9.50 -29.34
CA GLY E 212 -5.74 -9.98 -30.56
C GLY E 212 -6.04 -9.11 -31.76
N VAL E 213 -7.29 -8.65 -31.89
CA VAL E 213 -7.62 -7.76 -33.00
C VAL E 213 -6.83 -6.46 -32.92
N GLU E 214 -6.74 -5.89 -31.71
CA GLU E 214 -5.94 -4.68 -31.52
C GLU E 214 -4.48 -4.92 -31.89
N ALA E 215 -3.93 -6.06 -31.49
CA ALA E 215 -2.54 -6.37 -31.81
C ALA E 215 -2.34 -6.48 -33.31
N ALA E 216 -3.28 -7.10 -34.02
CA ALA E 216 -3.16 -7.21 -35.47
C ALA E 216 -3.13 -5.84 -36.13
N HIS E 217 -4.06 -4.97 -35.72
CA HIS E 217 -4.08 -3.62 -36.29
C HIS E 217 -2.78 -2.88 -35.99
N ALA E 218 -2.29 -2.98 -34.75
CA ALA E 218 -1.06 -2.30 -34.38
C ALA E 218 0.12 -2.81 -35.20
N ALA E 219 0.21 -4.12 -35.41
CA ALA E 219 1.32 -4.68 -36.18
C ALA E 219 1.29 -4.17 -37.61
N LEU E 220 0.12 -4.20 -38.24
CA LEU E 220 0.02 -3.70 -39.61
C LEU E 220 0.44 -2.23 -39.68
N GLN E 221 -0.07 -1.41 -38.76
CA GLN E 221 0.24 0.01 -38.79
C GLN E 221 1.73 0.28 -38.59
N ILE E 222 2.35 -0.42 -37.64
CA ILE E 222 3.76 -0.14 -37.35
C ILE E 222 4.65 -0.61 -38.50
N VAL E 223 4.32 -1.74 -39.13
CA VAL E 223 5.11 -2.18 -40.27
C VAL E 223 5.00 -1.19 -41.41
N SER E 224 3.78 -0.71 -41.68
CA SER E 224 3.60 0.28 -42.74
C SER E 224 4.36 1.56 -42.44
N GLU E 225 4.32 2.02 -41.19
CA GLU E 225 5.01 3.25 -40.83
C GLU E 225 6.52 3.11 -40.98
N ARG E 226 7.08 1.99 -40.53
CA ARG E 226 8.52 1.78 -40.70
C ARG E 226 8.91 1.73 -42.16
N SER E 227 8.10 1.06 -42.98
CA SER E 227 8.37 1.04 -44.41
C SER E 227 8.34 2.44 -45.01
N ARG E 228 7.40 3.27 -44.54
CA ARG E 228 7.28 4.62 -45.08
C ARG E 228 8.48 5.47 -44.70
N ILE E 229 8.85 5.49 -43.42
CA ILE E 229 9.97 6.31 -42.99
C ILE E 229 11.32 5.76 -43.44
N ALA E 230 11.37 4.51 -43.89
CA ALA E 230 12.62 4.01 -44.45
C ALA E 230 12.91 4.56 -45.84
N ALA E 231 12.06 5.46 -46.34
CA ALA E 231 12.22 6.08 -47.65
C ALA E 231 12.30 5.02 -48.75
N MET F 1 -33.22 9.99 63.08
CA MET F 1 -32.30 11.05 63.51
C MET F 1 -31.07 10.46 64.20
N HIS F 2 -30.97 10.69 65.50
CA HIS F 2 -29.81 10.23 66.29
C HIS F 2 -30.10 8.84 66.82
N THR F 3 -29.48 7.84 66.20
CA THR F 3 -29.63 6.44 66.59
C THR F 3 -28.44 5.64 66.07
N PRO F 4 -27.82 4.80 66.90
CA PRO F 4 -26.65 4.04 66.43
C PRO F 4 -26.99 3.17 65.23
N ASP F 5 -26.05 3.13 64.28
CA ASP F 5 -26.27 2.39 63.04
C ASP F 5 -26.18 0.88 63.28
N CYS F 6 -26.99 0.13 62.54
CA CYS F 6 -26.99 -1.33 62.62
C CYS F 6 -26.49 -1.95 61.32
N VAL F 7 -27.08 -1.60 60.18
CA VAL F 7 -26.68 -2.13 58.88
C VAL F 7 -26.54 -0.96 57.91
N THR F 8 -25.65 -1.14 56.93
CA THR F 8 -25.42 -0.11 55.91
C THR F 8 -25.00 -0.81 54.63
N GLY F 9 -25.74 -0.60 53.56
CA GLY F 9 -25.41 -1.19 52.29
C GLY F 9 -26.60 -1.15 51.34
N LYS F 10 -26.37 -1.72 50.16
CA LYS F 10 -27.42 -1.78 49.16
C LYS F 10 -28.52 -2.75 49.57
N VAL F 11 -29.74 -2.42 49.16
CA VAL F 11 -30.89 -3.27 49.47
C VAL F 11 -30.85 -4.51 48.59
N GLU F 12 -30.72 -5.68 49.21
CA GLU F 12 -30.74 -6.92 48.45
C GLU F 12 -32.12 -7.20 47.87
N TYR F 13 -33.15 -7.07 48.71
CA TYR F 13 -34.53 -7.28 48.26
C TYR F 13 -35.46 -6.59 49.25
N THR F 14 -36.69 -6.37 48.78
CA THR F 14 -37.75 -5.75 49.59
C THR F 14 -38.94 -6.70 49.62
N LYS F 15 -39.32 -7.14 50.82
CA LYS F 15 -40.34 -8.16 50.99
C LYS F 15 -41.56 -7.59 51.70
N TYR F 16 -42.74 -8.05 51.29
CA TYR F 16 -44.00 -7.70 51.92
C TYR F 16 -44.47 -8.86 52.77
N ASN F 17 -44.84 -8.58 54.01
CA ASN F 17 -45.27 -9.62 54.95
C ASN F 17 -46.79 -9.70 54.99
N ASP F 18 -47.28 -10.63 55.81
CA ASP F 18 -48.72 -10.83 55.92
C ASP F 18 -49.40 -9.72 56.72
N ASP F 19 -48.66 -9.06 57.62
CA ASP F 19 -49.21 -8.01 58.47
C ASP F 19 -49.04 -6.63 57.87
N ASP F 20 -48.99 -6.52 56.54
CA ASP F 20 -48.84 -5.24 55.84
C ASP F 20 -47.59 -4.49 56.29
N THR F 21 -46.50 -5.24 56.50
CA THR F 21 -45.23 -4.66 56.89
C THR F 21 -44.20 -4.92 55.81
N PHE F 22 -43.28 -3.98 55.64
CA PHE F 22 -42.27 -4.04 54.59
C PHE F 22 -40.96 -4.56 55.16
N THR F 23 -40.56 -5.75 54.72
CA THR F 23 -39.30 -6.36 55.15
C THR F 23 -38.23 -6.07 54.09
N VAL F 24 -37.15 -5.43 54.52
CA VAL F 24 -36.07 -5.05 53.64
C VAL F 24 -34.76 -5.62 54.17
N LYS F 25 -33.98 -6.24 53.29
CA LYS F 25 -32.71 -6.84 53.65
C LYS F 25 -31.59 -5.87 53.30
N VAL F 26 -30.96 -5.30 54.32
CA VAL F 26 -29.83 -4.40 54.16
C VAL F 26 -28.64 -4.99 54.90
N GLY F 27 -27.52 -5.14 54.20
CA GLY F 27 -26.36 -5.75 54.83
C GLY F 27 -26.59 -7.23 55.07
N ASP F 28 -26.10 -7.71 56.22
CA ASP F 28 -26.23 -9.10 56.60
C ASP F 28 -27.43 -9.37 57.49
N LYS F 29 -28.26 -8.36 57.75
CA LYS F 29 -29.42 -8.50 58.63
C LYS F 29 -30.68 -8.11 57.88
N GLU F 30 -31.78 -8.80 58.19
CA GLU F 30 -33.07 -8.53 57.59
C GLU F 30 -33.87 -7.74 58.62
N LEU F 31 -34.52 -6.68 58.18
CA LEU F 31 -35.35 -5.84 59.05
C LEU F 31 -36.64 -5.48 58.34
N PHE F 32 -37.67 -5.19 59.13
CA PHE F 32 -38.99 -4.87 58.60
C PHE F 32 -39.48 -3.56 59.19
N THR F 33 -40.30 -2.84 58.41
CA THR F 33 -40.86 -1.56 58.81
C THR F 33 -42.36 -1.58 58.56
N ASN F 34 -43.06 -0.73 59.30
CA ASN F 34 -44.52 -0.66 59.23
C ASN F 34 -45.03 0.64 58.60
N ARG F 35 -44.17 1.41 57.95
CA ARG F 35 -44.57 2.66 57.32
C ARG F 35 -44.90 2.40 55.86
N TRP F 36 -46.13 2.74 55.46
CA TRP F 36 -46.57 2.48 54.09
C TRP F 36 -45.76 3.27 53.08
N ASN F 37 -45.47 4.55 53.38
CA ASN F 37 -44.65 5.34 52.47
C ASN F 37 -43.22 4.80 52.40
N LEU F 38 -42.71 4.25 53.50
CA LEU F 38 -41.39 3.64 53.48
C LEU F 38 -41.34 2.46 52.53
N GLN F 39 -42.46 1.76 52.34
CA GLN F 39 -42.50 0.67 51.36
C GLN F 39 -42.19 1.19 49.96
N SER F 40 -42.89 2.24 49.54
CA SER F 40 -42.64 2.81 48.22
C SER F 40 -41.24 3.39 48.13
N LEU F 41 -40.76 4.03 49.21
CA LEU F 41 -39.41 4.60 49.19
C LEU F 41 -38.36 3.52 49.00
N LEU F 42 -38.46 2.42 49.75
CA LEU F 42 -37.50 1.34 49.63
C LEU F 42 -37.61 0.65 48.27
N LEU F 43 -38.83 0.49 47.76
CA LEU F 43 -39.00 -0.09 46.43
C LEU F 43 -38.34 0.76 45.36
N SER F 44 -38.52 2.08 45.43
CA SER F 44 -37.88 2.98 44.46
C SER F 44 -36.36 2.97 44.62
N ALA F 45 -35.87 2.92 45.86
CA ALA F 45 -34.43 2.88 46.08
C ALA F 45 -33.82 1.61 45.50
N GLN F 46 -34.48 0.47 45.70
CA GLN F 46 -34.01 -0.79 45.12
C GLN F 46 -34.08 -0.75 43.60
N ILE F 47 -35.14 -0.17 43.05
CA ILE F 47 -35.28 -0.08 41.60
C ILE F 47 -34.19 0.79 41.00
N THR F 48 -33.92 1.95 41.61
CA THR F 48 -32.93 2.88 41.11
C THR F 48 -31.53 2.61 41.64
N GLY F 49 -31.35 1.57 42.45
CA GLY F 49 -30.04 1.25 43.00
C GLY F 49 -29.51 2.31 43.95
N MET F 50 -30.37 2.85 44.79
CA MET F 50 -30.00 3.84 45.79
C MET F 50 -29.90 3.16 47.15
N THR F 51 -28.74 3.29 47.79
CA THR F 51 -28.51 2.65 49.07
C THR F 51 -29.25 3.39 50.18
N VAL F 52 -29.60 2.65 51.23
CA VAL F 52 -30.21 3.20 52.43
C VAL F 52 -29.46 2.66 53.64
N THR F 53 -29.51 3.44 54.72
CA THR F 53 -28.91 3.04 55.98
C THR F 53 -29.99 2.98 57.05
N ILE F 54 -30.12 1.82 57.70
CA ILE F 54 -31.13 1.58 58.71
C ILE F 54 -30.42 1.50 60.06
N LYS F 55 -30.79 2.39 60.98
CA LYS F 55 -30.23 2.42 62.31
C LYS F 55 -31.31 2.07 63.32
N THR F 56 -31.04 1.09 64.17
CA THR F 56 -32.00 0.64 65.17
C THR F 56 -31.24 -0.09 66.27
N ASN F 57 -31.88 -0.17 67.45
CA ASN F 57 -31.28 -0.88 68.57
C ASN F 57 -31.40 -2.39 68.44
N ALA F 58 -32.31 -2.88 67.60
CA ALA F 58 -32.50 -4.32 67.41
C ALA F 58 -31.74 -4.74 66.15
N CYS F 59 -30.42 -4.93 66.32
CA CYS F 59 -29.54 -5.33 65.21
C CYS F 59 -29.57 -6.85 65.07
N HIS F 60 -30.69 -7.34 64.54
CA HIS F 60 -30.87 -8.77 64.32
C HIS F 60 -31.87 -8.98 63.19
N ASN F 61 -31.89 -10.20 62.67
CA ASN F 61 -32.82 -10.53 61.60
C ASN F 61 -34.26 -10.46 62.08
N GLY F 62 -35.12 -9.85 61.26
CA GLY F 62 -36.52 -9.70 61.59
C GLY F 62 -36.84 -8.55 62.52
N GLY F 63 -35.86 -7.74 62.90
CA GLY F 63 -36.11 -6.64 63.79
C GLY F 63 -36.87 -5.50 63.12
N GLY F 64 -37.48 -4.66 63.96
CA GLY F 64 -38.26 -3.54 63.49
C GLY F 64 -37.48 -2.24 63.53
N PHE F 65 -37.85 -1.31 62.65
CA PHE F 65 -37.20 -0.01 62.57
C PHE F 65 -38.17 1.01 62.02
N SER F 66 -37.88 2.28 62.28
CA SER F 66 -38.70 3.37 61.77
C SER F 66 -37.90 4.53 61.18
N GLU F 67 -36.60 4.60 61.42
CA GLU F 67 -35.75 5.68 60.91
C GLU F 67 -34.79 5.11 59.88
N VAL F 68 -34.79 5.69 58.68
CA VAL F 68 -33.95 5.23 57.58
C VAL F 68 -33.12 6.41 57.08
N ILE F 69 -31.82 6.19 56.92
CA ILE F 69 -30.92 7.17 56.34
C ILE F 69 -30.81 6.90 54.86
N PHE F 70 -31.20 7.87 54.04
CA PHE F 70 -31.10 7.76 52.59
C PHE F 70 -29.88 8.47 52.03
N ARG F 71 -28.97 8.92 52.89
CA ARG F 71 -27.76 9.58 52.44
C ARG F 71 -26.87 8.60 51.70
N GLY F 72 -26.03 9.14 50.82
CA GLY F 72 -25.13 8.34 50.02
C GLY F 72 -24.17 7.50 50.84
N SER F 73 -24.13 6.19 50.57
CA SER F 73 -23.27 5.27 51.28
C SER F 73 -22.51 4.32 50.36
N GLY F 74 -22.65 4.46 49.05
CA GLY F 74 -21.97 3.58 48.12
C GLY F 74 -22.84 3.15 46.97
N SER F 75 -24.15 3.07 47.20
CA SER F 75 -25.14 2.67 46.20
C SER F 75 -24.86 1.30 45.61
N GLY F 76 -24.26 0.41 46.40
CA GLY F 76 -23.96 -0.93 45.91
C GLY F 76 -22.48 -1.25 45.93
N SER F 77 -21.90 -1.43 44.74
CA SER F 77 -20.48 -1.75 44.66
C SER F 77 -19.63 -0.57 45.10
N GLY F 78 -18.51 -0.87 45.74
CA GLY F 78 -17.59 0.16 46.19
C GLY F 78 -16.56 -0.35 47.18
N SER F 79 -15.31 0.09 47.02
CA SER F 79 -14.24 -0.32 47.92
C SER F 79 -13.10 0.68 47.80
N GLY F 80 -12.24 0.70 48.81
CA GLY F 80 -11.10 1.59 48.82
C GLY F 80 -10.82 2.21 50.17
N SER F 81 -9.57 2.17 50.61
CA SER F 81 -9.15 2.77 51.87
C SER F 81 -8.08 3.81 51.61
N LEU F 82 -8.17 4.93 52.34
CA LEU F 82 -7.25 6.05 52.19
C LEU F 82 -7.19 6.52 50.74
N LYS F 83 -5.99 6.87 50.27
CA LYS F 83 -5.80 7.27 48.88
C LYS F 83 -4.62 6.59 48.21
N THR F 84 -3.67 6.03 48.96
CA THR F 84 -2.53 5.33 48.39
C THR F 84 -2.59 3.83 48.61
N SER F 85 -3.70 3.31 49.14
CA SER F 85 -3.88 1.88 49.36
C SER F 85 -5.09 1.43 48.54
N PHE F 86 -4.83 0.86 47.38
CA PHE F 86 -5.89 0.39 46.50
C PHE F 86 -5.43 -0.90 45.84
N LYS F 87 -6.22 -1.39 44.88
CA LYS F 87 -5.95 -2.65 44.22
C LYS F 87 -6.02 -2.47 42.71
N ILE F 88 -5.22 -3.26 41.99
CA ILE F 88 -5.16 -3.22 40.54
C ILE F 88 -5.34 -4.63 40.01
N ALA F 89 -6.13 -4.78 38.96
CA ALA F 89 -6.37 -6.07 38.34
C ALA F 89 -5.56 -6.17 37.05
N PHE F 90 -4.78 -7.24 36.94
CA PHE F 90 -3.91 -7.47 35.79
C PHE F 90 -4.46 -8.66 35.00
N ILE F 91 -4.81 -8.42 33.74
CA ILE F 91 -5.37 -9.44 32.86
C ILE F 91 -4.36 -9.71 31.76
N GLN F 92 -3.95 -10.97 31.62
CA GLN F 92 -2.91 -11.35 30.67
C GLN F 92 -3.42 -12.48 29.79
N ALA F 93 -3.23 -12.33 28.48
CA ALA F 93 -3.52 -13.42 27.56
C ALA F 93 -2.43 -14.48 27.65
N ARG F 94 -2.77 -15.70 27.22
CA ARG F 94 -1.86 -16.83 27.32
C ARG F 94 -1.23 -17.21 25.98
N TRP F 95 -1.38 -16.37 24.96
CA TRP F 95 -0.64 -16.53 23.71
C TRP F 95 0.69 -15.82 23.84
N HIS F 96 1.78 -16.52 23.51
CA HIS F 96 3.14 -16.02 23.71
C HIS F 96 3.35 -15.61 25.17
N ALA F 97 3.06 -16.56 26.08
CA ALA F 97 3.08 -16.25 27.50
C ALA F 97 4.46 -15.86 27.99
N ASP F 98 5.51 -16.40 27.37
CA ASP F 98 6.87 -16.11 27.83
C ASP F 98 7.25 -14.64 27.63
N ILE F 99 6.57 -13.94 26.73
CA ILE F 99 6.84 -12.52 26.53
C ILE F 99 5.97 -11.66 27.44
N VAL F 100 4.70 -12.02 27.60
CA VAL F 100 3.78 -11.28 28.46
C VAL F 100 4.22 -11.38 29.92
N ASP F 101 4.76 -12.52 30.32
CA ASP F 101 5.21 -12.68 31.70
C ASP F 101 6.29 -11.68 32.07
N GLU F 102 7.12 -11.29 31.10
CA GLU F 102 8.15 -10.29 31.37
C GLU F 102 7.50 -8.96 31.77
N ALA F 103 6.49 -8.53 31.02
CA ALA F 103 5.78 -7.30 31.35
C ALA F 103 5.10 -7.42 32.71
N ARG F 104 4.49 -8.57 32.99
CA ARG F 104 3.80 -8.74 34.26
C ARG F 104 4.78 -8.64 35.43
N LYS F 105 5.92 -9.33 35.33
CA LYS F 105 6.91 -9.29 36.39
C LYS F 105 7.47 -7.89 36.58
N SER F 106 7.75 -7.19 35.47
CA SER F 106 8.25 -5.83 35.58
C SER F 106 7.24 -4.91 36.24
N PHE F 107 5.96 -5.05 35.86
CA PHE F 107 4.91 -4.24 36.45
C PHE F 107 4.81 -4.47 37.95
N VAL F 108 4.78 -5.73 38.37
CA VAL F 108 4.65 -6.04 39.79
C VAL F 108 5.85 -5.55 40.57
N ALA F 109 7.05 -5.77 40.04
CA ALA F 109 8.26 -5.35 40.75
C ALA F 109 8.31 -3.83 40.89
N GLU F 110 7.98 -3.11 39.82
CA GLU F 110 8.01 -1.65 39.89
C GLU F 110 6.97 -1.12 40.87
N LEU F 111 5.77 -1.70 40.87
CA LEU F 111 4.76 -1.25 41.82
C LEU F 111 5.20 -1.51 43.25
N ALA F 112 5.80 -2.68 43.50
CA ALA F 112 6.29 -2.99 44.85
C ALA F 112 7.39 -2.02 45.26
N ALA F 113 8.30 -1.70 44.34
CA ALA F 113 9.38 -0.78 44.67
C ALA F 113 8.86 0.63 44.96
N LYS F 114 7.88 1.10 44.18
CA LYS F 114 7.39 2.46 44.33
C LYS F 114 6.50 2.59 45.56
N THR F 115 5.40 1.82 45.61
CA THR F 115 4.43 1.99 46.68
C THR F 115 4.85 1.34 47.98
N GLY F 116 5.84 0.44 47.95
CA GLY F 116 6.27 -0.22 49.17
C GLY F 116 5.30 -1.25 49.71
N GLY F 117 4.40 -1.77 48.86
CA GLY F 117 3.44 -2.77 49.28
C GLY F 117 2.05 -2.25 49.57
N SER F 118 1.81 -0.95 49.41
CA SER F 118 0.49 -0.41 49.68
C SER F 118 -0.50 -0.76 48.58
N VAL F 119 -0.02 -1.01 47.37
CA VAL F 119 -0.88 -1.34 46.23
C VAL F 119 -0.77 -2.83 45.96
N GLU F 120 -1.92 -3.48 45.83
CA GLU F 120 -2.00 -4.92 45.61
C GLU F 120 -2.39 -5.19 44.15
N VAL F 121 -1.72 -6.17 43.54
CA VAL F 121 -1.97 -6.54 42.16
C VAL F 121 -2.51 -7.96 42.13
N GLU F 122 -3.62 -8.14 41.42
CA GLU F 122 -4.23 -9.45 41.24
C GLU F 122 -4.16 -9.84 39.77
N ILE F 123 -3.81 -11.09 39.51
CA ILE F 123 -3.52 -11.58 38.17
C ILE F 123 -4.66 -12.50 37.72
N PHE F 124 -5.17 -12.25 36.52
CA PHE F 124 -6.23 -13.05 35.92
C PHE F 124 -5.79 -13.51 34.54
N ASP F 125 -6.11 -14.76 34.20
CA ASP F 125 -5.69 -15.37 32.95
C ASP F 125 -6.87 -15.50 32.00
N VAL F 126 -6.63 -15.20 30.72
CA VAL F 126 -7.64 -15.37 29.68
C VAL F 126 -7.00 -16.12 28.51
N PRO F 127 -7.78 -16.83 27.70
CA PRO F 127 -7.18 -17.57 26.58
C PRO F 127 -6.49 -16.67 25.56
N GLY F 128 -7.15 -15.60 25.11
CA GLY F 128 -6.61 -14.73 24.11
C GLY F 128 -7.00 -13.30 24.33
N ALA F 129 -6.52 -12.42 23.46
CA ALA F 129 -6.81 -11.00 23.58
C ALA F 129 -8.28 -10.69 23.37
N TYR F 130 -8.98 -11.50 22.58
CA TYR F 130 -10.39 -11.27 22.34
C TYR F 130 -11.24 -11.41 23.60
N GLU F 131 -10.72 -12.05 24.63
CA GLU F 131 -11.47 -12.29 25.87
C GLU F 131 -11.23 -11.21 26.91
N ILE F 132 -10.44 -10.18 26.60
CA ILE F 132 -10.03 -9.19 27.60
C ILE F 132 -11.14 -8.19 27.90
N PRO F 133 -11.82 -7.59 26.91
CA PRO F 133 -12.82 -6.56 27.26
C PRO F 133 -13.95 -7.06 28.15
N LEU F 134 -14.47 -8.27 27.93
CA LEU F 134 -15.56 -8.76 28.75
C LEU F 134 -15.08 -9.04 30.17
N HIS F 135 -13.88 -9.61 30.32
CA HIS F 135 -13.33 -9.86 31.64
C HIS F 135 -13.10 -8.54 32.39
N ALA F 136 -12.59 -7.53 31.69
CA ALA F 136 -12.39 -6.23 32.31
C ALA F 136 -13.71 -5.60 32.75
N LYS F 137 -14.73 -5.71 31.91
CA LYS F 137 -16.04 -5.17 32.28
C LYS F 137 -16.61 -5.89 33.49
N THR F 138 -16.46 -7.22 33.54
CA THR F 138 -16.95 -7.99 34.67
C THR F 138 -16.22 -7.61 35.96
N LEU F 139 -14.90 -7.43 35.87
CA LEU F 139 -14.14 -7.09 37.07
C LEU F 139 -14.40 -5.67 37.52
N ALA F 140 -14.62 -4.75 36.59
CA ALA F 140 -14.78 -3.34 36.94
C ALA F 140 -16.09 -3.09 37.68
N ARG F 141 -17.14 -3.82 37.31
CA ARG F 141 -18.46 -3.54 37.88
C ARG F 141 -18.60 -3.99 39.32
N THR F 142 -17.62 -4.71 39.87
CA THR F 142 -17.65 -5.13 41.26
C THR F 142 -16.99 -4.13 42.19
N GLY F 143 -16.57 -2.98 41.68
CA GLY F 143 -15.72 -2.11 42.48
C GLY F 143 -14.39 -2.78 42.72
N ARG F 144 -13.82 -2.57 43.90
CA ARG F 144 -12.72 -3.38 44.41
C ARG F 144 -11.41 -3.12 43.68
N TYR F 145 -11.44 -2.31 42.62
CA TYR F 145 -10.27 -2.08 41.80
C TYR F 145 -10.25 -0.63 41.33
N ALA F 146 -9.12 0.05 41.56
CA ALA F 146 -8.98 1.42 41.10
C ALA F 146 -8.54 1.52 39.65
N ALA F 147 -7.98 0.45 39.10
CA ALA F 147 -7.56 0.44 37.71
C ALA F 147 -7.47 -0.99 37.22
N ILE F 148 -7.44 -1.15 35.90
CA ILE F 148 -7.36 -2.45 35.25
C ILE F 148 -6.33 -2.38 34.14
N VAL F 149 -5.48 -3.39 34.06
CA VAL F 149 -4.42 -3.45 33.06
C VAL F 149 -4.62 -4.70 32.22
N GLY F 150 -4.61 -4.53 30.90
CA GLY F 150 -4.72 -5.65 29.98
C GLY F 150 -3.46 -5.82 29.14
N ALA F 151 -2.85 -7.00 29.19
CA ALA F 151 -1.59 -7.26 28.51
C ALA F 151 -1.78 -8.40 27.50
N ALA F 152 -1.35 -8.17 26.27
CA ALA F 152 -1.43 -9.19 25.23
C ALA F 152 -0.42 -8.87 24.14
N PHE F 153 -0.09 -9.88 23.36
CA PHE F 153 0.86 -9.77 22.24
C PHE F 153 0.14 -10.27 20.99
N VAL F 154 -0.36 -9.33 20.18
CA VAL F 154 -1.10 -9.65 18.97
C VAL F 154 -0.18 -9.47 17.78
N ILE F 155 0.11 -10.56 17.07
CA ILE F 155 1.06 -10.55 15.97
C ILE F 155 0.38 -11.08 14.71
N ASP F 156 1.03 -10.83 13.59
CA ASP F 156 0.59 -11.34 12.29
C ASP F 156 1.27 -12.68 12.05
N GLY F 157 0.49 -13.75 12.01
CA GLY F 157 1.04 -15.08 11.84
C GLY F 157 1.39 -15.45 10.41
N GLY F 158 1.08 -14.60 9.45
CA GLY F 158 1.39 -14.86 8.06
C GLY F 158 0.36 -15.69 7.32
N ILE F 159 -0.71 -16.12 7.98
CA ILE F 159 -1.76 -16.91 7.36
C ILE F 159 -3.08 -16.14 7.33
N TYR F 160 -3.53 -15.63 8.47
CA TYR F 160 -4.77 -14.90 8.58
C TYR F 160 -4.50 -13.44 8.94
N ARG F 161 -5.41 -12.57 8.52
CA ARG F 161 -5.30 -11.16 8.87
C ARG F 161 -5.62 -10.97 10.34
N HIS F 162 -4.84 -10.10 11.00
CA HIS F 162 -4.92 -9.92 12.44
C HIS F 162 -5.42 -8.55 12.87
N ASP F 163 -5.61 -7.60 11.94
CA ASP F 163 -5.94 -6.24 12.34
C ASP F 163 -7.37 -6.14 12.88
N PHE F 164 -8.28 -7.00 12.41
CA PHE F 164 -9.66 -6.94 12.89
C PHE F 164 -9.74 -7.19 14.39
N VAL F 165 -9.05 -8.23 14.86
CA VAL F 165 -9.11 -8.58 16.28
C VAL F 165 -8.49 -7.48 17.14
N ALA F 166 -7.34 -6.94 16.70
CA ALA F 166 -6.69 -5.88 17.46
C ALA F 166 -7.57 -4.64 17.54
N THR F 167 -8.17 -4.25 16.41
CA THR F 167 -9.06 -3.09 16.42
C THR F 167 -10.25 -3.33 17.34
N ALA F 168 -10.84 -4.53 17.28
CA ALA F 168 -11.99 -4.83 18.13
C ALA F 168 -11.60 -4.78 19.61
N VAL F 169 -10.42 -5.31 19.95
CA VAL F 169 -10.01 -5.35 21.35
C VAL F 169 -9.76 -3.94 21.87
N ILE F 170 -9.06 -3.11 21.10
CA ILE F 170 -8.78 -1.75 21.55
C ILE F 170 -10.08 -0.96 21.71
N ASN F 171 -10.97 -1.07 20.72
CA ASN F 171 -12.25 -0.36 20.80
C ASN F 171 -13.08 -0.85 21.98
N GLY F 172 -13.09 -2.16 22.22
CA GLY F 172 -13.86 -2.68 23.33
C GLY F 172 -13.31 -2.25 24.68
N MET F 173 -11.98 -2.20 24.81
CA MET F 173 -11.40 -1.71 26.05
C MET F 173 -11.76 -0.24 26.28
N MET F 174 -11.71 0.57 25.22
CA MET F 174 -12.12 1.97 25.37
C MET F 174 -13.59 2.07 25.75
N GLN F 175 -14.45 1.26 25.14
CA GLN F 175 -15.88 1.29 25.44
C GLN F 175 -16.14 0.90 26.89
N VAL F 176 -15.47 -0.14 27.37
CA VAL F 176 -15.63 -0.56 28.77
C VAL F 176 -15.15 0.54 29.69
N GLN F 177 -14.03 1.17 29.36
CA GLN F 177 -13.50 2.27 30.16
C GLN F 177 -14.51 3.39 30.28
N LEU F 178 -15.13 3.78 29.17
CA LEU F 178 -16.12 4.85 29.21
C LEU F 178 -17.41 4.42 29.90
N GLU F 179 -17.75 3.13 29.82
CA GLU F 179 -18.99 2.66 30.41
C GLU F 179 -18.91 2.59 31.93
N THR F 180 -17.82 2.04 32.46
CA THR F 180 -17.73 1.74 33.88
C THR F 180 -17.03 2.82 34.69
N GLU F 181 -16.49 3.86 34.04
CA GLU F 181 -15.78 4.93 34.73
C GLU F 181 -14.62 4.41 35.57
N VAL F 182 -13.93 3.39 35.05
CA VAL F 182 -12.78 2.79 35.69
C VAL F 182 -11.64 2.80 34.68
N PRO F 183 -10.47 3.36 35.00
CA PRO F 183 -9.39 3.43 34.02
C PRO F 183 -8.94 2.04 33.60
N VAL F 184 -8.65 1.90 32.30
CA VAL F 184 -8.14 0.66 31.73
C VAL F 184 -6.86 0.99 30.98
N LEU F 185 -5.74 0.46 31.44
CA LEU F 185 -4.46 0.66 30.78
C LEU F 185 -4.26 -0.42 29.73
N SER F 186 -3.69 -0.03 28.59
CA SER F 186 -3.52 -0.93 27.46
C SER F 186 -2.06 -1.32 27.31
N VAL F 187 -1.78 -2.61 27.42
CA VAL F 187 -0.45 -3.14 27.10
C VAL F 187 -0.64 -4.17 26.00
N VAL F 188 -1.65 -3.98 25.17
CA VAL F 188 -1.90 -4.83 24.01
C VAL F 188 -1.13 -4.23 22.84
N LEU F 189 -0.05 -4.90 22.44
CA LEU F 189 0.90 -4.35 21.48
C LEU F 189 0.93 -5.21 20.22
N THR F 190 1.01 -4.54 19.08
CA THR F 190 1.07 -5.21 17.77
C THR F 190 2.35 -4.79 17.05
N PRO F 191 3.35 -5.65 16.96
CA PRO F 191 4.59 -5.27 16.27
C PRO F 191 4.40 -5.21 14.77
N HIS F 192 5.27 -4.42 14.12
CA HIS F 192 5.24 -4.34 12.67
C HIS F 192 5.62 -5.68 12.03
N HIS F 193 6.65 -6.34 12.56
CA HIS F 193 7.11 -7.61 12.03
C HIS F 193 7.50 -8.53 13.18
N PHE F 194 7.04 -9.77 13.12
CA PHE F 194 7.45 -10.80 14.08
C PHE F 194 7.41 -12.14 13.37
N HIS F 195 8.58 -12.67 13.02
CA HIS F 195 8.70 -13.90 12.25
C HIS F 195 9.15 -15.08 13.12
N GLU F 196 8.96 -14.99 14.42
CA GLU F 196 9.25 -16.06 15.38
C GLU F 196 10.68 -16.57 15.29
N SER F 197 11.58 -15.78 14.70
CA SER F 197 12.99 -16.12 14.67
C SER F 197 13.62 -15.89 16.04
N LYS F 198 14.85 -16.37 16.18
CA LYS F 198 15.56 -16.18 17.46
C LYS F 198 15.83 -14.71 17.73
N GLU F 199 16.19 -13.95 16.70
CA GLU F 199 16.48 -12.53 16.89
C GLU F 199 15.23 -11.76 17.33
N HIS F 200 14.08 -12.08 16.74
CA HIS F 200 12.85 -11.38 17.09
C HIS F 200 12.43 -11.67 18.52
N HIS F 201 12.62 -12.91 18.97
CA HIS F 201 12.16 -13.30 20.30
C HIS F 201 12.87 -12.51 21.40
N ASP F 202 14.19 -12.40 21.30
CA ASP F 202 14.97 -11.74 22.34
C ASP F 202 14.63 -10.25 22.44
N PHE F 203 14.45 -9.60 21.30
CA PHE F 203 14.20 -8.16 21.30
C PHE F 203 12.92 -7.82 22.06
N PHE F 204 11.82 -8.51 21.74
CA PHE F 204 10.56 -8.22 22.41
C PHE F 204 10.55 -8.74 23.83
N HIS F 205 11.22 -9.87 24.08
CA HIS F 205 11.39 -10.36 25.44
C HIS F 205 12.05 -9.31 26.32
N ALA F 206 13.01 -8.57 25.78
CA ALA F 206 13.65 -7.50 26.53
C ALA F 206 12.79 -6.25 26.60
N HIS F 207 12.05 -5.94 25.53
CA HIS F 207 11.31 -4.68 25.49
C HIS F 207 10.06 -4.70 26.37
N PHE F 208 9.49 -5.88 26.61
CA PHE F 208 8.28 -5.93 27.42
C PHE F 208 8.52 -5.53 28.87
N LYS F 209 9.76 -5.65 29.36
CA LYS F 209 10.06 -5.14 30.70
C LYS F 209 9.90 -3.63 30.77
N VAL F 210 10.45 -2.93 29.79
CA VAL F 210 10.29 -1.48 29.72
C VAL F 210 8.83 -1.12 29.59
N LYS F 211 8.09 -1.87 28.77
CA LYS F 211 6.66 -1.62 28.63
C LYS F 211 5.93 -1.77 29.96
N GLY F 212 6.27 -2.80 30.73
CA GLY F 212 5.64 -3.00 32.03
C GLY F 212 5.95 -1.88 33.00
N VAL F 213 7.20 -1.41 33.02
CA VAL F 213 7.56 -0.30 33.92
C VAL F 213 6.78 0.95 33.54
N GLU F 214 6.69 1.23 32.24
CA GLU F 214 5.92 2.39 31.78
C GLU F 214 4.46 2.26 32.19
N ALA F 215 3.89 1.06 32.06
CA ALA F 215 2.50 0.85 32.43
C ALA F 215 2.29 1.08 33.93
N ALA F 216 3.22 0.62 34.76
CA ALA F 216 3.11 0.84 36.20
C ALA F 216 3.10 2.33 36.53
N HIS F 217 4.05 3.08 35.94
CA HIS F 217 4.08 4.52 36.19
C HIS F 217 2.79 5.19 35.74
N ALA F 218 2.31 4.82 34.55
CA ALA F 218 1.08 5.41 34.04
C ALA F 218 -0.11 5.12 34.95
N ALA F 219 -0.22 3.89 35.44
CA ALA F 219 -1.33 3.53 36.31
C ALA F 219 -1.29 4.35 37.60
N LEU F 220 -0.12 4.44 38.22
CA LEU F 220 -0.01 5.23 39.45
C LEU F 220 -0.41 6.68 39.20
N GLN F 221 0.11 7.27 38.13
CA GLN F 221 -0.16 8.68 37.85
C GLN F 221 -1.64 8.92 37.59
N ILE F 222 -2.28 8.04 36.80
CA ILE F 222 -3.68 8.26 36.45
C ILE F 222 -4.57 8.08 37.66
N VAL F 223 -4.27 7.11 38.53
CA VAL F 223 -5.08 6.93 39.73
C VAL F 223 -4.94 8.16 40.63
N SER F 224 -3.72 8.67 40.79
CA SER F 224 -3.53 9.86 41.61
C SER F 224 -4.27 11.06 41.03
N GLU F 225 -4.22 11.22 39.70
CA GLU F 225 -4.89 12.37 39.08
C GLU F 225 -6.41 12.29 39.24
N ARG F 226 -6.98 11.09 39.05
CA ARG F 226 -8.42 10.95 39.25
C ARG F 226 -8.81 11.24 40.69
N SER F 227 -8.01 10.75 41.64
CA SER F 227 -8.28 11.05 43.05
C SER F 227 -8.23 12.54 43.31
N ARG F 228 -7.29 13.25 42.68
CA ARG F 228 -7.15 14.67 42.91
C ARG F 228 -8.34 15.44 42.33
N ILE F 229 -8.70 15.17 41.08
CA ILE F 229 -9.81 15.91 40.47
C ILE F 229 -11.15 15.50 41.05
N ALA F 230 -11.22 14.36 41.75
CA ALA F 230 -12.46 14.01 42.43
C ALA F 230 -12.74 14.86 43.66
N ALA F 231 -11.89 15.84 43.95
CA ALA F 231 -12.05 16.73 45.10
C ALA F 231 -12.13 15.95 46.40
N MET G 1 -43.12 -15.91 55.17
CA MET G 1 -42.15 -16.53 56.08
C MET G 1 -41.93 -18.00 55.73
N HIS G 2 -42.25 -18.87 56.69
CA HIS G 2 -42.05 -20.31 56.52
C HIS G 2 -43.30 -20.92 55.91
N THR G 3 -43.23 -21.27 54.62
CA THR G 3 -44.33 -21.87 53.89
C THR G 3 -43.77 -22.59 52.67
N PRO G 4 -44.21 -23.82 52.40
CA PRO G 4 -43.66 -24.57 51.25
C PRO G 4 -43.89 -23.83 49.94
N ASP G 5 -42.88 -23.85 49.09
CA ASP G 5 -42.93 -23.12 47.82
C ASP G 5 -43.87 -23.80 46.84
N CYS G 6 -44.56 -22.98 46.04
CA CYS G 6 -45.46 -23.48 45.00
C CYS G 6 -44.95 -23.14 43.61
N VAL G 7 -44.68 -21.87 43.32
CA VAL G 7 -44.19 -21.44 42.02
C VAL G 7 -43.03 -20.48 42.21
N THR G 8 -42.03 -20.60 41.33
CA THR G 8 -40.86 -19.73 41.37
C THR G 8 -40.47 -19.40 39.94
N GLY G 9 -40.42 -18.11 39.63
CA GLY G 9 -40.05 -17.67 38.30
C GLY G 9 -40.45 -16.23 38.07
N LYS G 10 -40.13 -15.76 36.87
CA LYS G 10 -40.44 -14.40 36.49
C LYS G 10 -41.95 -14.21 36.32
N VAL G 11 -42.43 -13.01 36.65
CA VAL G 11 -43.85 -12.70 36.51
C VAL G 11 -44.18 -12.53 35.03
N GLU G 12 -45.04 -13.40 34.52
CA GLU G 12 -45.47 -13.29 33.12
C GLU G 12 -46.35 -12.06 32.92
N TYR G 13 -47.35 -11.88 33.79
CA TYR G 13 -48.23 -10.73 33.71
C TYR G 13 -48.90 -10.52 35.06
N THR G 14 -49.39 -9.31 35.27
CA THR G 14 -50.09 -8.94 36.49
C THR G 14 -51.50 -8.49 36.13
N LYS G 15 -52.50 -9.21 36.63
CA LYS G 15 -53.89 -9.00 36.27
C LYS G 15 -54.68 -8.42 37.44
N TYR G 16 -55.58 -7.50 37.13
CA TYR G 16 -56.49 -6.92 38.11
C TYR G 16 -57.88 -7.50 37.89
N ASN G 17 -58.49 -8.01 38.96
CA ASN G 17 -59.80 -8.64 38.89
C ASN G 17 -60.89 -7.65 39.29
N ASP G 18 -62.14 -8.13 39.25
CA ASP G 18 -63.27 -7.27 39.57
C ASP G 18 -63.38 -7.00 41.07
N ASP G 19 -62.85 -7.89 41.91
CA ASP G 19 -62.94 -7.76 43.35
C ASP G 19 -61.74 -7.03 43.95
N ASP G 20 -61.11 -6.14 43.18
CA ASP G 20 -59.95 -5.37 43.64
C ASP G 20 -58.83 -6.28 44.14
N THR G 21 -58.62 -7.38 43.44
CA THR G 21 -57.57 -8.33 43.77
C THR G 21 -56.55 -8.38 42.64
N PHE G 22 -55.29 -8.59 43.01
CA PHE G 22 -54.17 -8.60 42.07
C PHE G 22 -53.83 -10.03 41.70
N THR G 23 -54.11 -10.41 40.45
CA THR G 23 -53.80 -11.73 39.95
C THR G 23 -52.47 -11.69 39.21
N VAL G 24 -51.53 -12.52 39.67
CA VAL G 24 -50.18 -12.55 39.11
C VAL G 24 -49.87 -13.98 38.68
N LYS G 25 -49.33 -14.12 37.47
CA LYS G 25 -48.97 -15.41 36.90
C LYS G 25 -47.48 -15.64 37.11
N VAL G 26 -47.14 -16.55 38.01
CA VAL G 26 -45.75 -16.93 38.29
C VAL G 26 -45.60 -18.41 37.97
N GLY G 27 -44.61 -18.73 37.13
CA GLY G 27 -44.43 -20.12 36.73
C GLY G 27 -45.59 -20.60 35.86
N ASP G 28 -46.03 -21.83 36.11
CA ASP G 28 -47.11 -22.44 35.35
C ASP G 28 -48.47 -22.28 36.04
N LYS G 29 -48.54 -21.58 37.16
CA LYS G 29 -49.77 -21.40 37.91
C LYS G 29 -50.09 -19.93 38.07
N GLU G 30 -51.38 -19.60 38.06
CA GLU G 30 -51.86 -18.24 38.22
C GLU G 30 -52.36 -18.14 39.65
N LEU G 31 -51.99 -17.05 40.33
CA LEU G 31 -52.42 -16.81 41.70
C LEU G 31 -52.79 -15.35 41.88
N PHE G 32 -53.65 -15.08 42.85
CA PHE G 32 -54.14 -13.73 43.12
C PHE G 32 -53.93 -13.38 44.58
N THR G 33 -53.74 -12.08 44.83
CA THR G 33 -53.52 -11.56 46.18
C THR G 33 -54.45 -10.38 46.41
N ASN G 34 -54.74 -10.12 47.69
CA ASN G 34 -55.66 -9.07 48.09
C ASN G 34 -54.96 -7.91 48.79
N ARG G 35 -53.64 -7.83 48.72
CA ARG G 35 -52.88 -6.75 49.36
C ARG G 35 -52.66 -5.63 48.34
N TRP G 36 -53.13 -4.43 48.67
CA TRP G 36 -53.02 -3.31 47.74
C TRP G 36 -51.56 -2.94 47.48
N ASN G 37 -50.73 -2.94 48.53
CA ASN G 37 -49.31 -2.66 48.34
C ASN G 37 -48.63 -3.74 47.52
N LEU G 38 -49.07 -4.99 47.67
CA LEU G 38 -48.53 -6.06 46.86
C LEU G 38 -48.80 -5.85 45.37
N GLN G 39 -49.90 -5.17 45.04
CA GLN G 39 -50.17 -4.85 43.64
C GLN G 39 -49.07 -3.97 43.06
N SER G 40 -48.73 -2.88 43.77
CA SER G 40 -47.67 -2.00 43.31
C SER G 40 -46.33 -2.71 43.31
N LEU G 41 -46.07 -3.55 44.32
CA LEU G 41 -44.81 -4.29 44.37
C LEU G 41 -44.65 -5.22 43.17
N LEU G 42 -45.70 -5.98 42.86
CA LEU G 42 -45.64 -6.89 41.72
C LEU G 42 -45.55 -6.14 40.41
N LEU G 43 -46.27 -5.01 40.29
CA LEU G 43 -46.18 -4.21 39.08
C LEU G 43 -44.77 -3.68 38.87
N SER G 44 -44.13 -3.19 39.94
CA SER G 44 -42.76 -2.70 39.82
C SER G 44 -41.79 -3.84 39.51
N ALA G 45 -41.99 -5.00 40.12
CA ALA G 45 -41.13 -6.15 39.84
C ALA G 45 -41.24 -6.58 38.38
N GLN G 46 -42.46 -6.61 37.84
CA GLN G 46 -42.64 -6.94 36.43
C GLN G 46 -42.03 -5.87 35.53
N ILE G 47 -42.17 -4.60 35.90
CA ILE G 47 -41.61 -3.52 35.11
C ILE G 47 -40.09 -3.60 35.08
N THR G 48 -39.48 -3.83 36.25
CA THR G 48 -38.03 -3.88 36.35
C THR G 48 -37.45 -5.27 36.12
N GLY G 49 -38.29 -6.26 35.80
CA GLY G 49 -37.83 -7.60 35.57
C GLY G 49 -37.22 -8.26 36.78
N MET G 50 -37.85 -8.06 37.94
CA MET G 50 -37.41 -8.66 39.20
C MET G 50 -38.31 -9.85 39.52
N THR G 51 -37.71 -11.01 39.71
CA THR G 51 -38.47 -12.22 39.98
C THR G 51 -38.99 -12.22 41.40
N VAL G 52 -40.12 -12.90 41.60
CA VAL G 52 -40.71 -13.10 42.91
C VAL G 52 -41.04 -14.58 43.07
N THR G 53 -41.08 -15.03 44.32
CA THR G 53 -41.43 -16.40 44.65
C THR G 53 -42.66 -16.39 45.55
N ILE G 54 -43.70 -17.11 45.14
CA ILE G 54 -44.95 -17.18 45.88
C ILE G 54 -45.07 -18.57 46.47
N LYS G 55 -45.14 -18.66 47.79
CA LYS G 55 -45.28 -19.92 48.49
C LYS G 55 -46.64 -19.96 49.17
N THR G 56 -47.42 -21.00 48.88
CA THR G 56 -48.75 -21.15 49.44
C THR G 56 -49.17 -22.61 49.35
N ASN G 57 -50.14 -22.99 50.18
CA ASN G 57 -50.64 -24.35 50.19
C ASN G 57 -51.58 -24.63 49.02
N ALA G 58 -52.12 -23.59 48.39
CA ALA G 58 -53.04 -23.76 47.25
C ALA G 58 -52.25 -23.61 45.96
N CYS G 59 -51.55 -24.68 45.59
CA CYS G 59 -50.73 -24.69 44.38
C CYS G 59 -51.60 -25.06 43.17
N HIS G 60 -52.42 -24.10 42.78
CA HIS G 60 -53.31 -24.28 41.65
C HIS G 60 -53.65 -22.92 41.05
N ASN G 61 -54.18 -22.94 39.84
CA ASN G 61 -54.56 -21.70 39.16
C ASN G 61 -55.70 -21.02 39.90
N GLY G 62 -55.57 -19.70 40.06
CA GLY G 62 -56.58 -18.92 40.75
C GLY G 62 -56.51 -18.95 42.26
N GLY G 63 -55.50 -19.61 42.83
CA GLY G 63 -55.40 -19.68 44.28
C GLY G 63 -54.96 -18.37 44.90
N GLY G 64 -55.22 -18.24 46.19
CA GLY G 64 -54.88 -17.06 46.94
C GLY G 64 -53.58 -17.21 47.71
N PHE G 65 -52.92 -16.07 47.95
CA PHE G 65 -51.66 -16.05 48.68
C PHE G 65 -51.49 -14.70 49.35
N SER G 66 -50.64 -14.67 50.38
CA SER G 66 -50.34 -13.45 51.09
C SER G 66 -48.86 -13.22 51.34
N GLU G 67 -48.02 -14.24 51.23
CA GLU G 67 -46.59 -14.13 51.49
C GLU G 67 -45.83 -14.31 50.18
N VAL G 68 -44.98 -13.34 49.85
CA VAL G 68 -44.22 -13.35 48.61
C VAL G 68 -42.75 -13.21 48.93
N ILE G 69 -41.93 -14.07 48.33
CA ILE G 69 -40.48 -14.00 48.47
C ILE G 69 -39.95 -13.17 47.31
N PHE G 70 -39.28 -12.06 47.62
CA PHE G 70 -38.68 -11.19 46.62
C PHE G 70 -37.19 -11.42 46.47
N ARG G 71 -36.66 -12.49 47.06
CA ARG G 71 -35.24 -12.78 46.95
C ARG G 71 -34.89 -13.21 45.53
N GLY G 72 -33.61 -13.05 45.19
CA GLY G 72 -33.13 -13.40 43.87
C GLY G 72 -33.35 -14.85 43.50
N SER G 73 -33.98 -15.09 42.34
CA SER G 73 -34.25 -16.43 41.88
C SER G 73 -33.94 -16.64 40.40
N GLY G 74 -33.39 -15.64 39.72
CA GLY G 74 -33.07 -15.76 38.32
C GLY G 74 -33.44 -14.55 37.50
N SER G 75 -34.48 -13.82 37.95
CA SER G 75 -34.97 -12.61 37.30
C SER G 75 -35.36 -12.85 35.84
N GLY G 76 -35.82 -14.06 35.52
CA GLY G 76 -36.22 -14.37 34.16
C GLY G 76 -35.40 -15.49 33.54
N SER G 77 -34.61 -15.16 32.52
CA SER G 77 -33.79 -16.16 31.86
C SER G 77 -32.69 -16.66 32.79
N GLY G 78 -32.37 -17.94 32.67
CA GLY G 78 -31.31 -18.53 33.47
C GLY G 78 -31.33 -20.05 33.44
N SER G 79 -30.15 -20.65 33.33
CA SER G 79 -30.02 -22.10 33.30
C SER G 79 -28.60 -22.49 33.67
N GLY G 80 -28.42 -23.74 34.06
CA GLY G 80 -27.11 -24.24 34.42
C GLY G 80 -27.10 -25.10 35.67
N SER G 81 -26.49 -26.28 35.58
CA SER G 81 -26.37 -27.20 36.70
C SER G 81 -24.91 -27.43 37.01
N LEU G 82 -24.60 -27.53 38.31
CA LEU G 82 -23.23 -27.72 38.78
C LEU G 82 -22.30 -26.65 38.23
N LYS G 83 -21.08 -27.04 37.89
CA LYS G 83 -20.13 -26.12 37.27
C LYS G 83 -19.43 -26.68 36.04
N THR G 84 -19.42 -28.00 35.84
CA THR G 84 -18.82 -28.61 34.67
C THR G 84 -19.85 -29.19 33.71
N SER G 85 -21.14 -28.95 33.95
CA SER G 85 -22.21 -29.43 33.07
C SER G 85 -22.96 -28.21 32.56
N PHE G 86 -22.65 -27.79 31.34
CA PHE G 86 -23.28 -26.63 30.73
C PHE G 86 -23.47 -26.92 29.25
N LYS G 87 -23.90 -25.91 28.49
CA LYS G 87 -24.18 -26.06 27.08
C LYS G 87 -23.50 -24.94 26.29
N ILE G 88 -23.13 -25.27 25.06
CA ILE G 88 -22.45 -24.33 24.17
C ILE G 88 -23.19 -24.31 22.84
N ALA G 89 -23.39 -23.12 22.30
CA ALA G 89 -24.06 -22.94 21.02
C ALA G 89 -23.03 -22.68 19.93
N PHE G 90 -23.06 -23.48 18.87
CA PHE G 90 -22.14 -23.36 17.76
C PHE G 90 -22.89 -22.85 16.54
N ILE G 91 -22.46 -21.70 16.03
CA ILE G 91 -23.09 -21.07 14.88
C ILE G 91 -22.10 -21.10 13.72
N GLN G 92 -22.51 -21.68 12.60
CA GLN G 92 -21.63 -21.87 11.45
C GLN G 92 -22.29 -21.31 10.21
N ALA G 93 -21.53 -20.53 9.45
CA ALA G 93 -21.99 -20.06 8.15
C ALA G 93 -21.93 -21.19 7.14
N ARG G 94 -22.67 -21.04 6.05
CA ARG G 94 -22.78 -22.08 5.03
C ARG G 94 -22.00 -21.74 3.76
N TRP G 95 -21.17 -20.71 3.78
CA TRP G 95 -20.24 -20.45 2.69
C TRP G 95 -18.95 -21.22 2.94
N HIS G 96 -18.50 -21.96 1.94
CA HIS G 96 -17.35 -22.86 2.08
C HIS G 96 -17.58 -23.84 3.23
N ALA G 97 -18.73 -24.54 3.18
CA ALA G 97 -19.14 -25.39 4.28
C ALA G 97 -18.17 -26.54 4.51
N ASP G 98 -17.51 -27.02 3.45
CA ASP G 98 -16.61 -28.15 3.60
C ASP G 98 -15.39 -27.82 4.44
N ILE G 99 -15.05 -26.55 4.59
CA ILE G 99 -13.93 -26.15 5.45
C ILE G 99 -14.41 -25.90 6.88
N VAL G 100 -15.56 -25.24 7.04
CA VAL G 100 -16.09 -24.95 8.36
C VAL G 100 -16.48 -26.24 9.09
N ASP G 101 -16.94 -27.24 8.34
CA ASP G 101 -17.31 -28.52 8.96
C ASP G 101 -16.13 -29.17 9.64
N GLU G 102 -14.91 -28.99 9.11
CA GLU G 102 -13.73 -29.54 9.76
C GLU G 102 -13.56 -28.94 11.15
N ALA G 103 -13.68 -27.63 11.26
CA ALA G 103 -13.58 -26.98 12.56
C ALA G 103 -14.67 -27.45 13.50
N ARG G 104 -15.90 -27.58 12.99
CA ARG G 104 -17.01 -28.01 13.84
C ARG G 104 -16.77 -29.42 14.38
N LYS G 105 -16.34 -30.34 13.51
CA LYS G 105 -16.10 -31.71 13.95
C LYS G 105 -14.96 -31.77 14.94
N SER G 106 -13.88 -31.02 14.68
CA SER G 106 -12.76 -31.00 15.63
C SER G 106 -13.19 -30.46 16.98
N PHE G 107 -13.98 -29.38 16.98
CA PHE G 107 -14.47 -28.80 18.22
C PHE G 107 -15.30 -29.80 19.01
N VAL G 108 -16.24 -30.46 18.35
CA VAL G 108 -17.12 -31.40 19.04
C VAL G 108 -16.33 -32.58 19.58
N ALA G 109 -15.42 -33.12 18.76
CA ALA G 109 -14.63 -34.28 19.19
C ALA G 109 -13.74 -33.93 20.38
N GLU G 110 -13.09 -32.76 20.35
CA GLU G 110 -12.23 -32.38 21.46
C GLU G 110 -13.03 -32.15 22.72
N LEU G 111 -14.20 -31.50 22.62
CA LEU G 111 -15.03 -31.31 23.80
C LEU G 111 -15.49 -32.64 24.38
N ALA G 112 -15.88 -33.58 23.52
CA ALA G 112 -16.29 -34.90 24.00
C ALA G 112 -15.15 -35.62 24.69
N ALA G 113 -13.93 -35.53 24.12
CA ALA G 113 -12.78 -36.20 24.71
C ALA G 113 -12.43 -35.58 26.06
N LYS G 114 -12.48 -34.26 26.18
CA LYS G 114 -12.07 -33.59 27.41
C LYS G 114 -13.12 -33.75 28.51
N THR G 115 -14.34 -33.30 28.25
CA THR G 115 -15.36 -33.28 29.30
C THR G 115 -16.01 -34.64 29.52
N GLY G 116 -15.86 -35.58 28.59
CA GLY G 116 -16.46 -36.88 28.75
C GLY G 116 -17.96 -36.91 28.57
N GLY G 117 -18.53 -35.89 27.91
CA GLY G 117 -19.95 -35.83 27.68
C GLY G 117 -20.72 -34.91 28.60
N SER G 118 -20.04 -34.24 29.55
CA SER G 118 -20.74 -33.35 30.46
C SER G 118 -21.15 -32.05 29.79
N VAL G 119 -20.49 -31.67 28.70
CA VAL G 119 -20.78 -30.44 27.98
C VAL G 119 -21.49 -30.81 26.68
N GLU G 120 -22.61 -30.13 26.41
CA GLU G 120 -23.42 -30.38 25.24
C GLU G 120 -23.24 -29.24 24.24
N VAL G 121 -23.13 -29.59 22.97
CA VAL G 121 -22.93 -28.63 21.89
C VAL G 121 -24.14 -28.68 20.98
N GLU G 122 -24.71 -27.51 20.67
CA GLU G 122 -25.82 -27.38 19.76
C GLU G 122 -25.39 -26.58 18.55
N ILE G 123 -25.81 -27.02 17.37
CA ILE G 123 -25.34 -26.48 16.09
C ILE G 123 -26.48 -25.71 15.44
N PHE G 124 -26.17 -24.49 15.01
CA PHE G 124 -27.13 -23.62 14.32
C PHE G 124 -26.52 -23.15 13.01
N ASP G 125 -27.34 -23.12 11.98
CA ASP G 125 -26.90 -22.77 10.63
C ASP G 125 -27.39 -21.39 10.25
N VAL G 126 -26.51 -20.60 9.63
CA VAL G 126 -26.86 -19.28 9.11
C VAL G 126 -26.37 -19.16 7.68
N PRO G 127 -26.99 -18.32 6.84
CA PRO G 127 -26.53 -18.22 5.45
C PRO G 127 -25.10 -17.74 5.31
N GLY G 128 -24.75 -16.63 5.97
CA GLY G 128 -23.42 -16.07 5.84
C GLY G 128 -22.94 -15.50 7.16
N ALA G 129 -21.72 -14.98 7.13
CA ALA G 129 -21.12 -14.42 8.34
C ALA G 129 -21.84 -13.19 8.83
N TYR G 130 -22.48 -12.44 7.92
CA TYR G 130 -23.21 -11.24 8.31
C TYR G 130 -24.38 -11.52 9.23
N GLU G 131 -24.87 -12.77 9.25
CA GLU G 131 -26.02 -13.15 10.04
C GLU G 131 -25.66 -13.64 11.43
N ILE G 132 -24.37 -13.72 11.77
CA ILE G 132 -23.92 -14.33 13.01
C ILE G 132 -24.21 -13.46 14.23
N PRO G 133 -23.89 -12.16 14.24
CA PRO G 133 -24.10 -11.39 15.48
C PRO G 133 -25.55 -11.38 15.97
N LEU G 134 -26.53 -11.24 15.07
CA LEU G 134 -27.91 -11.21 15.51
C LEU G 134 -28.36 -12.56 16.06
N HIS G 135 -27.94 -13.65 15.42
CA HIS G 135 -28.26 -14.97 15.92
C HIS G 135 -27.63 -15.20 17.29
N ALA G 136 -26.38 -14.76 17.47
CA ALA G 136 -25.73 -14.89 18.76
C ALA G 136 -26.45 -14.09 19.83
N LYS G 137 -26.86 -12.86 19.51
CA LYS G 137 -27.60 -12.05 20.48
C LYS G 137 -28.93 -12.71 20.84
N THR G 138 -29.63 -13.26 19.86
CA THR G 138 -30.90 -13.92 20.13
C THR G 138 -30.71 -15.14 21.01
N LEU G 139 -29.66 -15.93 20.76
CA LEU G 139 -29.44 -17.14 21.54
C LEU G 139 -28.96 -16.81 22.95
N ALA G 140 -28.16 -15.76 23.09
CA ALA G 140 -27.58 -15.44 24.39
C ALA G 140 -28.64 -14.95 25.38
N ARG G 141 -29.64 -14.22 24.91
CA ARG G 141 -30.61 -13.62 25.81
C ARG G 141 -31.56 -14.63 26.42
N THR G 142 -31.56 -15.87 25.97
CA THR G 142 -32.41 -16.91 26.53
C THR G 142 -31.75 -17.66 27.67
N GLY G 143 -30.55 -17.24 28.10
CA GLY G 143 -29.79 -18.07 29.01
C GLY G 143 -29.38 -19.36 28.30
N ARG G 144 -29.38 -20.46 29.05
CA ARG G 144 -29.32 -21.80 28.47
C ARG G 144 -27.98 -22.12 27.85
N TYR G 145 -27.06 -21.16 27.81
CA TYR G 145 -25.78 -21.33 27.16
C TYR G 145 -24.71 -20.59 27.93
N ALA G 146 -23.62 -21.29 28.26
CA ALA G 146 -22.51 -20.65 28.95
C ALA G 146 -21.55 -19.96 28.00
N ALA G 147 -21.57 -20.30 26.72
CA ALA G 147 -20.70 -19.66 25.75
C ALA G 147 -21.29 -19.85 24.36
N ILE G 148 -20.83 -19.04 23.43
CA ILE G 148 -21.28 -19.09 22.04
C ILE G 148 -20.06 -19.03 21.13
N VAL G 149 -20.05 -19.87 20.11
CA VAL G 149 -18.95 -19.95 19.15
C VAL G 149 -19.48 -19.64 17.76
N GLY G 150 -18.81 -18.73 17.07
CA GLY G 150 -19.16 -18.42 15.70
C GLY G 150 -18.07 -18.77 14.72
N ALA G 151 -18.39 -19.57 13.72
CA ALA G 151 -17.40 -20.06 12.76
C ALA G 151 -17.79 -19.61 11.36
N ALA G 152 -16.83 -19.03 10.65
CA ALA G 152 -17.06 -18.59 9.28
C ALA G 152 -15.72 -18.46 8.57
N PHE G 153 -15.77 -18.47 7.24
CA PHE G 153 -14.59 -18.36 6.39
C PHE G 153 -14.84 -17.20 5.42
N VAL G 154 -14.29 -16.03 5.74
CA VAL G 154 -14.48 -14.83 4.95
C VAL G 154 -13.25 -14.61 4.10
N ILE G 155 -13.41 -14.69 2.77
CA ILE G 155 -12.29 -14.60 1.85
C ILE G 155 -12.53 -13.47 0.86
N ASP G 156 -11.46 -13.09 0.15
CA ASP G 156 -11.54 -12.10 -0.90
C ASP G 156 -11.76 -12.83 -2.22
N GLY G 157 -12.93 -12.61 -2.83
CA GLY G 157 -13.26 -13.28 -4.07
C GLY G 157 -12.66 -12.69 -5.32
N GLY G 158 -11.96 -11.56 -5.20
CA GLY G 158 -11.33 -10.94 -6.34
C GLY G 158 -12.22 -10.00 -7.13
N ILE G 159 -13.49 -9.86 -6.77
CA ILE G 159 -14.41 -8.98 -7.45
C ILE G 159 -14.84 -7.82 -6.56
N TYR G 160 -15.28 -8.12 -5.34
CA TYR G 160 -15.75 -7.11 -4.40
C TYR G 160 -14.85 -7.08 -3.18
N ARG G 161 -14.74 -5.90 -2.57
CA ARG G 161 -13.99 -5.76 -1.33
C ARG G 161 -14.72 -6.46 -0.19
N HIS G 162 -13.95 -7.14 0.67
CA HIS G 162 -14.51 -7.98 1.71
C HIS G 162 -14.21 -7.51 3.12
N ASP G 163 -13.39 -6.48 3.30
CA ASP G 163 -12.97 -6.10 4.64
C ASP G 163 -14.11 -5.44 5.42
N PHE G 164 -15.04 -4.79 4.73
CA PHE G 164 -16.14 -4.13 5.43
C PHE G 164 -16.99 -5.14 6.20
N VAL G 165 -17.34 -6.25 5.55
CA VAL G 165 -18.18 -7.26 6.20
C VAL G 165 -17.45 -7.91 7.37
N ALA G 166 -16.17 -8.23 7.19
CA ALA G 166 -15.41 -8.84 8.28
C ALA G 166 -15.31 -7.90 9.48
N THR G 167 -15.00 -6.63 9.23
CA THR G 167 -14.93 -5.65 10.31
C THR G 167 -16.27 -5.54 11.03
N ALA G 168 -17.36 -5.46 10.26
CA ALA G 168 -18.67 -5.35 10.87
C ALA G 168 -19.00 -6.57 11.72
N VAL G 169 -18.67 -7.76 11.23
CA VAL G 169 -18.99 -8.99 11.96
C VAL G 169 -18.20 -9.06 13.27
N ILE G 170 -16.90 -8.75 13.21
CA ILE G 170 -16.09 -8.82 14.43
C ILE G 170 -16.57 -7.79 15.45
N ASN G 171 -16.83 -6.56 14.99
CA ASN G 171 -17.30 -5.52 15.89
C ASN G 171 -18.66 -5.88 16.49
N GLY G 172 -19.56 -6.44 15.68
CA GLY G 172 -20.86 -6.81 16.20
C GLY G 172 -20.79 -7.95 17.20
N MET G 173 -19.91 -8.91 16.96
CA MET G 173 -19.73 -9.99 17.93
C MET G 173 -19.20 -9.45 19.25
N MET G 174 -18.24 -8.53 19.20
CA MET G 174 -17.75 -7.91 20.43
C MET G 174 -18.86 -7.13 21.13
N GLN G 175 -19.68 -6.40 20.36
CA GLN G 175 -20.76 -5.62 20.95
C GLN G 175 -21.79 -6.53 21.63
N VAL G 176 -22.14 -7.64 20.99
CA VAL G 176 -23.08 -8.59 21.60
C VAL G 176 -22.47 -9.18 22.86
N GLN G 177 -21.18 -9.52 22.81
CA GLN G 177 -20.48 -10.03 23.98
C GLN G 177 -20.59 -9.07 25.15
N LEU G 178 -20.32 -7.79 24.91
CA LEU G 178 -20.38 -6.81 25.99
C LEU G 178 -21.81 -6.54 26.44
N GLU G 179 -22.78 -6.66 25.52
CA GLU G 179 -24.17 -6.36 25.87
C GLU G 179 -24.78 -7.44 26.74
N THR G 180 -24.57 -8.71 26.38
CA THR G 180 -25.29 -9.81 27.01
C THR G 180 -24.50 -10.48 28.13
N GLU G 181 -23.24 -10.09 28.36
CA GLU G 181 -22.39 -10.69 29.38
C GLU G 181 -22.25 -12.20 29.19
N VAL G 182 -22.21 -12.65 27.94
CA VAL G 182 -22.03 -14.06 27.61
C VAL G 182 -20.82 -14.17 26.68
N PRO G 183 -19.83 -14.99 27.00
CA PRO G 183 -18.64 -15.05 26.15
C PRO G 183 -18.98 -15.52 24.74
N VAL G 184 -18.32 -14.89 23.76
CA VAL G 184 -18.47 -15.25 22.35
C VAL G 184 -17.09 -15.51 21.78
N LEU G 185 -16.83 -16.75 21.40
CA LEU G 185 -15.56 -17.12 20.79
C LEU G 185 -15.63 -16.91 19.29
N SER G 186 -14.53 -16.42 18.71
CA SER G 186 -14.48 -16.07 17.30
C SER G 186 -13.64 -17.09 16.56
N VAL G 187 -14.26 -17.76 15.59
CA VAL G 187 -13.54 -18.63 14.65
C VAL G 187 -13.83 -18.10 13.25
N VAL G 188 -14.06 -16.80 13.15
CA VAL G 188 -14.26 -16.13 11.86
C VAL G 188 -12.88 -15.69 11.37
N LEU G 189 -12.38 -16.36 10.34
CA LEU G 189 -11.01 -16.20 9.90
C LEU G 189 -10.97 -15.66 8.48
N THR G 190 -10.03 -14.75 8.23
CA THR G 190 -9.84 -14.14 6.91
C THR G 190 -8.43 -14.38 6.44
N PRO G 191 -8.20 -15.29 5.48
CA PRO G 191 -6.84 -15.54 5.01
C PRO G 191 -6.30 -14.40 4.17
N HIS G 192 -4.96 -14.31 4.12
CA HIS G 192 -4.32 -13.31 3.28
C HIS G 192 -4.60 -13.56 1.81
N HIS G 193 -4.49 -14.81 1.36
CA HIS G 193 -4.72 -15.18 -0.02
C HIS G 193 -5.49 -16.48 -0.08
N PHE G 194 -6.52 -16.53 -0.92
CA PHE G 194 -7.25 -17.76 -1.18
C PHE G 194 -7.78 -17.70 -2.60
N HIS G 195 -7.16 -18.42 -3.52
CA HIS G 195 -7.50 -18.39 -4.93
C HIS G 195 -8.25 -19.64 -5.38
N GLU G 196 -8.87 -20.35 -4.44
CA GLU G 196 -9.71 -21.52 -4.72
C GLU G 196 -9.00 -22.59 -5.54
N SER G 197 -7.66 -22.56 -5.56
CA SER G 197 -6.91 -23.62 -6.21
C SER G 197 -6.90 -24.87 -5.34
N LYS G 198 -6.42 -25.97 -5.92
CA LYS G 198 -6.35 -27.22 -5.19
C LYS G 198 -5.40 -27.13 -4.00
N GLU G 199 -4.27 -26.45 -4.18
CA GLU G 199 -3.30 -26.32 -3.09
C GLU G 199 -3.89 -25.52 -1.93
N HIS G 200 -4.62 -24.45 -2.23
CA HIS G 200 -5.18 -23.62 -1.17
C HIS G 200 -6.25 -24.38 -0.39
N HIS G 201 -7.05 -25.19 -1.07
CA HIS G 201 -8.16 -25.88 -0.41
C HIS G 201 -7.66 -26.85 0.66
N ASP G 202 -6.65 -27.65 0.34
CA ASP G 202 -6.16 -28.66 1.26
C ASP G 202 -5.55 -28.03 2.51
N PHE G 203 -4.80 -26.95 2.33
CA PHE G 203 -4.11 -26.32 3.46
C PHE G 203 -5.10 -25.85 4.52
N PHE G 204 -6.12 -25.11 4.11
CA PHE G 204 -7.09 -24.60 5.08
C PHE G 204 -8.01 -25.70 5.58
N HIS G 205 -8.32 -26.67 4.71
CA HIS G 205 -9.07 -27.84 5.14
C HIS G 205 -8.37 -28.54 6.30
N ALA G 206 -7.04 -28.60 6.25
CA ALA G 206 -6.28 -29.21 7.34
C ALA G 206 -6.15 -28.28 8.54
N HIS G 207 -6.02 -26.96 8.30
CA HIS G 207 -5.75 -26.04 9.40
C HIS G 207 -6.99 -25.79 10.26
N PHE G 208 -8.18 -25.92 9.68
CA PHE G 208 -9.38 -25.65 10.46
C PHE G 208 -9.58 -26.65 11.60
N LYS G 209 -9.01 -27.86 11.50
CA LYS G 209 -9.07 -28.80 12.63
C LYS G 209 -8.31 -28.25 13.83
N VAL G 210 -7.10 -27.75 13.59
CA VAL G 210 -6.31 -27.14 14.66
C VAL G 210 -7.05 -25.94 15.22
N LYS G 211 -7.66 -25.13 14.35
CA LYS G 211 -8.42 -23.99 14.83
C LYS G 211 -9.58 -24.42 15.74
N GLY G 212 -10.28 -25.49 15.37
CA GLY G 212 -11.37 -25.98 16.20
C GLY G 212 -10.90 -26.49 17.55
N VAL G 213 -9.78 -27.21 17.57
CA VAL G 213 -9.24 -27.69 18.85
C VAL G 213 -8.87 -26.51 19.74
N GLU G 214 -8.21 -25.50 19.17
CA GLU G 214 -7.86 -24.31 19.94
C GLU G 214 -9.10 -23.63 20.49
N ALA G 215 -10.16 -23.53 19.67
CA ALA G 215 -11.39 -22.90 20.11
C ALA G 215 -12.02 -23.67 21.27
N ALA G 216 -12.00 -25.00 21.21
CA ALA G 216 -12.55 -25.80 22.29
C ALA G 216 -11.81 -25.55 23.59
N HIS G 217 -10.47 -25.58 23.53
CA HIS G 217 -9.69 -25.31 24.74
C HIS G 217 -9.97 -23.92 25.29
N ALA G 218 -10.04 -22.92 24.41
CA ALA G 218 -10.30 -21.56 24.86
C ALA G 218 -11.67 -21.44 25.52
N ALA G 219 -12.68 -22.08 24.93
CA ALA G 219 -14.02 -22.01 25.51
C ALA G 219 -14.06 -22.63 26.91
N LEU G 220 -13.46 -23.82 27.05
CA LEU G 220 -13.42 -24.45 28.37
C LEU G 220 -12.72 -23.56 29.39
N GLN G 221 -11.56 -23.01 29.00
CA GLN G 221 -10.79 -22.20 29.94
C GLN G 221 -11.56 -20.94 30.34
N ILE G 222 -12.20 -20.27 29.38
CA ILE G 222 -12.88 -19.02 29.71
C ILE G 222 -14.10 -19.27 30.57
N VAL G 223 -14.84 -20.37 30.30
CA VAL G 223 -15.99 -20.68 31.14
C VAL G 223 -15.53 -20.96 32.57
N SER G 224 -14.46 -21.75 32.72
CA SER G 224 -13.96 -22.04 34.06
C SER G 224 -13.51 -20.77 34.78
N GLU G 225 -12.82 -19.88 34.07
CA GLU G 225 -12.34 -18.65 34.69
C GLU G 225 -13.49 -17.75 35.13
N ARG G 226 -14.52 -17.62 34.29
CA ARG G 226 -15.67 -16.81 34.70
C ARG G 226 -16.37 -17.41 35.90
N SER G 227 -16.52 -18.74 35.92
CA SER G 227 -17.11 -19.39 37.08
C SER G 227 -16.29 -19.13 38.33
N ARG G 228 -14.96 -19.14 38.20
CA ARG G 228 -14.10 -18.93 39.36
C ARG G 228 -14.22 -17.51 39.90
N ILE G 229 -14.10 -16.52 39.01
CA ILE G 229 -14.17 -15.13 39.46
C ILE G 229 -15.57 -14.70 39.87
N ALA G 230 -16.60 -15.47 39.50
CA ALA G 230 -17.94 -15.17 39.98
C ALA G 230 -18.13 -15.53 41.45
N ALA G 231 -17.09 -16.00 42.12
CA ALA G 231 -17.15 -16.38 43.53
C ALA G 231 -18.22 -17.42 43.80
N MET H 1 -60.78 -12.47 32.94
CA MET H 1 -61.60 -13.61 33.32
C MET H 1 -62.43 -14.10 32.14
N HIS H 2 -63.62 -14.62 32.43
CA HIS H 2 -64.50 -15.17 31.40
C HIS H 2 -65.45 -14.08 30.93
N THR H 3 -65.11 -13.44 29.81
CA THR H 3 -65.92 -12.40 29.19
C THR H 3 -65.47 -12.20 27.76
N PRO H 4 -66.40 -12.13 26.80
CA PRO H 4 -65.99 -11.98 25.39
C PRO H 4 -65.17 -10.72 25.17
N ASP H 5 -64.13 -10.84 24.34
CA ASP H 5 -63.22 -9.73 24.10
C ASP H 5 -63.87 -8.67 23.22
N CYS H 6 -63.52 -7.41 23.48
CA CYS H 6 -64.01 -6.28 22.71
C CYS H 6 -62.89 -5.60 21.93
N VAL H 7 -61.82 -5.19 22.62
CA VAL H 7 -60.69 -4.53 21.99
C VAL H 7 -59.40 -5.13 22.52
N THR H 8 -58.42 -5.27 21.64
CA THR H 8 -57.11 -5.80 22.00
C THR H 8 -56.05 -5.02 21.24
N GLY H 9 -55.10 -4.45 21.97
CA GLY H 9 -54.03 -3.69 21.35
C GLY H 9 -53.33 -2.81 22.35
N LYS H 10 -52.33 -2.08 21.86
CA LYS H 10 -51.56 -1.17 22.69
C LYS H 10 -52.41 0.02 23.12
N VAL H 11 -52.15 0.51 24.32
CA VAL H 11 -52.87 1.67 24.84
C VAL H 11 -52.37 2.93 24.15
N GLU H 12 -53.27 3.59 23.41
CA GLU H 12 -52.91 4.84 22.75
C GLU H 12 -52.67 5.95 23.78
N TYR H 13 -53.60 6.10 24.72
CA TYR H 13 -53.48 7.11 25.76
C TYR H 13 -54.37 6.71 26.93
N THR H 14 -54.06 7.29 28.09
CA THR H 14 -54.83 7.07 29.31
C THR H 14 -55.33 8.41 29.81
N LYS H 15 -56.66 8.56 29.92
CA LYS H 15 -57.29 9.83 30.23
C LYS H 15 -58.00 9.75 31.58
N TYR H 16 -57.94 10.85 32.32
CA TYR H 16 -58.65 11.00 33.58
C TYR H 16 -59.87 11.89 33.37
N ASN H 17 -61.02 11.44 33.85
CA ASN H 17 -62.27 12.16 33.67
C ASN H 17 -62.59 12.98 34.92
N ASP H 18 -63.72 13.70 34.87
CA ASP H 18 -64.12 14.54 35.99
C ASP H 18 -64.66 13.71 37.15
N ASP H 19 -65.21 12.54 36.86
CA ASP H 19 -65.81 11.69 37.89
C ASP H 19 -64.81 10.69 38.48
N ASP H 20 -63.53 11.03 38.47
CA ASP H 20 -62.47 10.17 39.02
C ASP H 20 -62.48 8.79 38.37
N THR H 21 -62.69 8.76 37.06
CA THR H 21 -62.68 7.53 36.27
C THR H 21 -61.55 7.59 35.26
N PHE H 22 -60.96 6.42 34.98
CA PHE H 22 -59.82 6.31 34.09
C PHE H 22 -60.29 5.88 32.71
N THR H 23 -60.15 6.78 31.74
CA THR H 23 -60.52 6.50 30.36
C THR H 23 -59.27 6.08 29.59
N VAL H 24 -59.30 4.89 29.01
CA VAL H 24 -58.17 4.32 28.29
C VAL H 24 -58.62 3.94 26.88
N LYS H 25 -57.84 4.34 25.88
CA LYS H 25 -58.13 4.06 24.49
C LYS H 25 -57.33 2.84 24.06
N VAL H 26 -58.03 1.72 23.83
CA VAL H 26 -57.42 0.49 23.37
C VAL H 26 -58.07 0.11 22.04
N GLY H 27 -57.26 -0.08 21.01
CA GLY H 27 -57.81 -0.38 19.70
C GLY H 27 -58.52 0.83 19.12
N ASP H 28 -59.65 0.58 18.47
CA ASP H 28 -60.45 1.63 17.85
C ASP H 28 -61.57 2.14 18.75
N LYS H 29 -61.66 1.66 19.98
CA LYS H 29 -62.72 2.04 20.90
C LYS H 29 -62.12 2.61 22.18
N GLU H 30 -62.78 3.62 22.73
CA GLU H 30 -62.36 4.27 23.96
C GLU H 30 -63.26 3.70 25.05
N LEU H 31 -62.65 3.33 26.18
CA LEU H 31 -63.38 2.80 27.32
C LEU H 31 -62.82 3.39 28.61
N PHE H 32 -63.67 3.42 29.64
CA PHE H 32 -63.30 4.00 30.92
C PHE H 32 -63.57 3.00 32.04
N THR H 33 -62.76 3.10 33.11
CA THR H 33 -62.87 2.23 34.27
C THR H 33 -62.88 3.08 35.53
N ASN H 34 -63.47 2.51 36.59
CA ASN H 34 -63.64 3.21 37.86
C ASN H 34 -62.76 2.64 38.97
N ARG H 35 -61.78 1.80 38.63
CA ARG H 35 -60.88 1.22 39.63
C ARG H 35 -59.65 2.08 39.76
N TRP H 36 -59.37 2.55 40.99
CA TRP H 36 -58.23 3.45 41.20
C TRP H 36 -56.91 2.73 40.94
N ASN H 37 -56.79 1.47 41.37
CA ASN H 37 -55.57 0.72 41.09
C ASN H 37 -55.42 0.46 39.59
N LEU H 38 -56.53 0.29 38.87
CA LEU H 38 -56.46 0.11 37.43
C LEU H 38 -55.88 1.34 36.74
N GLN H 39 -56.09 2.53 37.33
CA GLN H 39 -55.49 3.74 36.78
C GLN H 39 -53.97 3.64 36.78
N SER H 40 -53.39 3.28 37.93
CA SER H 40 -51.94 3.14 38.01
C SER H 40 -51.45 2.00 37.13
N LEU H 41 -52.21 0.90 37.06
CA LEU H 41 -51.81 -0.22 36.23
C LEU H 41 -51.75 0.17 34.76
N LEU H 42 -52.79 0.86 34.27
CA LEU H 42 -52.82 1.28 32.87
C LEU H 42 -51.75 2.34 32.60
N LEU H 43 -51.51 3.25 33.54
CA LEU H 43 -50.46 4.23 33.37
C LEU H 43 -49.10 3.57 33.25
N SER H 44 -48.82 2.59 34.11
CA SER H 44 -47.54 1.88 34.03
C SER H 44 -47.43 1.07 32.75
N ALA H 45 -48.53 0.44 32.31
CA ALA H 45 -48.50 -0.32 31.07
C ALA H 45 -48.21 0.59 29.88
N GLN H 46 -48.84 1.77 29.84
CA GLN H 46 -48.57 2.72 28.77
C GLN H 46 -47.14 3.22 28.83
N ILE H 47 -46.63 3.48 30.04
CA ILE H 47 -45.27 3.97 30.19
C ILE H 47 -44.27 2.93 29.72
N THR H 48 -44.46 1.67 30.11
CA THR H 48 -43.56 0.59 29.76
C THR H 48 -43.89 -0.07 28.43
N GLY H 49 -44.93 0.40 27.74
CA GLY H 49 -45.31 -0.19 26.47
C GLY H 49 -45.80 -1.61 26.58
N MET H 50 -46.60 -1.88 27.60
CA MET H 50 -47.18 -3.21 27.83
C MET H 50 -48.64 -3.17 27.40
N THR H 51 -49.01 -4.08 26.49
CA THR H 51 -50.36 -4.12 25.98
C THR H 51 -51.32 -4.71 27.00
N VAL H 52 -52.58 -4.29 26.91
CA VAL H 52 -53.65 -4.83 27.76
C VAL H 52 -54.81 -5.21 26.87
N THR H 53 -55.62 -6.14 27.35
CA THR H 53 -56.82 -6.58 26.65
C THR H 53 -58.03 -6.30 27.53
N ILE H 54 -58.96 -5.50 27.01
CA ILE H 54 -60.16 -5.10 27.74
C ILE H 54 -61.34 -5.81 27.10
N LYS H 55 -62.05 -6.63 27.88
CA LYS H 55 -63.20 -7.38 27.42
C LYS H 55 -64.43 -6.89 28.16
N THR H 56 -65.48 -6.54 27.41
CA THR H 56 -66.72 -6.05 27.98
C THR H 56 -67.84 -6.25 26.97
N ASN H 57 -69.08 -6.26 27.48
CA ASN H 57 -70.23 -6.38 26.60
C ASN H 57 -70.56 -5.08 25.89
N ALA H 58 -70.08 -3.94 26.39
CA ALA H 58 -70.33 -2.64 25.78
C ALA H 58 -69.13 -2.29 24.90
N CYS H 59 -69.11 -2.86 23.70
CA CYS H 59 -68.03 -2.62 22.74
C CYS H 59 -68.32 -1.35 21.94
N HIS H 60 -68.16 -0.22 22.61
CA HIS H 60 -68.40 1.08 22.00
C HIS H 60 -67.57 2.13 22.73
N ASN H 61 -67.43 3.29 22.09
CA ASN H 61 -66.68 4.38 22.70
C ASN H 61 -67.37 4.89 23.95
N GLY H 62 -66.57 5.12 25.00
CA GLY H 62 -67.09 5.59 26.26
C GLY H 62 -67.69 4.54 27.16
N GLY H 63 -67.64 3.27 26.77
CA GLY H 63 -68.21 2.22 27.59
C GLY H 63 -67.39 1.93 28.83
N GLY H 64 -68.03 1.29 29.79
CA GLY H 64 -67.40 0.95 31.06
C GLY H 64 -66.93 -0.49 31.09
N PHE H 65 -65.90 -0.73 31.90
CA PHE H 65 -65.34 -2.07 32.05
C PHE H 65 -64.69 -2.19 33.41
N SER H 66 -64.52 -3.44 33.85
CA SER H 66 -63.87 -3.73 35.13
C SER H 66 -62.87 -4.87 35.06
N GLU H 67 -62.83 -5.65 33.99
CA GLU H 67 -61.92 -6.77 33.84
C GLU H 67 -60.94 -6.47 32.72
N VAL H 68 -59.65 -6.55 33.03
CA VAL H 68 -58.59 -6.27 32.08
C VAL H 68 -57.65 -7.46 32.02
N ILE H 69 -57.33 -7.91 30.81
CA ILE H 69 -56.35 -8.96 30.58
C ILE H 69 -55.02 -8.30 30.26
N PHE H 70 -54.01 -8.59 31.09
CA PHE H 70 -52.67 -8.04 30.90
C PHE H 70 -51.73 -9.03 30.23
N ARG H 71 -52.25 -10.13 29.70
CA ARG H 71 -51.43 -11.12 29.03
C ARG H 71 -50.86 -10.54 27.74
N GLY H 72 -49.73 -11.11 27.32
CA GLY H 72 -49.05 -10.65 26.12
C GLY H 72 -49.90 -10.74 24.88
N SER H 73 -50.00 -9.64 24.15
CA SER H 73 -50.80 -9.58 22.93
C SER H 73 -50.08 -8.89 21.77
N GLY H 74 -48.82 -8.49 21.96
CA GLY H 74 -48.08 -7.82 20.90
C GLY H 74 -47.27 -6.65 21.40
N SER H 75 -47.74 -6.00 22.48
CA SER H 75 -47.09 -4.86 23.10
C SER H 75 -46.88 -3.70 22.11
N GLY H 76 -47.78 -3.56 21.14
CA GLY H 76 -47.67 -2.50 20.17
C GLY H 76 -47.51 -2.99 18.75
N SER H 77 -46.36 -2.75 18.15
CA SER H 77 -46.11 -3.18 16.78
C SER H 77 -46.04 -4.70 16.70
N GLY H 78 -46.53 -5.24 15.59
CA GLY H 78 -46.50 -6.68 15.37
C GLY H 78 -47.41 -7.12 14.24
N SER H 79 -46.92 -8.03 13.42
CA SER H 79 -47.71 -8.56 12.29
C SER H 79 -47.11 -9.88 11.86
N GLY H 80 -47.91 -10.66 11.13
CA GLY H 80 -47.46 -11.94 10.63
C GLY H 80 -48.49 -13.04 10.77
N SER H 81 -48.76 -13.76 9.68
CA SER H 81 -49.69 -14.87 9.68
C SER H 81 -48.96 -16.16 9.32
N LEU H 82 -49.34 -17.25 9.97
CA LEU H 82 -48.72 -18.55 9.76
C LEU H 82 -47.22 -18.48 9.97
N LYS H 83 -46.46 -19.20 9.13
CA LYS H 83 -45.00 -19.16 9.18
C LYS H 83 -44.36 -18.96 7.82
N THR H 84 -45.02 -19.31 6.72
CA THR H 84 -44.48 -19.12 5.38
C THR H 84 -45.12 -17.95 4.64
N SER H 85 -45.97 -17.18 5.31
CA SER H 85 -46.63 -16.02 4.71
C SER H 85 -46.21 -14.78 5.49
N PHE H 86 -45.24 -14.04 4.95
CA PHE H 86 -44.73 -12.84 5.59
C PHE H 86 -44.40 -11.82 4.50
N LYS H 87 -43.78 -10.72 4.90
CA LYS H 87 -43.45 -9.63 3.99
C LYS H 87 -42.00 -9.24 4.14
N ILE H 88 -41.41 -8.78 3.04
CA ILE H 88 -40.02 -8.35 3.00
C ILE H 88 -39.95 -6.97 2.38
N ALA H 89 -39.15 -6.09 2.98
CA ALA H 89 -38.97 -4.74 2.49
C ALA H 89 -37.65 -4.63 1.73
N PHE H 90 -37.70 -4.15 0.50
CA PHE H 90 -36.54 -4.01 -0.36
C PHE H 90 -36.24 -2.53 -0.53
N ILE H 91 -35.04 -2.12 -0.12
CA ILE H 91 -34.60 -0.73 -0.20
C ILE H 91 -33.46 -0.65 -1.21
N GLN H 92 -33.63 0.18 -2.23
CA GLN H 92 -32.66 0.29 -3.31
C GLN H 92 -32.24 1.74 -3.49
N ALA H 93 -30.94 1.97 -3.58
CA ALA H 93 -30.44 3.29 -3.92
C ALA H 93 -30.64 3.56 -5.41
N ARG H 94 -30.61 4.84 -5.77
CA ARG H 94 -30.87 5.26 -7.15
C ARG H 94 -29.61 5.67 -7.89
N TRP H 95 -28.44 5.42 -7.33
CA TRP H 95 -27.19 5.59 -8.05
C TRP H 95 -26.87 4.31 -8.80
N HIS H 96 -26.58 4.43 -10.10
CA HIS H 96 -26.40 3.28 -10.98
C HIS H 96 -27.62 2.38 -10.93
N ALA H 97 -28.79 2.97 -11.17
CA ALA H 97 -30.05 2.25 -11.01
C ALA H 97 -30.16 1.07 -11.98
N ASP H 98 -29.56 1.19 -13.17
CA ASP H 98 -29.67 0.12 -14.15
C ASP H 98 -29.01 -1.17 -13.70
N ILE H 99 -28.07 -1.11 -12.76
CA ILE H 99 -27.44 -2.30 -12.23
C ILE H 99 -28.21 -2.86 -11.04
N VAL H 100 -28.67 -1.98 -10.15
CA VAL H 100 -29.42 -2.41 -8.97
C VAL H 100 -30.75 -3.02 -9.37
N ASP H 101 -31.36 -2.52 -10.45
CA ASP H 101 -32.63 -3.07 -10.91
C ASP H 101 -32.51 -4.54 -11.28
N GLU H 102 -31.35 -4.95 -11.79
CA GLU H 102 -31.14 -6.36 -12.10
C GLU H 102 -31.25 -7.22 -10.85
N ALA H 103 -30.59 -6.80 -9.77
CA ALA H 103 -30.68 -7.53 -8.51
C ALA H 103 -32.11 -7.53 -7.99
N ARG H 104 -32.80 -6.41 -8.08
CA ARG H 104 -34.17 -6.35 -7.59
C ARG H 104 -35.08 -7.31 -8.34
N LYS H 105 -34.99 -7.30 -9.67
CA LYS H 105 -35.83 -8.18 -10.48
C LYS H 105 -35.49 -9.64 -10.22
N SER H 106 -34.21 -9.97 -10.11
CA SER H 106 -33.82 -11.34 -9.82
C SER H 106 -34.34 -11.79 -8.46
N PHE H 107 -34.24 -10.92 -7.46
CA PHE H 107 -34.74 -11.23 -6.12
C PHE H 107 -36.24 -11.51 -6.15
N VAL H 108 -36.99 -10.62 -6.79
CA VAL H 108 -38.45 -10.79 -6.82
C VAL H 108 -38.84 -12.05 -7.57
N ALA H 109 -38.20 -12.30 -8.71
CA ALA H 109 -38.53 -13.48 -9.50
C ALA H 109 -38.21 -14.76 -8.74
N GLU H 110 -37.06 -14.82 -8.07
CA GLU H 110 -36.71 -16.02 -7.33
C GLU H 110 -37.65 -16.24 -6.16
N LEU H 111 -38.03 -15.17 -5.45
CA LEU H 111 -38.97 -15.33 -4.35
C LEU H 111 -40.32 -15.83 -4.85
N ALA H 112 -40.79 -15.28 -5.97
CA ALA H 112 -42.06 -15.74 -6.54
C ALA H 112 -41.98 -17.20 -6.95
N ALA H 113 -40.87 -17.61 -7.56
CA ALA H 113 -40.72 -19.00 -7.98
C ALA H 113 -40.69 -19.94 -6.78
N LYS H 114 -39.98 -19.57 -5.73
CA LYS H 114 -39.82 -20.46 -4.59
C LYS H 114 -41.10 -20.51 -3.74
N THR H 115 -41.54 -19.38 -3.22
CA THR H 115 -42.66 -19.36 -2.29
C THR H 115 -44.01 -19.50 -2.99
N GLY H 116 -44.08 -19.29 -4.30
CA GLY H 116 -45.34 -19.38 -5.00
C GLY H 116 -46.30 -18.25 -4.73
N GLY H 117 -45.81 -17.11 -4.25
CA GLY H 117 -46.65 -15.96 -3.97
C GLY H 117 -47.02 -15.78 -2.52
N SER H 118 -46.55 -16.64 -1.62
CA SER H 118 -46.88 -16.49 -0.20
C SER H 118 -46.11 -15.35 0.43
N VAL H 119 -44.96 -14.99 -0.11
CA VAL H 119 -44.12 -13.92 0.42
C VAL H 119 -44.28 -12.69 -0.47
N GLU H 120 -44.53 -11.55 0.16
CA GLU H 120 -44.74 -10.29 -0.54
C GLU H 120 -43.52 -9.40 -0.37
N VAL H 121 -43.12 -8.72 -1.44
CA VAL H 121 -41.96 -7.85 -1.46
C VAL H 121 -42.44 -6.42 -1.75
N GLU H 122 -42.00 -5.48 -0.93
CA GLU H 122 -42.31 -4.07 -1.10
C GLU H 122 -41.02 -3.31 -1.39
N ILE H 123 -41.08 -2.38 -2.34
CA ILE H 123 -39.90 -1.70 -2.84
C ILE H 123 -39.93 -0.24 -2.38
N PHE H 124 -38.81 0.21 -1.81
CA PHE H 124 -38.65 1.59 -1.35
C PHE H 124 -37.40 2.19 -1.98
N ASP H 125 -37.51 3.45 -2.39
CA ASP H 125 -36.43 4.14 -3.09
C ASP H 125 -35.77 5.16 -2.16
N VAL H 126 -34.45 5.22 -2.21
CA VAL H 126 -33.68 6.22 -1.46
C VAL H 126 -32.68 6.86 -2.41
N PRO H 127 -32.25 8.10 -2.15
CA PRO H 127 -31.31 8.75 -3.07
C PRO H 127 -29.96 8.03 -3.16
N GLY H 128 -29.37 7.67 -2.03
CA GLY H 128 -28.07 7.05 -2.03
C GLY H 128 -27.95 6.02 -0.93
N ALA H 129 -26.77 5.37 -0.87
CA ALA H 129 -26.53 4.34 0.12
C ALA H 129 -26.51 4.91 1.54
N TYR H 130 -26.12 6.17 1.69
CA TYR H 130 -26.06 6.78 3.01
C TYR H 130 -27.42 6.88 3.67
N GLU H 131 -28.50 6.81 2.89
CA GLU H 131 -29.86 6.95 3.39
C GLU H 131 -30.49 5.62 3.79
N ILE H 132 -29.78 4.51 3.63
CA ILE H 132 -30.35 3.18 3.82
C ILE H 132 -30.55 2.84 5.29
N PRO H 133 -29.55 3.02 6.17
CA PRO H 133 -29.76 2.60 7.57
C PRO H 133 -30.94 3.25 8.27
N LEU H 134 -31.15 4.55 8.06
CA LEU H 134 -32.27 5.22 8.73
C LEU H 134 -33.60 4.74 8.19
N HIS H 135 -33.70 4.53 6.87
CA HIS H 135 -34.92 4.00 6.30
C HIS H 135 -35.21 2.61 6.82
N ALA H 136 -34.18 1.77 6.91
CA ALA H 136 -34.35 0.42 7.43
C ALA H 136 -34.81 0.46 8.89
N LYS H 137 -34.22 1.33 9.70
CA LYS H 137 -34.64 1.45 11.09
C LYS H 137 -36.09 1.91 11.18
N THR H 138 -36.48 2.89 10.37
CA THR H 138 -37.85 3.38 10.40
C THR H 138 -38.83 2.29 10.01
N LEU H 139 -38.49 1.49 9.00
CA LEU H 139 -39.38 0.43 8.56
C LEU H 139 -39.44 -0.72 9.58
N ALA H 140 -38.34 -0.96 10.29
CA ALA H 140 -38.29 -2.10 11.20
C ALA H 140 -39.20 -1.91 12.41
N ARG H 141 -39.26 -0.69 12.95
CA ARG H 141 -40.02 -0.45 14.17
C ARG H 141 -41.53 -0.59 13.98
N THR H 142 -42.01 -0.66 12.75
CA THR H 142 -43.43 -0.79 12.49
C THR H 142 -43.90 -2.25 12.48
N GLY H 143 -43.02 -3.19 12.78
CA GLY H 143 -43.35 -4.59 12.54
C GLY H 143 -43.52 -4.81 11.05
N ARG H 144 -44.48 -5.65 10.69
CA ARG H 144 -45.01 -5.72 9.34
C ARG H 144 -44.02 -6.34 8.36
N TYR H 145 -42.80 -6.62 8.81
CA TYR H 145 -41.75 -7.12 7.92
C TYR H 145 -40.90 -8.13 8.67
N ALA H 146 -40.72 -9.31 8.08
CA ALA H 146 -39.88 -10.32 8.69
C ALA H 146 -38.41 -10.15 8.36
N ALA H 147 -38.09 -9.37 7.31
CA ALA H 147 -36.71 -9.13 6.94
C ALA H 147 -36.65 -7.85 6.12
N ILE H 148 -35.44 -7.29 6.02
CA ILE H 148 -35.18 -6.08 5.26
C ILE H 148 -33.95 -6.29 4.41
N VAL H 149 -34.01 -5.88 3.15
CA VAL H 149 -32.92 -6.03 2.20
C VAL H 149 -32.51 -4.65 1.71
N GLY H 150 -31.21 -4.36 1.77
CA GLY H 150 -30.69 -3.11 1.24
C GLY H 150 -29.74 -3.33 0.09
N ALA H 151 -30.00 -2.70 -1.05
CA ALA H 151 -29.22 -2.91 -2.27
C ALA H 151 -28.64 -1.58 -2.71
N ALA H 152 -27.33 -1.56 -2.97
CA ALA H 152 -26.66 -0.36 -3.45
C ALA H 152 -25.36 -0.77 -4.15
N PHE H 153 -24.86 0.14 -4.97
CA PHE H 153 -23.62 -0.06 -5.73
C PHE H 153 -22.70 1.11 -5.41
N VAL H 154 -21.75 0.89 -4.49
CA VAL H 154 -20.84 1.93 -4.05
C VAL H 154 -19.49 1.72 -4.74
N ILE H 155 -19.09 2.68 -5.56
CA ILE H 155 -17.89 2.56 -6.38
C ILE H 155 -16.98 3.75 -6.10
N ASP H 156 -15.73 3.60 -6.53
CA ASP H 156 -14.73 4.66 -6.43
C ASP H 156 -14.76 5.46 -7.73
N GLY H 157 -15.17 6.72 -7.65
CA GLY H 157 -15.28 7.55 -8.82
C GLY H 157 -13.98 8.15 -9.32
N GLY H 158 -12.88 7.95 -8.59
CA GLY H 158 -11.60 8.46 -8.99
C GLY H 158 -11.32 9.90 -8.58
N ILE H 159 -12.25 10.55 -7.89
CA ILE H 159 -12.07 11.92 -7.43
C ILE H 159 -12.05 11.99 -5.90
N TYR H 160 -13.05 11.40 -5.25
CA TYR H 160 -13.15 11.40 -3.80
C TYR H 160 -13.03 10.00 -3.25
N ARG H 161 -12.52 9.89 -2.04
CA ARG H 161 -12.43 8.60 -1.36
C ARG H 161 -13.83 8.12 -0.98
N HIS H 162 -14.07 6.83 -1.17
CA HIS H 162 -15.39 6.25 -0.99
C HIS H 162 -15.51 5.27 0.16
N ASP H 163 -14.40 4.90 0.81
CA ASP H 163 -14.46 3.85 1.83
C ASP H 163 -15.17 4.31 3.09
N PHE H 164 -15.14 5.62 3.38
CA PHE H 164 -15.79 6.11 4.59
C PHE H 164 -17.29 5.85 4.55
N VAL H 165 -17.92 6.16 3.42
CA VAL H 165 -19.37 5.99 3.30
C VAL H 165 -19.75 4.52 3.36
N ALA H 166 -18.99 3.66 2.68
CA ALA H 166 -19.28 2.24 2.71
C ALA H 166 -19.15 1.67 4.11
N THR H 167 -18.08 2.04 4.82
CA THR H 167 -17.90 1.57 6.19
C THR H 167 -19.05 2.04 7.08
N ALA H 168 -19.43 3.31 6.94
CA ALA H 168 -20.53 3.84 7.74
C ALA H 168 -21.83 3.11 7.45
N VAL H 169 -22.11 2.82 6.18
CA VAL H 169 -23.36 2.18 5.82
C VAL H 169 -23.41 0.75 6.37
N ILE H 170 -22.32 0.00 6.22
CA ILE H 170 -22.31 -1.38 6.72
C ILE H 170 -22.45 -1.40 8.24
N ASN H 171 -21.70 -0.53 8.92
CA ASN H 171 -21.78 -0.48 10.38
C ASN H 171 -23.18 -0.07 10.85
N GLY H 172 -23.79 0.89 10.16
CA GLY H 172 -25.13 1.32 10.53
C GLY H 172 -26.17 0.25 10.30
N MET H 173 -26.04 -0.51 9.21
CA MET H 173 -26.97 -1.62 8.99
C MET H 173 -26.83 -2.67 10.08
N MET H 174 -25.60 -2.99 10.47
CA MET H 174 -25.42 -3.93 11.58
C MET H 174 -26.01 -3.38 12.88
N GLN H 175 -25.81 -2.09 13.14
CA GLN H 175 -26.34 -1.49 14.36
C GLN H 175 -27.86 -1.53 14.40
N VAL H 176 -28.50 -1.21 13.27
CA VAL H 176 -29.96 -1.28 13.18
C VAL H 176 -30.44 -2.71 13.38
N GLN H 177 -29.74 -3.67 12.76
CA GLN H 177 -30.09 -5.08 12.92
C GLN H 177 -30.06 -5.49 14.39
N LEU H 178 -29.00 -5.11 15.10
CA LEU H 178 -28.89 -5.48 16.51
C LEU H 178 -29.89 -4.71 17.37
N GLU H 179 -30.24 -3.49 16.97
CA GLU H 179 -31.15 -2.67 17.76
C GLU H 179 -32.59 -3.17 17.67
N THR H 180 -33.07 -3.47 16.46
CA THR H 180 -34.48 -3.75 16.24
C THR H 180 -34.80 -5.24 16.23
N GLU H 181 -33.80 -6.12 16.32
CA GLU H 181 -34.02 -7.56 16.29
C GLU H 181 -34.75 -8.01 15.03
N VAL H 182 -34.45 -7.36 13.91
CA VAL H 182 -35.02 -7.68 12.61
C VAL H 182 -33.88 -7.92 11.65
N PRO H 183 -33.82 -9.07 10.97
CA PRO H 183 -32.69 -9.34 10.07
C PRO H 183 -32.61 -8.31 8.95
N VAL H 184 -31.38 -7.92 8.62
CA VAL H 184 -31.12 -7.00 7.52
C VAL H 184 -30.09 -7.65 6.61
N LEU H 185 -30.49 -7.96 5.38
CA LEU H 185 -29.59 -8.54 4.40
C LEU H 185 -28.88 -7.43 3.64
N SER H 186 -27.60 -7.64 3.34
CA SER H 186 -26.77 -6.64 2.71
C SER H 186 -26.49 -7.02 1.27
N VAL H 187 -26.91 -6.17 0.34
CA VAL H 187 -26.53 -6.30 -1.06
C VAL H 187 -25.82 -5.02 -1.47
N VAL H 188 -25.16 -4.39 -0.51
CA VAL H 188 -24.35 -3.20 -0.75
C VAL H 188 -22.95 -3.67 -1.11
N LEU H 189 -22.58 -3.55 -2.38
CA LEU H 189 -21.36 -4.15 -2.90
C LEU H 189 -20.41 -3.06 -3.39
N THR H 190 -19.12 -3.26 -3.13
CA THR H 190 -18.08 -2.33 -3.55
C THR H 190 -17.05 -3.06 -4.40
N PRO H 191 -17.03 -2.85 -5.71
CA PRO H 191 -16.06 -3.54 -6.56
C PRO H 191 -14.65 -2.98 -6.38
N HIS H 192 -13.67 -3.83 -6.69
CA HIS H 192 -12.28 -3.40 -6.64
C HIS H 192 -12.00 -2.31 -7.68
N HIS H 193 -12.51 -2.48 -8.89
CA HIS H 193 -12.30 -1.52 -9.96
C HIS H 193 -13.58 -1.37 -10.77
N PHE H 194 -13.96 -0.13 -11.04
CA PHE H 194 -15.09 0.15 -11.93
C PHE H 194 -14.81 1.49 -12.61
N HIS H 195 -14.44 1.43 -13.90
CA HIS H 195 -14.05 2.61 -14.66
C HIS H 195 -15.13 3.03 -15.66
N GLU H 196 -16.37 2.62 -15.44
CA GLU H 196 -17.54 3.01 -16.25
C GLU H 196 -17.34 2.72 -17.73
N SER H 197 -16.41 1.84 -18.08
CA SER H 197 -16.24 1.42 -19.45
C SER H 197 -17.35 0.45 -19.85
N LYS H 198 -17.41 0.13 -21.14
CA LYS H 198 -18.43 -0.79 -21.63
C LYS H 198 -18.23 -2.19 -21.07
N GLU H 199 -16.96 -2.63 -20.97
CA GLU H 199 -16.69 -3.96 -20.45
C GLU H 199 -17.10 -4.09 -19.00
N HIS H 200 -16.83 -3.06 -18.19
CA HIS H 200 -17.18 -3.12 -16.77
C HIS H 200 -18.68 -3.14 -16.57
N HIS H 201 -19.43 -2.40 -17.38
CA HIS H 201 -20.87 -2.30 -17.18
C HIS H 201 -21.55 -3.64 -17.36
N ASP H 202 -21.21 -4.36 -18.43
CA ASP H 202 -21.87 -5.63 -18.72
C ASP H 202 -21.59 -6.67 -17.65
N PHE H 203 -20.36 -6.73 -17.15
CA PHE H 203 -19.99 -7.75 -16.18
C PHE H 203 -20.83 -7.63 -14.92
N PHE H 204 -20.92 -6.42 -14.35
CA PHE H 204 -21.68 -6.25 -13.12
C PHE H 204 -23.17 -6.29 -13.38
N HIS H 205 -23.61 -5.82 -14.54
CA HIS H 205 -25.00 -5.96 -14.94
C HIS H 205 -25.42 -7.43 -14.93
N ALA H 206 -24.53 -8.32 -15.37
CA ALA H 206 -24.83 -9.75 -15.33
C ALA H 206 -24.69 -10.34 -13.93
N HIS H 207 -23.72 -9.85 -13.15
CA HIS H 207 -23.44 -10.47 -11.86
C HIS H 207 -24.49 -10.12 -10.81
N PHE H 208 -25.15 -8.97 -10.94
CA PHE H 208 -26.13 -8.60 -9.93
C PHE H 208 -27.34 -9.53 -9.92
N LYS H 209 -27.63 -10.22 -11.03
CA LYS H 209 -28.70 -11.22 -11.01
C LYS H 209 -28.35 -12.38 -10.06
N VAL H 210 -27.12 -12.88 -10.16
CA VAL H 210 -26.68 -13.93 -9.26
C VAL H 210 -26.70 -13.44 -7.82
N LYS H 211 -26.28 -12.18 -7.61
CA LYS H 211 -26.32 -11.62 -6.27
C LYS H 211 -27.74 -11.58 -5.72
N GLY H 212 -28.71 -11.20 -6.57
CA GLY H 212 -30.10 -11.17 -6.12
C GLY H 212 -30.64 -12.55 -5.77
N VAL H 213 -30.30 -13.56 -6.58
CA VAL H 213 -30.75 -14.92 -6.27
C VAL H 213 -30.17 -15.38 -4.94
N GLU H 214 -28.87 -15.12 -4.72
CA GLU H 214 -28.25 -15.48 -3.46
C GLU H 214 -28.93 -14.78 -2.29
N ALA H 215 -29.24 -13.50 -2.46
CA ALA H 215 -29.90 -12.75 -1.39
C ALA H 215 -31.27 -13.33 -1.07
N ALA H 216 -32.03 -13.71 -2.11
CA ALA H 216 -33.35 -14.30 -1.87
C ALA H 216 -33.24 -15.60 -1.07
N HIS H 217 -32.30 -16.47 -1.48
CA HIS H 217 -32.12 -17.72 -0.74
C HIS H 217 -31.71 -17.46 0.70
N ALA H 218 -30.79 -16.52 0.91
CA ALA H 218 -30.35 -16.20 2.26
C ALA H 218 -31.49 -15.67 3.12
N ALA H 219 -32.32 -14.80 2.55
CA ALA H 219 -33.44 -14.25 3.31
C ALA H 219 -34.41 -15.34 3.72
N LEU H 220 -34.76 -16.23 2.79
CA LEU H 220 -35.67 -17.32 3.13
C LEU H 220 -35.08 -18.19 4.24
N GLN H 221 -33.81 -18.55 4.10
CA GLN H 221 -33.18 -19.43 5.09
C GLN H 221 -33.14 -18.78 6.46
N ILE H 222 -32.77 -17.50 6.53
CA ILE H 222 -32.62 -16.86 7.83
C ILE H 222 -33.98 -16.67 8.51
N VAL H 223 -35.01 -16.34 7.72
CA VAL H 223 -36.34 -16.21 8.32
C VAL H 223 -36.81 -17.56 8.87
N SER H 224 -36.60 -18.63 8.10
CA SER H 224 -37.00 -19.94 8.58
C SER H 224 -36.24 -20.34 9.85
N GLU H 225 -34.94 -20.05 9.88
CA GLU H 225 -34.14 -20.41 11.05
C GLU H 225 -34.57 -19.64 12.29
N ARG H 226 -34.84 -18.34 12.14
CA ARG H 226 -35.30 -17.57 13.29
C ARG H 226 -36.66 -18.08 13.78
N SER H 227 -37.56 -18.42 12.85
CA SER H 227 -38.84 -18.97 13.25
C SER H 227 -38.65 -20.29 13.99
N ARG H 228 -37.71 -21.12 13.55
CA ARG H 228 -37.48 -22.41 14.19
C ARG H 228 -36.93 -22.23 15.60
N ILE H 229 -35.88 -21.42 15.77
CA ILE H 229 -35.30 -21.24 17.10
C ILE H 229 -36.17 -20.40 18.02
N ALA H 230 -37.18 -19.71 17.48
CA ALA H 230 -38.10 -19.03 18.38
C ALA H 230 -39.08 -19.97 19.07
N ALA H 231 -38.92 -21.28 18.87
CA ALA H 231 -39.78 -22.29 19.48
C ALA H 231 -41.25 -22.06 19.14
N MET I 1 -63.92 16.05 28.54
CA MET I 1 -64.78 15.72 27.40
C MET I 1 -64.84 16.88 26.42
N HIS I 2 -66.04 17.44 26.24
CA HIS I 2 -66.26 18.53 25.29
C HIS I 2 -66.08 19.86 26.01
N THR I 3 -64.96 20.53 25.75
CA THR I 3 -64.64 21.81 26.36
C THR I 3 -63.60 22.52 25.48
N PRO I 4 -63.77 23.81 25.19
CA PRO I 4 -62.80 24.50 24.33
C PRO I 4 -61.40 24.46 24.91
N ASP I 5 -60.42 24.26 24.03
CA ASP I 5 -59.03 24.12 24.46
C ASP I 5 -58.45 25.46 24.89
N CYS I 6 -57.58 25.42 25.89
CA CYS I 6 -56.90 26.62 26.38
C CYS I 6 -55.40 26.56 26.12
N VAL I 7 -54.73 25.50 26.57
CA VAL I 7 -53.29 25.35 26.37
C VAL I 7 -52.99 23.93 25.90
N THR I 8 -52.05 23.82 24.97
CA THR I 8 -51.63 22.53 24.44
C THR I 8 -50.12 22.53 24.28
N GLY I 9 -49.45 21.58 24.92
CA GLY I 9 -48.01 21.49 24.83
C GLY I 9 -47.44 20.63 25.94
N LYS I 10 -46.13 20.48 25.91
CA LYS I 10 -45.43 19.68 26.90
C LYS I 10 -45.48 20.36 28.27
N VAL I 11 -45.51 19.54 29.31
CA VAL I 11 -45.54 20.05 30.68
C VAL I 11 -44.17 20.58 31.04
N GLU I 12 -44.07 21.88 31.30
CA GLU I 12 -42.80 22.47 31.72
C GLU I 12 -42.41 21.99 33.11
N TYR I 13 -43.34 22.06 34.06
CA TYR I 13 -43.09 21.61 35.42
C TYR I 13 -44.41 21.33 36.10
N THR I 14 -44.35 20.53 37.16
CA THR I 14 -45.52 20.19 37.97
C THR I 14 -45.28 20.66 39.39
N LYS I 15 -46.13 21.58 39.86
CA LYS I 15 -45.96 22.23 41.16
C LYS I 15 -47.03 21.78 42.14
N TYR I 16 -46.64 21.59 43.39
CA TYR I 16 -47.55 21.27 44.47
C TYR I 16 -47.75 22.49 45.34
N ASN I 17 -49.00 22.86 45.60
CA ASN I 17 -49.33 24.03 46.37
C ASN I 17 -49.61 23.66 47.83
N ASP I 18 -49.91 24.68 48.64
CA ASP I 18 -50.17 24.45 50.06
C ASP I 18 -51.52 23.79 50.30
N ASP I 19 -52.47 23.97 49.38
CA ASP I 19 -53.82 23.44 49.54
C ASP I 19 -53.98 22.05 48.91
N ASP I 20 -52.91 21.28 48.84
CA ASP I 20 -52.93 19.92 48.28
C ASP I 20 -53.47 19.92 46.85
N THR I 21 -53.07 20.93 46.08
CA THR I 21 -53.47 21.06 44.68
C THR I 21 -52.25 20.94 43.79
N PHE I 22 -52.44 20.37 42.60
CA PHE I 22 -51.37 20.12 41.65
C PHE I 22 -51.37 21.23 40.59
N THR I 23 -50.35 22.08 40.63
CA THR I 23 -50.19 23.15 39.65
C THR I 23 -49.27 22.69 38.53
N VAL I 24 -49.78 22.73 37.31
CA VAL I 24 -49.04 22.25 36.14
C VAL I 24 -48.98 23.38 35.11
N LYS I 25 -47.78 23.61 34.58
CA LYS I 25 -47.56 24.65 33.58
C LYS I 25 -47.56 24.01 32.20
N VAL I 26 -48.61 24.28 31.43
CA VAL I 26 -48.74 23.79 30.06
C VAL I 26 -48.84 25.00 29.14
N GLY I 27 -47.98 25.04 28.13
CA GLY I 27 -47.95 26.19 27.25
C GLY I 27 -47.48 27.43 27.97
N ASP I 28 -48.13 28.56 27.68
CA ASP I 28 -47.79 29.84 28.28
C ASP I 28 -48.62 30.17 29.51
N LYS I 29 -49.50 29.27 29.94
CA LYS I 29 -50.37 29.50 31.08
C LYS I 29 -50.17 28.43 32.14
N GLU I 30 -50.25 28.83 33.40
CA GLU I 30 -50.09 27.93 34.53
C GLU I 30 -51.50 27.63 35.03
N LEU I 31 -51.78 26.34 35.29
CA LEU I 31 -53.07 25.91 35.80
C LEU I 31 -52.88 24.88 36.88
N PHE I 32 -53.87 24.77 37.77
CA PHE I 32 -53.81 23.86 38.90
C PHE I 32 -55.06 22.99 38.93
N THR I 33 -54.89 21.77 39.44
CA THR I 33 -55.98 20.80 39.56
C THR I 33 -56.01 20.24 40.97
N ASN I 34 -57.19 19.76 41.36
CA ASN I 34 -57.43 19.25 42.71
C ASN I 34 -57.63 17.75 42.75
N ARG I 35 -57.33 17.04 41.66
CA ARG I 35 -57.48 15.59 41.61
C ARG I 35 -56.18 14.92 42.01
N TRP I 36 -56.22 14.08 43.04
CA TRP I 36 -55.00 13.44 43.54
C TRP I 36 -54.41 12.49 42.50
N ASN I 37 -55.26 11.73 41.79
CA ASN I 37 -54.75 10.85 40.74
C ASN I 37 -54.17 11.65 39.58
N LEU I 38 -54.75 12.82 39.30
CA LEU I 38 -54.20 13.67 38.25
C LEU I 38 -52.78 14.13 38.59
N GLN I 39 -52.45 14.26 39.88
CA GLN I 39 -51.09 14.60 40.27
C GLN I 39 -50.11 13.53 39.80
N SER I 40 -50.41 12.27 40.10
CA SER I 40 -49.54 11.18 39.67
C SER I 40 -49.51 11.08 38.15
N LEU I 41 -50.66 11.28 37.49
CA LEU I 41 -50.70 11.20 36.04
C LEU I 41 -49.82 12.26 35.39
N LEU I 42 -49.92 13.50 35.88
CA LEU I 42 -49.10 14.59 35.33
C LEU I 42 -47.62 14.37 35.65
N LEU I 43 -47.32 13.88 36.85
CA LEU I 43 -45.93 13.59 37.20
C LEU I 43 -45.34 12.54 36.27
N SER I 44 -46.10 11.47 36.01
CA SER I 44 -45.61 10.42 35.10
C SER I 44 -45.48 10.95 33.68
N ALA I 45 -46.42 11.78 33.23
CA ALA I 45 -46.34 12.34 31.89
C ALA I 45 -45.11 13.23 31.74
N GLN I 46 -44.82 14.05 32.75
CA GLN I 46 -43.62 14.87 32.71
C GLN I 46 -42.36 14.01 32.76
N ILE I 47 -42.37 12.95 33.56
CA ILE I 47 -41.21 12.07 33.66
C ILE I 47 -40.95 11.37 32.32
N THR I 48 -42.01 10.86 31.69
CA THR I 48 -41.89 10.13 30.44
C THR I 48 -41.95 11.04 29.22
N GLY I 49 -42.09 12.35 29.40
CA GLY I 49 -42.16 13.26 28.28
C GLY I 49 -43.40 13.08 27.44
N MET I 50 -44.54 12.85 28.08
CA MET I 50 -45.82 12.68 27.40
C MET I 50 -46.61 13.98 27.53
N THR I 51 -47.03 14.54 26.41
CA THR I 51 -47.75 15.80 26.41
C THR I 51 -49.19 15.59 26.85
N VAL I 52 -49.76 16.63 27.46
CA VAL I 52 -51.16 16.66 27.86
C VAL I 52 -51.78 17.94 27.36
N THR I 53 -53.10 17.91 27.16
CA THR I 53 -53.87 19.06 26.73
C THR I 53 -54.92 19.38 27.78
N ILE I 54 -54.92 20.60 28.28
CA ILE I 54 -55.85 21.05 29.30
C ILE I 54 -56.82 22.02 28.67
N LYS I 55 -58.10 21.69 28.69
CA LYS I 55 -59.15 22.54 28.14
C LYS I 55 -60.03 23.03 29.29
N THR I 56 -60.18 24.35 29.39
CA THR I 56 -60.99 24.94 30.45
C THR I 56 -61.39 26.35 30.01
N ASN I 57 -62.45 26.86 30.65
CA ASN I 57 -62.93 28.20 30.35
C ASN I 57 -62.07 29.29 30.98
N ALA I 58 -61.26 28.94 31.99
CA ALA I 58 -60.40 29.92 32.67
C ALA I 58 -59.01 29.81 32.07
N CYS I 59 -58.85 30.44 30.90
CA CYS I 59 -57.56 30.43 30.19
C CYS I 59 -56.69 31.58 30.72
N HIS I 60 -56.17 31.36 31.94
CA HIS I 60 -55.31 32.34 32.58
C HIS I 60 -54.42 31.61 33.58
N ASN I 61 -53.36 32.31 34.00
CA ASN I 61 -52.44 31.73 34.98
C ASN I 61 -53.13 31.52 36.31
N GLY I 62 -52.89 30.36 36.92
CA GLY I 62 -53.48 30.01 38.19
C GLY I 62 -54.90 29.50 38.12
N GLY I 63 -55.46 29.33 36.93
CA GLY I 63 -56.83 28.85 36.82
C GLY I 63 -56.95 27.38 37.14
N GLY I 64 -58.18 26.98 37.44
CA GLY I 64 -58.50 25.61 37.79
C GLY I 64 -59.04 24.81 36.62
N PHE I 65 -58.83 23.50 36.66
CA PHE I 65 -59.31 22.61 35.62
C PHE I 65 -59.52 21.22 36.20
N SER I 66 -60.34 20.44 35.50
CA SER I 66 -60.61 19.06 35.90
C SER I 66 -60.53 18.05 34.77
N GLU I 67 -60.58 18.48 33.51
CA GLU I 67 -60.54 17.59 32.36
C GLU I 67 -59.23 17.78 31.62
N VAL I 68 -58.50 16.68 31.40
CA VAL I 68 -57.20 16.71 30.75
C VAL I 68 -57.23 15.76 29.57
N ILE I 69 -56.76 16.23 28.41
CA ILE I 69 -56.62 15.39 27.23
C ILE I 69 -55.19 14.85 27.22
N PHE I 70 -55.06 13.53 27.24
CA PHE I 70 -53.77 12.86 27.19
C PHE I 70 -53.43 12.35 25.80
N ARG I 71 -54.21 12.73 24.79
CA ARG I 71 -53.95 12.29 23.43
C ARG I 71 -52.67 12.93 22.89
N GLY I 72 -52.08 12.27 21.89
CA GLY I 72 -50.85 12.75 21.29
C GLY I 72 -50.96 14.14 20.71
N SER I 73 -50.04 15.03 21.10
CA SER I 73 -50.03 16.40 20.61
C SER I 73 -48.65 16.89 20.22
N GLY I 74 -47.62 16.04 20.29
CA GLY I 74 -46.28 16.46 19.93
C GLY I 74 -45.23 15.94 20.90
N SER I 75 -45.62 15.74 22.16
CA SER I 75 -44.74 15.24 23.21
C SER I 75 -43.50 16.11 23.41
N GLY I 76 -43.63 17.41 23.16
CA GLY I 76 -42.50 18.32 23.31
C GLY I 76 -42.11 19.00 22.02
N SER I 77 -40.91 18.69 21.53
CA SER I 77 -40.42 19.29 20.29
C SER I 77 -41.25 18.82 19.10
N GLY I 78 -41.45 19.72 18.14
CA GLY I 78 -42.19 19.39 16.93
C GLY I 78 -42.61 20.62 16.15
N SER I 79 -42.47 20.54 14.83
CA SER I 79 -42.85 21.64 13.95
C SER I 79 -43.05 21.11 12.55
N GLY I 80 -43.76 21.89 11.73
CA GLY I 80 -44.01 21.51 10.35
C GLY I 80 -45.43 21.77 9.91
N SER I 81 -45.58 22.43 8.76
CA SER I 81 -46.88 22.73 8.18
C SER I 81 -47.00 22.08 6.81
N LEU I 82 -48.20 21.56 6.51
CA LEU I 82 -48.47 20.88 5.25
C LEU I 82 -47.48 19.74 5.02
N LYS I 83 -47.04 19.56 3.77
CA LYS I 83 -46.04 18.55 3.45
C LYS I 83 -44.91 19.07 2.58
N THR I 84 -45.10 20.15 1.82
CA THR I 84 -44.06 20.73 0.99
C THR I 84 -43.50 22.02 1.56
N SER I 85 -43.90 22.41 2.77
CA SER I 85 -43.41 23.62 3.42
C SER I 85 -42.71 23.21 4.72
N PHE I 86 -41.39 23.09 4.66
CA PHE I 86 -40.58 22.70 5.81
C PHE I 86 -39.30 23.53 5.80
N LYS I 87 -38.38 23.17 6.68
CA LYS I 87 -37.13 23.90 6.84
C LYS I 87 -35.95 22.94 6.83
N ILE I 88 -34.81 23.42 6.36
CA ILE I 88 -33.58 22.63 6.28
C ILE I 88 -32.46 23.44 6.91
N ALA I 89 -31.63 22.77 7.70
CA ALA I 89 -30.49 23.40 8.35
C ALA I 89 -29.21 23.03 7.61
N PHE I 90 -28.45 24.04 7.22
CA PHE I 90 -27.21 23.86 6.48
C PHE I 90 -26.04 24.23 7.38
N ILE I 91 -25.15 23.26 7.63
CA ILE I 91 -23.99 23.47 8.48
C ILE I 91 -22.74 23.38 7.62
N GLN I 92 -21.92 24.43 7.64
CA GLN I 92 -20.74 24.52 6.79
C GLN I 92 -19.52 24.81 7.64
N ALA I 93 -18.45 24.05 7.41
CA ALA I 93 -17.17 24.35 8.03
C ALA I 93 -16.53 25.56 7.36
N ARG I 94 -15.60 26.18 8.07
CA ARG I 94 -14.95 27.40 7.59
C ARG I 94 -13.53 27.15 7.09
N TRP I 95 -13.10 25.91 6.97
CA TRP I 95 -11.85 25.59 6.31
C TRP I 95 -12.09 25.47 4.82
N HIS I 96 -11.27 26.17 4.02
CA HIS I 96 -11.46 26.27 2.58
C HIS I 96 -12.87 26.78 2.25
N ALA I 97 -13.21 27.92 2.85
CA ALA I 97 -14.57 28.44 2.76
C ALA I 97 -14.95 28.79 1.33
N ASP I 98 -13.98 29.20 0.51
CA ASP I 98 -14.28 29.60 -0.86
C ASP I 98 -14.77 28.44 -1.71
N ILE I 99 -14.48 27.21 -1.32
CA ILE I 99 -14.99 26.05 -2.05
C ILE I 99 -16.35 25.60 -1.51
N VAL I 100 -16.51 25.60 -0.19
CA VAL I 100 -17.77 25.20 0.43
C VAL I 100 -18.88 26.17 0.07
N ASP I 101 -18.55 27.46 -0.06
CA ASP I 101 -19.56 28.45 -0.41
C ASP I 101 -20.19 28.15 -1.77
N GLU I 102 -19.43 27.58 -2.69
CA GLU I 102 -19.99 27.21 -3.99
C GLU I 102 -21.10 26.18 -3.82
N ALA I 103 -20.86 25.16 -3.01
CA ALA I 103 -21.88 24.15 -2.76
C ALA I 103 -23.08 24.77 -2.05
N ARG I 104 -22.85 25.66 -1.10
CA ARG I 104 -23.96 26.28 -0.38
C ARG I 104 -24.83 27.09 -1.33
N LYS I 105 -24.20 27.91 -2.17
CA LYS I 105 -24.96 28.73 -3.11
C LYS I 105 -25.72 27.87 -4.11
N SER I 106 -25.09 26.82 -4.62
CA SER I 106 -25.78 25.92 -5.54
C SER I 106 -26.97 25.26 -4.88
N PHE I 107 -26.80 24.80 -3.64
CA PHE I 107 -27.89 24.17 -2.89
C PHE I 107 -29.06 25.13 -2.73
N VAL I 108 -28.78 26.35 -2.28
CA VAL I 108 -29.86 27.31 -2.04
C VAL I 108 -30.56 27.67 -3.33
N ALA I 109 -29.80 27.91 -4.40
CA ALA I 109 -30.40 28.29 -5.67
C ALA I 109 -31.27 27.17 -6.23
N GLU I 110 -30.79 25.92 -6.16
CA GLU I 110 -31.58 24.81 -6.67
C GLU I 110 -32.85 24.61 -5.87
N LEU I 111 -32.77 24.73 -4.54
CA LEU I 111 -33.96 24.60 -3.72
C LEU I 111 -34.97 25.69 -4.03
N ALA I 112 -34.49 26.92 -4.21
CA ALA I 112 -35.40 28.01 -4.56
C ALA I 112 -36.05 27.79 -5.92
N ALA I 113 -35.28 27.30 -6.89
CA ALA I 113 -35.84 27.05 -8.21
C ALA I 113 -36.88 25.93 -8.18
N LYS I 114 -36.61 24.86 -7.43
CA LYS I 114 -37.51 23.72 -7.41
C LYS I 114 -38.78 24.02 -6.60
N THR I 115 -38.61 24.35 -5.31
CA THR I 115 -39.77 24.50 -4.44
C THR I 115 -40.47 25.83 -4.61
N GLY I 116 -39.83 26.81 -5.24
CA GLY I 116 -40.45 28.10 -5.42
C GLY I 116 -40.56 28.94 -4.16
N GLY I 117 -39.73 28.65 -3.15
CA GLY I 117 -39.75 29.39 -1.91
C GLY I 117 -40.50 28.74 -0.77
N SER I 118 -41.05 27.55 -0.98
CA SER I 118 -41.78 26.88 0.09
C SER I 118 -40.83 26.29 1.14
N VAL I 119 -39.62 25.95 0.74
CA VAL I 119 -38.63 25.37 1.65
C VAL I 119 -37.64 26.45 2.04
N GLU I 120 -37.39 26.59 3.34
CA GLU I 120 -36.48 27.59 3.89
C GLU I 120 -35.19 26.92 4.34
N VAL I 121 -34.06 27.57 4.04
CA VAL I 121 -32.74 27.06 4.38
C VAL I 121 -32.10 28.02 5.37
N GLU I 122 -31.58 27.48 6.46
CA GLU I 122 -30.87 28.24 7.48
C GLU I 122 -29.42 27.79 7.53
N ILE I 123 -28.51 28.75 7.64
CA ILE I 123 -27.08 28.50 7.52
C ILE I 123 -26.43 28.67 8.88
N PHE I 124 -25.63 27.69 9.29
CA PHE I 124 -24.89 27.72 10.54
C PHE I 124 -23.41 27.47 10.27
N ASP I 125 -22.56 28.21 10.96
CA ASP I 125 -21.12 28.15 10.76
C ASP I 125 -20.44 27.41 11.91
N VAL I 126 -19.48 26.57 11.58
CA VAL I 126 -18.69 25.86 12.58
C VAL I 126 -17.21 26.01 12.22
N PRO I 127 -16.29 25.91 13.18
CA PRO I 127 -14.87 26.06 12.84
C PRO I 127 -14.35 25.00 11.88
N GLY I 128 -14.60 23.73 12.17
CA GLY I 128 -14.08 22.65 11.35
C GLY I 128 -15.10 21.52 11.24
N ALA I 129 -14.71 20.50 10.49
CA ALA I 129 -15.60 19.36 10.28
C ALA I 129 -15.83 18.57 11.55
N TYR I 130 -14.88 18.61 12.49
CA TYR I 130 -15.02 17.88 13.74
C TYR I 130 -16.15 18.40 14.60
N GLU I 131 -16.62 19.62 14.34
CA GLU I 131 -17.67 20.26 15.13
C GLU I 131 -19.06 20.02 14.56
N ILE I 132 -19.19 19.27 13.46
CA ILE I 132 -20.45 19.14 12.75
C ILE I 132 -21.41 18.18 13.47
N PRO I 133 -20.99 16.97 13.88
CA PRO I 133 -21.98 16.06 14.49
C PRO I 133 -22.68 16.61 15.72
N LEU I 134 -21.97 17.29 16.61
CA LEU I 134 -22.61 17.82 17.81
C LEU I 134 -23.58 18.93 17.47
N HIS I 135 -23.22 19.80 16.53
CA HIS I 135 -24.13 20.86 16.09
C HIS I 135 -25.37 20.26 15.46
N ALA I 136 -25.21 19.22 14.64
CA ALA I 136 -26.35 18.57 14.02
C ALA I 136 -27.26 17.94 15.06
N LYS I 137 -26.67 17.28 16.07
CA LYS I 137 -27.48 16.68 17.12
C LYS I 137 -28.23 17.75 17.91
N THR I 138 -27.57 18.87 18.21
CA THR I 138 -28.24 19.95 18.93
C THR I 138 -29.39 20.53 18.13
N LEU I 139 -29.20 20.73 16.82
CA LEU I 139 -30.24 21.32 15.99
C LEU I 139 -31.40 20.34 15.78
N ALA I 140 -31.10 19.05 15.67
CA ALA I 140 -32.14 18.08 15.36
C ALA I 140 -33.10 17.89 16.52
N ARG I 141 -32.61 17.98 17.75
CA ARG I 141 -33.44 17.69 18.91
C ARG I 141 -34.48 18.77 19.19
N THR I 142 -34.40 19.91 18.51
CA THR I 142 -35.38 20.98 18.69
C THR I 142 -36.56 20.86 17.73
N GLY I 143 -36.64 19.79 16.95
CA GLY I 143 -37.60 19.77 15.87
C GLY I 143 -37.23 20.81 14.84
N ARG I 144 -38.25 21.43 14.25
CA ARG I 144 -38.07 22.68 13.48
C ARG I 144 -37.35 22.45 12.16
N TYR I 145 -36.88 21.23 11.91
CA TYR I 145 -36.10 20.95 10.72
C TYR I 145 -36.44 19.56 10.22
N ALA I 146 -36.77 19.46 8.92
CA ALA I 146 -37.04 18.16 8.33
C ALA I 146 -35.80 17.43 7.88
N ALA I 147 -34.69 18.14 7.69
CA ALA I 147 -33.44 17.52 7.28
C ALA I 147 -32.28 18.44 7.67
N ILE I 148 -31.10 17.87 7.71
CA ILE I 148 -29.87 18.59 8.05
C ILE I 148 -28.79 18.24 7.05
N VAL I 149 -28.07 19.25 6.58
CA VAL I 149 -27.01 19.07 5.59
C VAL I 149 -25.70 19.55 6.19
N GLY I 150 -24.68 18.71 6.12
CA GLY I 150 -23.36 19.09 6.58
C GLY I 150 -22.35 19.13 5.45
N ALA I 151 -21.68 20.27 5.27
CA ALA I 151 -20.76 20.48 4.17
C ALA I 151 -19.37 20.78 4.72
N ALA I 152 -18.36 20.07 4.22
CA ALA I 152 -16.99 20.30 4.63
C ALA I 152 -16.05 19.76 3.55
N PHE I 153 -14.81 20.25 3.58
CA PHE I 153 -13.77 19.84 2.64
C PHE I 153 -12.57 19.37 3.46
N VAL I 154 -12.44 18.06 3.61
CA VAL I 154 -11.39 17.46 4.42
C VAL I 154 -10.31 16.94 3.49
N ILE I 155 -9.11 17.52 3.59
CA ILE I 155 -8.02 17.20 2.67
C ILE I 155 -6.80 16.77 3.47
N ASP I 156 -5.87 16.13 2.76
CA ASP I 156 -4.59 15.72 3.33
C ASP I 156 -3.60 16.86 3.12
N GLY I 157 -3.15 17.48 4.22
CA GLY I 157 -2.24 18.61 4.12
C GLY I 157 -0.79 18.25 3.91
N GLY I 158 -0.45 16.96 3.93
CA GLY I 158 0.91 16.52 3.72
C GLY I 158 1.78 16.52 4.94
N ILE I 159 1.25 16.88 6.10
CA ILE I 159 1.99 16.88 7.36
C ILE I 159 1.41 15.88 8.35
N TYR I 160 0.11 15.95 8.60
CA TYR I 160 -0.56 15.06 9.53
C TYR I 160 -1.55 14.18 8.79
N ARG I 161 -1.80 12.99 9.36
CA ARG I 161 -2.79 12.09 8.80
C ARG I 161 -4.19 12.64 9.04
N HIS I 162 -5.05 12.50 8.03
CA HIS I 162 -6.37 13.10 8.06
C HIS I 162 -7.52 12.11 8.06
N ASP I 163 -7.24 10.81 7.93
CA ASP I 163 -8.33 9.84 7.79
C ASP I 163 -9.07 9.63 9.10
N PHE I 164 -8.40 9.81 10.24
CA PHE I 164 -9.06 9.61 11.53
C PHE I 164 -10.22 10.58 11.71
N VAL I 165 -9.98 11.87 11.41
CA VAL I 165 -11.01 12.88 11.60
C VAL I 165 -12.18 12.64 10.64
N ALA I 166 -11.89 12.30 9.39
CA ALA I 166 -12.96 12.05 8.43
C ALA I 166 -13.80 10.86 8.84
N THR I 167 -13.14 9.77 9.26
CA THR I 167 -13.88 8.60 9.72
C THR I 167 -14.75 8.95 10.93
N ALA I 168 -14.20 9.68 11.88
CA ALA I 168 -14.96 10.06 13.07
C ALA I 168 -16.17 10.91 12.69
N VAL I 169 -15.99 11.85 11.76
CA VAL I 169 -17.09 12.74 11.40
C VAL I 169 -18.20 11.97 10.69
N ILE I 170 -17.84 11.10 9.76
CA ILE I 170 -18.86 10.33 9.04
C ILE I 170 -19.61 9.42 10.00
N ASN I 171 -18.88 8.73 10.87
CA ASN I 171 -19.52 7.84 11.83
C ASN I 171 -20.41 8.62 12.79
N GLY I 172 -19.96 9.80 13.23
CA GLY I 172 -20.77 10.60 14.14
C GLY I 172 -22.03 11.11 13.49
N MET I 173 -21.96 11.53 12.23
CA MET I 173 -23.17 11.96 11.54
C MET I 173 -24.15 10.80 11.39
N MET I 174 -23.65 9.61 11.06
CA MET I 174 -24.52 8.45 10.99
C MET I 174 -25.17 8.15 12.34
N GLN I 175 -24.37 8.22 13.41
CA GLN I 175 -24.89 7.94 14.75
C GLN I 175 -25.97 8.95 15.15
N VAL I 176 -25.73 10.24 14.89
CA VAL I 176 -26.72 11.27 15.20
C VAL I 176 -28.00 11.04 14.40
N GLN I 177 -27.85 10.70 13.12
CA GLN I 177 -29.00 10.46 12.26
C GLN I 177 -29.84 9.30 12.79
N LEU I 178 -29.17 8.21 13.21
CA LEU I 178 -29.92 7.09 13.77
C LEU I 178 -30.51 7.42 15.13
N GLU I 179 -29.86 8.27 15.91
CA GLU I 179 -30.33 8.59 17.25
C GLU I 179 -31.58 9.47 17.21
N THR I 180 -31.55 10.52 16.40
CA THR I 180 -32.60 11.53 16.42
C THR I 180 -33.71 11.31 15.41
N GLU I 181 -33.59 10.29 14.55
CA GLU I 181 -34.59 10.00 13.52
C GLU I 181 -34.82 11.20 12.60
N VAL I 182 -33.76 11.96 12.31
CA VAL I 182 -33.81 13.09 11.41
C VAL I 182 -32.76 12.88 10.33
N PRO I 183 -33.12 12.93 9.05
CA PRO I 183 -32.13 12.66 7.99
C PRO I 183 -31.00 13.68 8.04
N VAL I 184 -29.79 13.19 7.80
CA VAL I 184 -28.59 14.01 7.72
C VAL I 184 -27.89 13.71 6.41
N LEU I 185 -27.83 14.70 5.52
CA LEU I 185 -27.15 14.54 4.25
C LEU I 185 -25.68 14.92 4.41
N SER I 186 -24.82 14.16 3.74
CA SER I 186 -23.38 14.32 3.86
C SER I 186 -22.83 14.97 2.60
N VAL I 187 -22.21 16.14 2.77
CA VAL I 187 -21.45 16.78 1.69
C VAL I 187 -20.03 16.97 2.20
N VAL I 188 -19.60 16.07 3.09
CA VAL I 188 -18.23 16.07 3.60
C VAL I 188 -17.41 15.19 2.66
N LEU I 189 -16.54 15.82 1.87
CA LEU I 189 -15.85 15.15 0.79
C LEU I 189 -14.35 15.17 1.03
N THR I 190 -13.70 14.05 0.72
CA THR I 190 -12.24 13.92 0.87
C THR I 190 -11.63 13.56 -0.47
N PRO I 191 -10.93 14.49 -1.13
CA PRO I 191 -10.33 14.16 -2.43
C PRO I 191 -9.12 13.26 -2.29
N HIS I 192 -8.83 12.54 -3.36
CA HIS I 192 -7.64 11.69 -3.39
C HIS I 192 -6.37 12.53 -3.30
N HIS I 193 -6.31 13.63 -4.05
CA HIS I 193 -5.14 14.49 -4.06
C HIS I 193 -5.59 15.94 -4.11
N PHE I 194 -4.98 16.78 -3.27
CA PHE I 194 -5.22 18.22 -3.31
C PHE I 194 -3.94 18.90 -2.84
N HIS I 195 -3.18 19.47 -3.77
CA HIS I 195 -1.90 20.08 -3.47
C HIS I 195 -1.95 21.60 -3.50
N GLU I 196 -3.13 22.18 -3.33
CA GLU I 196 -3.35 23.62 -3.24
C GLU I 196 -2.76 24.39 -4.42
N SER I 197 -2.52 23.71 -5.54
CA SER I 197 -2.08 24.37 -6.75
C SER I 197 -3.26 25.09 -7.42
N LYS I 198 -2.95 25.89 -8.42
CA LYS I 198 -4.00 26.62 -9.14
C LYS I 198 -4.93 25.67 -9.88
N GLU I 199 -4.36 24.62 -10.49
CA GLU I 199 -5.18 23.66 -11.22
C GLU I 199 -6.15 22.93 -10.31
N HIS I 200 -5.69 22.54 -9.11
CA HIS I 200 -6.56 21.81 -8.19
C HIS I 200 -7.68 22.69 -7.67
N HIS I 201 -7.41 23.97 -7.43
CA HIS I 201 -8.41 24.86 -6.86
C HIS I 201 -9.62 25.01 -7.78
N ASP I 202 -9.37 25.26 -9.07
CA ASP I 202 -10.45 25.52 -10.00
C ASP I 202 -11.34 24.29 -10.19
N PHE I 203 -10.74 23.10 -10.25
CA PHE I 203 -11.50 21.89 -10.49
C PHE I 203 -12.53 21.66 -9.39
N PHE I 204 -12.11 21.72 -8.13
CA PHE I 204 -13.04 21.49 -7.03
C PHE I 204 -13.98 22.66 -6.83
N HIS I 205 -13.50 23.88 -7.08
CA HIS I 205 -14.37 25.04 -7.08
C HIS I 205 -15.54 24.86 -8.04
N ALA I 206 -15.28 24.26 -9.20
CA ALA I 206 -16.35 23.99 -10.15
C ALA I 206 -17.20 22.79 -9.74
N HIS I 207 -16.57 21.75 -9.17
CA HIS I 207 -17.30 20.52 -8.89
C HIS I 207 -18.25 20.65 -7.70
N PHE I 208 -17.95 21.55 -6.77
CA PHE I 208 -18.81 21.67 -5.60
C PHE I 208 -20.21 22.19 -5.96
N LYS I 209 -20.36 22.91 -7.08
CA LYS I 209 -21.68 23.31 -7.52
C LYS I 209 -22.54 22.09 -7.87
N VAL I 210 -21.97 21.16 -8.63
CA VAL I 210 -22.66 19.93 -8.96
C VAL I 210 -22.99 19.15 -7.71
N LYS I 211 -22.04 19.11 -6.76
CA LYS I 211 -22.29 18.42 -5.50
C LYS I 211 -23.47 19.04 -4.75
N GLY I 212 -23.54 20.37 -4.72
CA GLY I 212 -24.65 21.03 -4.06
C GLY I 212 -25.99 20.75 -4.71
N VAL I 213 -26.02 20.76 -6.05
CA VAL I 213 -27.28 20.44 -6.74
C VAL I 213 -27.73 19.02 -6.43
N GLU I 214 -26.78 18.08 -6.46
CA GLU I 214 -27.11 16.69 -6.12
C GLU I 214 -27.64 16.60 -4.69
N ALA I 215 -27.02 17.31 -3.76
CA ALA I 215 -27.47 17.28 -2.37
C ALA I 215 -28.89 17.83 -2.24
N ALA I 216 -29.20 18.91 -2.96
CA ALA I 216 -30.55 19.46 -2.91
C ALA I 216 -31.58 18.45 -3.40
N HIS I 217 -31.29 17.82 -4.54
CA HIS I 217 -32.22 16.82 -5.05
C HIS I 217 -32.39 15.66 -4.07
N ALA I 218 -31.29 15.19 -3.49
CA ALA I 218 -31.36 14.09 -2.54
C ALA I 218 -32.19 14.46 -1.32
N ALA I 219 -32.00 15.68 -0.80
CA ALA I 219 -32.75 16.10 0.38
C ALA I 219 -34.25 16.15 0.09
N LEU I 220 -34.62 16.74 -1.06
CA LEU I 220 -36.04 16.79 -1.41
C LEU I 220 -36.62 15.39 -1.52
N GLN I 221 -35.91 14.49 -2.21
CA GLN I 221 -36.42 13.14 -2.42
C GLN I 221 -36.58 12.39 -1.10
N ILE I 222 -35.59 12.50 -0.20
CA ILE I 222 -35.65 11.75 1.04
C ILE I 222 -36.74 12.28 1.95
N VAL I 223 -36.93 13.60 1.98
CA VAL I 223 -38.01 14.14 2.80
C VAL I 223 -39.36 13.68 2.28
N SER I 224 -39.54 13.71 0.96
CA SER I 224 -40.80 13.25 0.38
C SER I 224 -41.03 11.77 0.68
N GLU I 225 -40.00 10.95 0.57
CA GLU I 225 -40.15 9.52 0.82
C GLU I 225 -40.51 9.23 2.27
N ARG I 226 -39.85 9.92 3.21
CA ARG I 226 -40.20 9.73 4.62
C ARG I 226 -41.62 10.16 4.90
N SER I 227 -42.05 11.29 4.32
CA SER I 227 -43.44 11.71 4.48
C SER I 227 -44.40 10.67 3.92
N ARG I 228 -44.06 10.05 2.80
CA ARG I 228 -44.94 9.07 2.19
C ARG I 228 -45.05 7.82 3.05
N ILE I 229 -43.92 7.26 3.48
CA ILE I 229 -43.96 6.04 4.28
C ILE I 229 -44.46 6.29 5.70
N ALA I 230 -44.51 7.54 6.14
CA ALA I 230 -45.11 7.80 7.45
C ALA I 230 -46.63 7.70 7.44
N ALA I 231 -47.22 7.32 6.30
CA ALA I 231 -48.66 7.17 6.15
C ALA I 231 -49.39 8.47 6.51
N MET J 1 -45.00 29.57 45.12
CA MET J 1 -45.83 30.77 45.21
C MET J 1 -45.00 31.97 45.64
N HIS J 2 -45.63 32.89 46.37
CA HIS J 2 -44.97 34.12 46.82
C HIS J 2 -44.37 33.88 48.20
N THR J 3 -43.08 33.58 48.25
CA THR J 3 -42.34 33.35 49.48
C THR J 3 -40.85 33.45 49.19
N PRO J 4 -40.08 34.18 50.01
CA PRO J 4 -38.65 34.33 49.74
C PRO J 4 -37.94 32.98 49.72
N ASP J 5 -37.01 32.84 48.77
CA ASP J 5 -36.31 31.58 48.59
C ASP J 5 -35.28 31.36 49.70
N CYS J 6 -35.12 30.09 50.08
CA CYS J 6 -34.14 29.70 51.08
C CYS J 6 -33.02 28.85 50.48
N VAL J 7 -33.36 27.75 49.80
CA VAL J 7 -32.39 26.88 49.17
C VAL J 7 -32.84 26.59 47.75
N THR J 8 -31.86 26.35 46.87
CA THR J 8 -32.13 26.03 45.48
C THR J 8 -31.02 25.13 44.96
N GLY J 9 -31.38 23.95 44.48
CA GLY J 9 -30.41 23.02 43.96
C GLY J 9 -30.99 21.63 43.85
N LYS J 10 -30.14 20.72 43.36
CA LYS J 10 -30.53 19.33 43.21
C LYS J 10 -30.74 18.66 44.57
N VAL J 11 -31.68 17.72 44.62
CA VAL J 11 -31.96 17.01 45.85
C VAL J 11 -30.85 15.99 46.10
N GLU J 12 -30.13 16.17 47.21
CA GLU J 12 -29.08 15.21 47.56
C GLU J 12 -29.69 13.87 47.96
N TYR J 13 -30.70 13.90 48.84
CA TYR J 13 -31.38 12.69 49.27
C TYR J 13 -32.75 13.05 49.82
N THR J 14 -33.62 12.05 49.86
CA THR J 14 -34.96 12.21 50.42
C THR J 14 -35.14 11.21 51.56
N LYS J 15 -35.41 11.74 52.76
CA LYS J 15 -35.46 10.93 53.96
C LYS J 15 -36.88 10.91 54.55
N TYR J 16 -37.26 9.76 55.08
CA TYR J 16 -38.54 9.59 55.77
C TYR J 16 -38.30 9.58 57.27
N ASN J 17 -39.07 10.38 58.00
CA ASN J 17 -38.92 10.52 59.44
C ASN J 17 -39.88 9.58 60.17
N ASP J 18 -39.80 9.61 61.50
CA ASP J 18 -40.67 8.75 62.30
C ASP J 18 -42.11 9.27 62.35
N ASP J 19 -42.29 10.58 62.18
CA ASP J 19 -43.62 11.19 62.25
C ASP J 19 -44.29 11.30 60.89
N ASP J 20 -43.97 10.39 59.96
CA ASP J 20 -44.57 10.37 58.62
C ASP J 20 -44.35 11.70 57.89
N THR J 21 -43.16 12.27 58.05
CA THR J 21 -42.78 13.49 57.38
C THR J 21 -41.60 13.23 56.46
N PHE J 22 -41.57 13.95 55.34
CA PHE J 22 -40.57 13.75 54.30
C PHE J 22 -39.46 14.78 54.45
N THR J 23 -38.27 14.33 54.81
CA THR J 23 -37.10 15.20 54.94
C THR J 23 -36.29 15.14 53.66
N VAL J 24 -36.09 16.31 53.04
CA VAL J 24 -35.37 16.43 51.78
C VAL J 24 -34.23 17.42 51.95
N LYS J 25 -33.04 17.04 51.48
CA LYS J 25 -31.86 17.88 51.58
C LYS J 25 -31.66 18.59 50.25
N VAL J 26 -31.89 19.90 50.23
CA VAL J 26 -31.70 20.74 49.06
C VAL J 26 -30.68 21.81 49.41
N GLY J 27 -29.62 21.92 48.61
CA GLY J 27 -28.57 22.88 48.91
C GLY J 27 -27.79 22.46 50.15
N ASP J 28 -27.43 23.44 50.97
CA ASP J 28 -26.68 23.21 52.19
C ASP J 28 -27.56 23.07 53.42
N LYS J 29 -28.88 23.09 53.26
CA LYS J 29 -29.82 23.01 54.37
C LYS J 29 -30.76 21.83 54.18
N GLU J 30 -31.10 21.17 55.28
CA GLU J 30 -32.01 20.03 55.27
C GLU J 30 -33.35 20.57 55.74
N LEU J 31 -34.42 20.19 55.02
CA LEU J 31 -35.77 20.61 55.37
C LEU J 31 -36.72 19.42 55.23
N PHE J 32 -37.82 19.48 55.96
CA PHE J 32 -38.81 18.40 55.98
C PHE J 32 -40.20 18.96 55.69
N THR J 33 -41.02 18.12 55.07
CA THR J 33 -42.39 18.48 54.71
C THR J 33 -43.34 17.39 55.18
N ASN J 34 -44.60 17.78 55.39
CA ASN J 34 -45.62 16.88 55.91
C ASN J 34 -46.69 16.52 54.88
N ARG J 35 -46.44 16.80 53.60
CA ARG J 35 -47.40 16.48 52.54
C ARG J 35 -47.07 15.12 51.95
N TRP J 36 -48.04 14.21 51.98
CA TRP J 36 -47.80 12.85 51.49
C TRP J 36 -47.52 12.84 49.99
N ASN J 37 -48.27 13.64 49.23
CA ASN J 37 -48.01 13.72 47.78
C ASN J 37 -46.65 14.35 47.50
N LEU J 38 -46.21 15.28 48.34
CA LEU J 38 -44.89 15.87 48.18
C LEU J 38 -43.80 14.82 48.35
N GLN J 39 -44.05 13.80 49.16
CA GLN J 39 -43.07 12.72 49.28
C GLN J 39 -42.84 12.03 47.94
N SER J 40 -43.93 11.63 47.28
CA SER J 40 -43.81 10.99 45.97
C SER J 40 -43.21 11.95 44.94
N LEU J 41 -43.59 13.23 45.01
CA LEU J 41 -43.06 14.20 44.06
C LEU J 41 -41.55 14.35 44.20
N LEU J 42 -41.07 14.48 45.45
CA LEU J 42 -39.64 14.62 45.69
C LEU J 42 -38.89 13.34 45.33
N LEU J 43 -39.49 12.18 45.63
CA LEU J 43 -38.85 10.92 45.25
C LEU J 43 -38.70 10.80 43.75
N SER J 44 -39.74 11.16 43.00
CA SER J 44 -39.65 11.11 41.54
C SER J 44 -38.66 12.12 41.01
N ALA J 45 -38.62 13.32 41.60
CA ALA J 45 -37.66 14.33 41.16
C ALA J 45 -36.22 13.86 41.39
N GLN J 46 -35.96 13.26 42.54
CA GLN J 46 -34.63 12.72 42.82
C GLN J 46 -34.30 11.57 41.87
N ILE J 47 -35.28 10.71 41.59
CA ILE J 47 -35.06 9.57 40.69
C ILE J 47 -34.73 10.06 39.29
N THR J 48 -35.49 11.04 38.79
CA THR J 48 -35.32 11.54 37.45
C THR J 48 -34.31 12.69 37.37
N GLY J 49 -33.70 13.07 38.48
CA GLY J 49 -32.73 14.15 38.49
C GLY J 49 -33.34 15.50 38.15
N MET J 50 -34.52 15.78 38.69
CA MET J 50 -35.21 17.04 38.48
C MET J 50 -35.03 17.90 39.72
N THR J 51 -34.50 19.10 39.54
CA THR J 51 -34.25 19.99 40.68
C THR J 51 -35.56 20.59 41.18
N VAL J 52 -35.57 20.93 42.46
CA VAL J 52 -36.69 21.61 43.09
C VAL J 52 -36.16 22.81 43.87
N THR J 53 -37.03 23.81 44.07
CA THR J 53 -36.69 25.00 44.84
C THR J 53 -37.65 25.08 46.02
N ILE J 54 -37.08 25.09 47.23
CA ILE J 54 -37.86 25.14 48.46
C ILE J 54 -37.67 26.52 49.07
N LYS J 55 -38.78 27.24 49.25
CA LYS J 55 -38.75 28.58 49.83
C LYS J 55 -39.51 28.56 51.15
N THR J 56 -38.88 29.06 52.20
CA THR J 56 -39.50 29.11 53.52
C THR J 56 -38.78 30.16 54.36
N ASN J 57 -39.48 30.62 55.40
CA ASN J 57 -38.90 31.59 56.31
C ASN J 57 -37.90 30.96 57.28
N ALA J 58 -37.97 29.65 57.47
CA ALA J 58 -37.06 28.95 58.37
C ALA J 58 -35.93 28.35 57.54
N CYS J 59 -34.95 29.20 57.21
CA CYS J 59 -33.79 28.79 56.42
C CYS J 59 -32.73 28.19 57.33
N HIS J 60 -33.02 26.98 57.80
CA HIS J 60 -32.10 26.26 58.69
C HIS J 60 -32.35 24.76 58.55
N ASN J 61 -31.39 23.98 59.03
CA ASN J 61 -31.51 22.53 58.98
C ASN J 61 -32.67 22.06 59.85
N GLY J 62 -33.45 21.12 59.30
CA GLY J 62 -34.60 20.58 60.00
C GLY J 62 -35.85 21.43 59.96
N GLY J 63 -35.83 22.55 59.23
CA GLY J 63 -37.01 23.40 59.17
C GLY J 63 -38.12 22.80 58.32
N GLY J 64 -39.31 23.32 58.54
CA GLY J 64 -40.50 22.86 57.83
C GLY J 64 -40.86 23.75 56.67
N PHE J 65 -41.52 23.15 55.67
CA PHE J 65 -41.94 23.89 54.49
C PHE J 65 -43.16 23.20 53.88
N SER J 66 -43.91 23.95 53.09
CA SER J 66 -45.07 23.43 52.40
C SER J 66 -45.17 23.84 50.93
N GLU J 67 -44.38 24.81 50.49
CA GLU J 67 -44.41 25.30 49.11
C GLU J 67 -43.10 24.94 48.44
N VAL J 68 -43.20 24.25 47.30
CA VAL J 68 -42.02 23.80 46.54
C VAL J 68 -42.15 24.31 45.12
N ILE J 69 -41.09 24.91 44.61
CA ILE J 69 -41.00 25.34 43.20
C ILE J 69 -40.29 24.23 42.43
N PHE J 70 -40.98 23.68 41.42
CA PHE J 70 -40.42 22.64 40.58
C PHE J 70 -39.91 23.17 39.26
N ARG J 71 -39.82 24.49 39.11
CA ARG J 71 -39.33 25.09 37.88
C ARG J 71 -37.85 24.77 37.69
N GLY J 72 -37.41 24.80 36.43
CA GLY J 72 -36.04 24.50 36.09
C GLY J 72 -35.03 25.41 36.75
N SER J 73 -34.04 24.82 37.44
CA SER J 73 -33.02 25.58 38.12
C SER J 73 -31.61 25.05 37.87
N GLY J 74 -31.45 24.05 37.02
CA GLY J 74 -30.14 23.49 36.73
C GLY J 74 -30.14 21.98 36.67
N SER J 75 -31.04 21.35 37.43
CA SER J 75 -31.19 19.90 37.48
C SER J 75 -29.91 19.19 37.91
N GLY J 76 -29.10 19.84 38.73
CA GLY J 76 -27.86 19.25 39.19
C GLY J 76 -26.63 20.05 38.79
N SER J 77 -25.79 19.47 37.94
CA SER J 77 -24.59 20.14 37.49
C SER J 77 -24.94 21.35 36.62
N GLY J 78 -24.13 22.40 36.76
CA GLY J 78 -24.32 23.60 35.95
C GLY J 78 -23.55 24.79 36.48
N SER J 79 -22.94 25.55 35.57
CA SER J 79 -22.17 26.73 35.94
C SER J 79 -22.04 27.63 34.73
N GLY J 80 -21.72 28.90 34.99
CA GLY J 80 -21.54 29.86 33.92
C GLY J 80 -22.15 31.21 34.22
N SER J 81 -21.37 32.27 34.05
CA SER J 81 -21.83 33.64 34.26
C SER J 81 -21.74 34.41 32.95
N LEU J 82 -22.76 35.25 32.71
CA LEU J 82 -22.85 36.05 31.49
C LEU J 82 -22.75 35.17 30.25
N LYS J 83 -22.04 35.64 29.23
CA LYS J 83 -21.81 34.87 28.01
C LYS J 83 -20.36 34.84 27.56
N THR J 84 -19.54 35.83 27.93
CA THR J 84 -18.13 35.86 27.57
C THR J 84 -17.21 35.50 28.72
N SER J 85 -17.77 35.06 29.85
CA SER J 85 -16.98 34.67 31.02
C SER J 85 -17.29 33.21 31.33
N PHE J 86 -16.43 32.32 30.85
CA PHE J 86 -16.60 30.88 31.06
C PHE J 86 -15.22 30.29 31.33
N LYS J 87 -15.16 28.95 31.39
CA LYS J 87 -13.94 28.24 31.70
C LYS J 87 -13.70 27.14 30.68
N ILE J 88 -12.44 26.83 30.43
CA ILE J 88 -12.04 25.81 29.48
C ILE J 88 -11.06 24.88 30.16
N ALA J 89 -11.22 23.58 29.95
CA ALA J 89 -10.35 22.56 30.51
C ALA J 89 -9.39 22.06 29.44
N PHE J 90 -8.09 22.13 29.74
CA PHE J 90 -7.04 21.72 28.81
C PHE J 90 -6.40 20.45 29.34
N ILE J 91 -6.47 19.38 28.55
CA ILE J 91 -5.92 18.08 28.92
C ILE J 91 -4.75 17.78 27.99
N GLN J 92 -3.58 17.54 28.56
CA GLN J 92 -2.36 17.33 27.79
C GLN J 92 -1.70 16.03 28.21
N ALA J 93 -1.32 15.22 27.23
CA ALA J 93 -0.54 14.02 27.49
C ALA J 93 0.90 14.40 27.82
N ARG J 94 1.61 13.48 28.46
CA ARG J 94 2.98 13.74 28.90
C ARG J 94 4.02 13.03 28.04
N TRP J 95 3.62 12.44 26.92
CA TRP J 95 4.56 11.92 25.94
C TRP J 95 4.95 13.03 24.98
N HIS J 96 6.25 13.22 24.79
CA HIS J 96 6.78 14.34 24.01
C HIS J 96 6.27 15.67 24.56
N ALA J 97 6.47 15.86 25.87
CA ALA J 97 5.89 17.02 26.54
C ALA J 97 6.46 18.34 26.00
N ASP J 98 7.71 18.34 25.54
CA ASP J 98 8.32 19.58 25.06
C ASP J 98 7.63 20.11 23.81
N ILE J 99 6.93 19.28 23.07
CA ILE J 99 6.19 19.73 21.89
C ILE J 99 4.77 20.15 22.27
N VAL J 100 4.11 19.39 23.14
CA VAL J 100 2.75 19.71 23.56
C VAL J 100 2.72 21.02 24.35
N ASP J 101 3.78 21.28 25.13
CA ASP J 101 3.82 22.52 25.91
C ASP J 101 3.78 23.75 25.01
N GLU J 102 4.34 23.66 23.81
CA GLU J 102 4.28 24.78 22.88
C GLU J 102 2.83 25.11 22.53
N ALA J 103 2.05 24.08 22.20
CA ALA J 103 0.64 24.29 21.90
C ALA J 103 -0.11 24.84 23.10
N ARG J 104 0.20 24.32 24.29
CA ARG J 104 -0.50 24.81 25.48
C ARG J 104 -0.22 26.28 25.73
N LYS J 105 1.07 26.67 25.65
CA LYS J 105 1.43 28.06 25.86
C LYS J 105 0.81 28.97 24.82
N SER J 106 0.82 28.55 23.54
CA SER J 106 0.21 29.34 22.49
C SER J 106 -1.28 29.51 22.73
N PHE J 107 -1.96 28.43 23.12
CA PHE J 107 -3.39 28.48 23.40
C PHE J 107 -3.69 29.47 24.52
N VAL J 108 -2.96 29.36 25.62
CA VAL J 108 -3.22 30.23 26.77
C VAL J 108 -2.94 31.69 26.42
N ALA J 109 -1.83 31.95 25.73
CA ALA J 109 -1.48 33.32 25.38
C ALA J 109 -2.51 33.93 24.44
N GLU J 110 -2.95 33.17 23.43
CA GLU J 110 -3.95 33.69 22.50
C GLU J 110 -5.28 33.97 23.20
N LEU J 111 -5.70 33.06 24.09
CA LEU J 111 -6.94 33.29 24.82
C LEU J 111 -6.84 34.54 25.69
N ALA J 112 -5.70 34.71 26.37
CA ALA J 112 -5.52 35.90 27.19
C ALA J 112 -5.53 37.18 26.35
N ALA J 113 -4.89 37.14 25.19
CA ALA J 113 -4.87 38.32 24.33
C ALA J 113 -6.26 38.65 23.80
N LYS J 114 -7.03 37.64 23.41
CA LYS J 114 -8.34 37.89 22.82
C LYS J 114 -9.37 38.30 23.86
N THR J 115 -9.59 37.45 24.87
CA THR J 115 -10.65 37.70 25.83
C THR J 115 -10.27 38.71 26.89
N GLY J 116 -8.97 39.00 27.05
CA GLY J 116 -8.56 39.95 28.06
C GLY J 116 -8.66 39.45 29.48
N GLY J 117 -8.69 38.14 29.68
CA GLY J 117 -8.78 37.57 31.01
C GLY J 117 -10.16 37.11 31.43
N SER J 118 -11.16 37.24 30.56
CA SER J 118 -12.51 36.82 30.93
C SER J 118 -12.65 35.31 30.90
N VAL J 119 -11.86 34.63 30.08
CA VAL J 119 -11.91 33.17 29.95
C VAL J 119 -10.75 32.58 30.74
N GLU J 120 -11.05 31.58 31.57
CA GLU J 120 -10.06 30.93 32.41
C GLU J 120 -9.77 29.54 31.85
N VAL J 121 -8.49 29.17 31.87
CA VAL J 121 -8.03 27.88 31.35
C VAL J 121 -7.43 27.09 32.51
N GLU J 122 -7.86 25.84 32.64
CA GLU J 122 -7.35 24.93 33.65
C GLU J 122 -6.64 23.76 32.96
N ILE J 123 -5.49 23.38 33.50
CA ILE J 123 -4.61 22.40 32.85
C ILE J 123 -4.64 21.11 33.66
N PHE J 124 -4.84 19.99 32.97
CA PHE J 124 -4.85 18.66 33.56
C PHE J 124 -3.87 17.76 32.83
N ASP J 125 -3.14 16.95 33.59
CA ASP J 125 -2.10 16.08 33.04
C ASP J 125 -2.57 14.64 33.03
N VAL J 126 -2.29 13.94 31.94
CA VAL J 126 -2.59 12.51 31.83
C VAL J 126 -1.35 11.79 31.31
N PRO J 127 -1.17 10.50 31.60
CA PRO J 127 0.04 9.80 31.12
C PRO J 127 0.15 9.76 29.62
N GLY J 128 -0.91 9.37 28.92
CA GLY J 128 -0.86 9.21 27.49
C GLY J 128 -2.17 9.60 26.85
N ALA J 129 -2.21 9.51 25.51
CA ALA J 129 -3.42 9.89 24.77
C ALA J 129 -4.57 8.95 25.06
N TYR J 130 -4.29 7.69 25.39
CA TYR J 130 -5.34 6.73 25.68
C TYR J 130 -6.16 7.10 26.91
N GLU J 131 -5.63 7.97 27.77
CA GLU J 131 -6.30 8.36 29.00
C GLU J 131 -7.14 9.61 28.85
N ILE J 132 -7.21 10.19 27.65
CA ILE J 132 -7.86 11.47 27.44
C ILE J 132 -9.38 11.36 27.43
N PRO J 133 -10.00 10.41 26.69
CA PRO J 133 -11.47 10.39 26.65
C PRO J 133 -12.14 10.23 28.01
N LEU J 134 -11.60 9.38 28.88
CA LEU J 134 -12.24 9.18 30.18
C LEU J 134 -12.09 10.42 31.05
N HIS J 135 -10.93 11.07 31.01
CA HIS J 135 -10.75 12.31 31.76
C HIS J 135 -11.68 13.39 31.26
N ALA J 136 -11.84 13.50 29.94
CA ALA J 136 -12.75 14.48 29.37
C ALA J 136 -14.19 14.21 29.80
N LYS J 137 -14.60 12.94 29.77
CA LYS J 137 -15.96 12.60 30.20
C LYS J 137 -16.15 12.93 31.67
N THR J 138 -15.17 12.62 32.52
CA THR J 138 -15.29 12.91 33.94
C THR J 138 -15.39 14.41 34.18
N LEU J 139 -14.61 15.20 33.45
CA LEU J 139 -14.66 16.66 33.64
C LEU J 139 -15.95 17.25 33.09
N ALA J 140 -16.53 16.64 32.05
CA ALA J 140 -17.70 17.22 31.40
C ALA J 140 -18.94 17.12 32.28
N ARG J 141 -19.10 16.00 33.00
CA ARG J 141 -20.32 15.79 33.77
C ARG J 141 -20.44 16.71 34.97
N THR J 142 -19.38 17.43 35.33
CA THR J 142 -19.42 18.34 36.47
C THR J 142 -19.90 19.73 36.09
N GLY J 143 -20.30 19.94 34.84
CA GLY J 143 -20.53 21.30 34.38
C GLY J 143 -19.21 22.06 34.40
N ARG J 144 -19.28 23.34 34.76
CA ARG J 144 -18.11 24.10 35.15
C ARG J 144 -17.19 24.42 33.98
N TYR J 145 -17.49 23.88 32.80
CA TYR J 145 -16.62 24.05 31.64
C TYR J 145 -17.48 24.18 30.39
N ALA J 146 -17.23 25.22 29.61
CA ALA J 146 -17.95 25.40 28.36
C ALA J 146 -17.32 24.63 27.20
N ALA J 147 -16.07 24.20 27.34
CA ALA J 147 -15.41 23.43 26.30
C ALA J 147 -14.26 22.66 26.93
N ILE J 148 -13.79 21.65 26.19
CA ILE J 148 -12.69 20.80 26.63
C ILE J 148 -11.74 20.62 25.45
N VAL J 149 -10.44 20.75 25.72
CA VAL J 149 -9.40 20.64 24.69
C VAL J 149 -8.47 19.51 25.07
N GLY J 150 -8.23 18.61 24.13
CA GLY J 150 -7.28 17.53 24.34
C GLY J 150 -6.09 17.61 23.42
N ALA J 151 -4.89 17.63 23.97
CA ALA J 151 -3.66 17.79 23.20
C ALA J 151 -2.76 16.58 23.39
N ALA J 152 -2.30 16.00 22.29
CA ALA J 152 -1.39 14.86 22.35
C ALA J 152 -0.63 14.77 21.04
N PHE J 153 0.49 14.06 21.09
CA PHE J 153 1.36 13.85 19.92
C PHE J 153 1.55 12.34 19.77
N VAL J 154 0.79 11.73 18.87
CA VAL J 154 0.82 10.30 18.64
C VAL J 154 1.63 10.02 17.38
N ILE J 155 2.76 9.34 17.54
CA ILE J 155 3.71 9.10 16.46
C ILE J 155 3.93 7.61 16.31
N ASP J 156 4.51 7.24 15.17
CA ASP J 156 4.89 5.86 14.89
C ASP J 156 6.34 5.66 15.34
N GLY J 157 6.54 4.83 16.36
CA GLY J 157 7.87 4.61 16.89
C GLY J 157 8.73 3.65 16.10
N GLY J 158 8.18 3.02 15.07
CA GLY J 158 8.93 2.10 14.26
C GLY J 158 9.00 0.68 14.79
N ILE J 159 8.37 0.40 15.92
CA ILE J 159 8.36 -0.94 16.50
C ILE J 159 6.95 -1.52 16.53
N TYR J 160 5.99 -0.76 17.07
CA TYR J 160 4.62 -1.20 17.18
C TYR J 160 3.71 -0.31 16.32
N ARG J 161 2.62 -0.90 15.85
CA ARG J 161 1.63 -0.14 15.10
C ARG J 161 0.90 0.83 16.03
N HIS J 162 0.66 2.04 15.54
CA HIS J 162 0.11 3.11 16.35
C HIS J 162 -1.28 3.57 15.93
N ASP J 163 -1.81 3.07 14.81
CA ASP J 163 -3.07 3.60 14.31
C ASP J 163 -4.26 3.17 15.16
N PHE J 164 -4.16 2.01 15.82
CA PHE J 164 -5.26 1.55 16.65
C PHE J 164 -5.56 2.53 17.79
N VAL J 165 -4.50 2.97 18.48
CA VAL J 165 -4.69 3.86 19.62
C VAL J 165 -5.23 5.22 19.15
N ALA J 166 -4.71 5.74 18.04
CA ALA J 166 -5.19 7.03 17.54
C ALA J 166 -6.65 6.95 17.14
N THR J 167 -7.03 5.88 16.43
CA THR J 167 -8.43 5.71 16.04
C THR J 167 -9.32 5.61 17.28
N ALA J 168 -8.91 4.83 18.27
CA ALA J 168 -9.70 4.69 19.49
C ALA J 168 -9.86 6.02 20.20
N VAL J 169 -8.78 6.81 20.28
CA VAL J 169 -8.84 8.08 21.00
C VAL J 169 -9.77 9.05 20.28
N ILE J 170 -9.65 9.17 18.96
CA ILE J 170 -10.51 10.09 18.23
C ILE J 170 -11.97 9.68 18.34
N ASN J 171 -12.24 8.38 18.18
CA ASN J 171 -13.62 7.90 18.29
C ASN J 171 -14.18 8.12 19.69
N GLY J 172 -13.37 7.88 20.71
CA GLY J 172 -13.82 8.07 22.08
C GLY J 172 -14.10 9.52 22.40
N MET J 173 -13.25 10.43 21.89
CA MET J 173 -13.50 11.85 22.10
C MET J 173 -14.81 12.28 21.43
N MET J 174 -15.05 11.78 20.21
CA MET J 174 -16.33 12.09 19.55
C MET J 174 -17.50 11.52 20.32
N GLN J 175 -17.36 10.30 20.85
CA GLN J 175 -18.44 9.68 21.61
C GLN J 175 -18.74 10.47 22.88
N VAL J 176 -17.70 10.91 23.59
CA VAL J 176 -17.90 11.71 24.79
C VAL J 176 -18.57 13.04 24.43
N GLN J 177 -18.13 13.65 23.33
CA GLN J 177 -18.74 14.89 22.86
C GLN J 177 -20.23 14.72 22.65
N LEU J 178 -20.62 13.65 21.96
CA LEU J 178 -22.04 13.42 21.69
C LEU J 178 -22.80 13.04 22.95
N GLU J 179 -22.14 12.35 23.89
CA GLU J 179 -22.83 11.89 25.10
C GLU J 179 -23.13 13.05 26.04
N THR J 180 -22.14 13.92 26.29
CA THR J 180 -22.26 14.93 27.34
C THR J 180 -22.72 16.28 26.82
N GLU J 181 -22.89 16.45 25.52
CA GLU J 181 -23.32 17.71 24.92
C GLU J 181 -22.38 18.86 25.29
N VAL J 182 -21.09 18.55 25.39
CA VAL J 182 -20.07 19.56 25.67
C VAL J 182 -19.02 19.48 24.57
N PRO J 183 -18.70 20.59 23.92
CA PRO J 183 -17.74 20.54 22.81
C PRO J 183 -16.37 20.06 23.27
N VAL J 184 -15.74 19.24 22.44
CA VAL J 184 -14.39 18.74 22.70
C VAL J 184 -13.55 19.04 21.48
N LEU J 185 -12.54 19.90 21.65
CA LEU J 185 -11.64 20.24 20.57
C LEU J 185 -10.47 19.25 20.55
N SER J 186 -10.04 18.89 19.34
CA SER J 186 -9.02 17.87 19.16
C SER J 186 -7.72 18.52 18.71
N VAL J 187 -6.67 18.36 19.49
CA VAL J 187 -5.32 18.74 19.11
C VAL J 187 -4.46 17.50 19.18
N VAL J 188 -5.07 16.34 18.96
CA VAL J 188 -4.35 15.07 18.91
C VAL J 188 -3.93 14.86 17.46
N LEU J 189 -2.63 14.99 17.20
CA LEU J 189 -2.10 15.02 15.84
C LEU J 189 -1.16 13.85 15.61
N THR J 190 -1.26 13.25 14.43
CA THR J 190 -0.41 12.13 14.04
C THR J 190 0.36 12.47 12.78
N PRO J 191 1.66 12.74 12.88
CA PRO J 191 2.43 13.10 11.68
C PRO J 191 2.65 11.89 10.78
N HIS J 192 2.88 12.18 9.50
CA HIS J 192 3.19 11.12 8.54
C HIS J 192 4.53 10.45 8.88
N HIS J 193 5.54 11.25 9.21
CA HIS J 193 6.86 10.74 9.53
C HIS J 193 7.45 11.53 10.70
N PHE J 194 8.00 10.81 11.67
CA PHE J 194 8.72 11.45 12.77
C PHE J 194 9.80 10.47 13.23
N HIS J 195 11.05 10.76 12.87
CA HIS J 195 12.17 9.88 13.17
C HIS J 195 13.06 10.42 14.28
N GLU J 196 12.51 11.31 15.13
CA GLU J 196 13.19 11.85 16.31
C GLU J 196 14.55 12.47 15.98
N SER J 197 14.78 12.82 14.71
CA SER J 197 15.98 13.54 14.34
C SER J 197 15.88 14.99 14.77
N LYS J 198 17.00 15.71 14.64
CA LYS J 198 17.03 17.12 15.02
C LYS J 198 16.13 17.94 14.10
N GLU J 199 16.13 17.63 12.80
CA GLU J 199 15.31 18.38 11.85
C GLU J 199 13.82 18.19 12.15
N HIS J 200 13.41 16.97 12.48
CA HIS J 200 12.00 16.72 12.75
C HIS J 200 11.53 17.42 14.01
N HIS J 201 12.39 17.49 15.03
CA HIS J 201 12.00 18.07 16.31
C HIS J 201 11.65 19.54 16.17
N ASP J 202 12.51 20.30 15.48
CA ASP J 202 12.31 21.74 15.38
C ASP J 202 11.05 22.08 14.59
N PHE J 203 10.78 21.33 13.53
CA PHE J 203 9.63 21.63 12.68
C PHE J 203 8.32 21.54 13.46
N PHE J 204 8.13 20.43 14.17
CA PHE J 204 6.88 20.27 14.92
C PHE J 204 6.86 21.15 16.17
N HIS J 205 8.03 21.37 16.77
CA HIS J 205 8.12 22.32 17.87
C HIS J 205 7.61 23.69 17.45
N ALA J 206 7.91 24.10 16.21
CA ALA J 206 7.42 25.37 15.71
C ALA J 206 5.96 25.30 15.29
N HIS J 207 5.52 24.18 14.73
CA HIS J 207 4.17 24.09 14.18
C HIS J 207 3.11 24.00 15.27
N PHE J 208 3.45 23.46 16.44
CA PHE J 208 2.45 23.32 17.48
C PHE J 208 1.96 24.66 18.01
N LYS J 209 2.76 25.73 17.88
CA LYS J 209 2.27 27.05 18.25
C LYS J 209 1.10 27.48 17.36
N VAL J 210 1.26 27.30 16.05
CA VAL J 210 0.18 27.61 15.12
C VAL J 210 -1.03 26.74 15.41
N LYS J 211 -0.80 25.47 15.72
CA LYS J 211 -1.91 24.59 16.06
C LYS J 211 -2.66 25.09 17.30
N GLY J 212 -1.92 25.54 18.32
CA GLY J 212 -2.57 26.05 19.51
C GLY J 212 -3.37 27.32 19.25
N VAL J 213 -2.84 28.23 18.43
CA VAL J 213 -3.58 29.44 18.11
C VAL J 213 -4.87 29.09 17.36
N GLU J 214 -4.78 28.17 16.40
CA GLU J 214 -5.97 27.74 15.68
C GLU J 214 -7.00 27.12 16.63
N ALA J 215 -6.54 26.30 17.58
CA ALA J 215 -7.44 25.69 18.53
C ALA J 215 -8.13 26.74 19.39
N ALA J 216 -7.40 27.76 19.81
CA ALA J 216 -8.01 28.82 20.62
C ALA J 216 -9.12 29.53 19.85
N HIS J 217 -8.82 29.90 18.59
CA HIS J 217 -9.84 30.56 17.78
C HIS J 217 -11.07 29.67 17.59
N ALA J 218 -10.83 28.38 17.30
CA ALA J 218 -11.94 27.46 17.09
C ALA J 218 -12.80 27.33 18.35
N ALA J 219 -12.16 27.23 19.52
CA ALA J 219 -12.91 27.10 20.77
C ALA J 219 -13.78 28.32 21.02
N LEU J 220 -13.20 29.51 20.85
CA LEU J 220 -13.99 30.73 21.05
C LEU J 220 -15.18 30.76 20.10
N GLN J 221 -14.94 30.47 18.82
CA GLN J 221 -16.02 30.55 17.84
C GLN J 221 -17.12 29.54 18.13
N ILE J 222 -16.75 28.31 18.50
CA ILE J 222 -17.77 27.28 18.72
C ILE J 222 -18.57 27.58 19.97
N VAL J 223 -17.93 28.09 21.02
CA VAL J 223 -18.69 28.46 22.22
C VAL J 223 -19.67 29.57 21.91
N SER J 224 -19.21 30.59 21.16
CA SER J 224 -20.11 31.68 20.80
C SER J 224 -21.28 31.18 19.96
N GLU J 225 -21.02 30.29 19.00
CA GLU J 225 -22.08 29.79 18.14
C GLU J 225 -23.10 28.98 18.93
N ARG J 226 -22.64 28.12 19.84
CA ARG J 226 -23.58 27.36 20.66
C ARG J 226 -24.42 28.28 21.53
N SER J 227 -23.79 29.30 22.12
CA SER J 227 -24.56 30.27 22.91
C SER J 227 -25.60 30.97 22.05
N ARG J 228 -25.27 31.29 20.80
CA ARG J 228 -26.21 31.99 19.94
C ARG J 228 -27.38 31.10 19.58
N ILE J 229 -27.12 29.86 19.14
CA ILE J 229 -28.23 28.99 18.73
C ILE J 229 -29.01 28.49 19.93
N ALA J 230 -28.48 28.61 21.14
CA ALA J 230 -29.28 28.24 22.30
C ALA J 230 -30.35 29.27 22.64
N ALA J 231 -30.51 30.29 21.81
CA ALA J 231 -31.52 31.34 22.00
C ALA J 231 -31.37 32.00 23.37
#